data_5TSH
#
_entry.id   5TSH
#
_cell.length_a   74.320
_cell.length_b   99.960
_cell.length_c   109.790
_cell.angle_alpha   112.99
_cell.angle_beta   106.60
_cell.angle_gamma   88.91
#
_symmetry.space_group_name_H-M   'P 1'
#
loop_
_entity.id
_entity.type
_entity.pdbx_description
1 polymer 'Type IV pilus biogenesis ATPase PilB'
2 non-polymer 'ZINC ION'
3 non-polymer 'PHOSPHOAMINOPHOSPHONIC ACID-ADENYLATE ESTER'
4 non-polymer 'MAGNESIUM ION'
5 non-polymer "ADENOSINE-5'-DIPHOSPHATE"
6 water water
#
_entity_poly.entity_id   1
_entity_poly.type   'polypeptide(L)'
_entity_poly.pdbx_seq_one_letter_code
;MGSSHHHHHHSSGLVPRGSHMQASRLGELLVRNNVITKEQLAKALEEQKSADGQQRLGSILIKNGLISEPDLTSFLSKQY
GVPSINLSEFEAEQAVVKIIPADVAQKYQIVPVNRAGSTLIIAMADPSNIFAIDDIKFMTGYNVEVVVASESAIKAAIDK
YYDQSASLADVMGDLEMDDLEVIDTDDEVDVSSLERATEDAPVVKLVNLILTDAIKRKASDIHIEPYERSFRVRYRIDGV
LYEVMKPPLKLKNAITSRIKIMAELDIAERRLPQDGRIKIKLGGGQDMDYRVSVLPTLFGEKVVLRLLDKSNLQLDMTKL
GYEPDALHYFKEAIHKPFGMVLVTGPTGSGKTVSLYSALGELNKTTENISTAEDPVEFNFAGINQVQMHEDIGLNFAAAL
RSFLRQDPDIIMIGEIRDFETAEIAIKAALTGHLVLSTLHTNDAPATINRLLNMGVEPFLVASAVNLITAQRLARRVCSE
CKQPEEIPIQALIDAGVSPDEGPSYVCYKGTGCVKCNNTGYKGRVGFYQVMPMLEEIRELILNGANTAEIKRESMRLGIK
TMRQSGLTKLKEGVTSFEEVLRVTVADD
;
_entity_poly.pdbx_strand_id   A,B,C,D,E,F
#
# COMPACT_ATOMS: atom_id res chain seq x y z
N PRO A 202 47.79 29.23 -27.54
CA PRO A 202 47.65 29.80 -26.20
C PRO A 202 46.66 29.02 -25.35
N VAL A 203 45.39 28.98 -25.78
CA VAL A 203 44.39 28.19 -25.08
C VAL A 203 44.61 26.71 -25.35
N VAL A 204 45.02 26.36 -26.57
CA VAL A 204 45.30 24.97 -26.90
C VAL A 204 46.43 24.43 -26.05
N LYS A 205 47.49 25.22 -25.87
CA LYS A 205 48.63 24.77 -25.08
C LYS A 205 48.25 24.58 -23.61
N LEU A 206 47.44 25.49 -23.07
CA LEU A 206 47.07 25.39 -21.66
C LEU A 206 46.29 24.11 -21.37
N VAL A 207 45.39 23.73 -22.27
CA VAL A 207 44.60 22.52 -22.07
C VAL A 207 45.52 21.29 -22.07
N ASN A 208 46.51 21.28 -22.97
CA ASN A 208 47.42 20.14 -23.04
C ASN A 208 48.25 20.03 -21.76
N LEU A 209 48.66 21.15 -21.19
CA LEU A 209 49.44 21.12 -19.96
C LEU A 209 48.63 20.51 -18.81
N ILE A 210 47.34 20.85 -18.74
CA ILE A 210 46.48 20.31 -17.67
C ILE A 210 46.46 18.79 -17.73
N LEU A 211 46.28 18.24 -18.93
CA LEU A 211 46.20 16.79 -19.07
C LEU A 211 47.59 16.18 -18.95
N THR A 212 48.62 16.88 -19.44
CA THR A 212 49.99 16.42 -19.25
C THR A 212 50.40 16.49 -17.79
N ASP A 213 50.03 17.58 -17.10
CA ASP A 213 50.35 17.68 -15.68
C ASP A 213 49.67 16.58 -14.87
N ALA A 214 48.48 16.14 -15.30
CA ALA A 214 47.79 15.07 -14.60
C ALA A 214 48.58 13.77 -14.65
N ILE A 215 49.20 13.48 -15.79
CA ILE A 215 49.98 12.25 -15.92
C ILE A 215 51.21 12.29 -15.04
N LYS A 216 51.89 13.44 -15.00
CA LYS A 216 53.11 13.55 -14.20
C LYS A 216 52.80 13.43 -12.71
N ARG A 217 51.70 14.03 -12.26
CA ARG A 217 51.32 13.96 -10.86
C ARG A 217 50.56 12.69 -10.50
N LYS A 218 50.30 11.82 -11.47
CA LYS A 218 49.60 10.54 -11.24
C LYS A 218 48.20 10.78 -10.68
N ALA A 219 47.51 11.80 -11.19
CA ALA A 219 46.14 12.05 -10.80
C ALA A 219 45.19 11.14 -11.57
N SER A 220 44.09 10.78 -10.93
CA SER A 220 43.09 9.94 -11.55
C SER A 220 41.92 10.71 -12.14
N ASP A 221 41.71 11.96 -11.71
CA ASP A 221 40.58 12.76 -12.16
C ASP A 221 41.00 14.22 -12.27
N ILE A 222 40.38 14.92 -13.21
CA ILE A 222 40.61 16.35 -13.42
C ILE A 222 39.28 17.07 -13.27
N HIS A 223 39.29 18.17 -12.50
CA HIS A 223 38.09 18.97 -12.27
C HIS A 223 38.35 20.40 -12.71
N ILE A 224 37.58 20.87 -13.69
CA ILE A 224 37.66 22.24 -14.19
C ILE A 224 36.40 22.96 -13.68
N GLU A 225 36.57 23.82 -12.69
CA GLU A 225 35.45 24.37 -11.94
C GLU A 225 35.39 25.89 -12.03
N PRO A 226 34.40 26.47 -12.69
CA PRO A 226 34.20 27.92 -12.62
C PRO A 226 33.24 28.30 -11.51
N TYR A 227 33.58 29.40 -10.82
CA TYR A 227 32.70 29.97 -9.81
C TYR A 227 32.41 31.43 -10.17
N GLU A 228 31.73 32.13 -9.26
CA GLU A 228 31.35 33.51 -9.54
C GLU A 228 32.57 34.42 -9.64
N ARG A 229 33.48 34.32 -8.67
CA ARG A 229 34.63 35.22 -8.61
C ARG A 229 35.97 34.49 -8.71
N SER A 230 35.96 33.19 -9.03
CA SER A 230 37.20 32.45 -9.14
C SER A 230 37.05 31.33 -10.15
N PHE A 231 38.19 30.79 -10.57
CA PHE A 231 38.26 29.71 -11.55
C PHE A 231 39.46 28.85 -11.16
N ARG A 232 39.26 27.54 -11.07
CA ARG A 232 40.31 26.67 -10.56
C ARG A 232 40.28 25.32 -11.26
N VAL A 233 41.43 24.65 -11.24
CA VAL A 233 41.56 23.28 -11.70
C VAL A 233 42.00 22.44 -10.52
N ARG A 234 41.36 21.29 -10.32
CA ARG A 234 41.69 20.40 -9.22
C ARG A 234 42.00 19.01 -9.74
N TYR A 235 43.08 18.43 -9.22
CA TYR A 235 43.45 17.04 -9.49
C TYR A 235 43.08 16.18 -8.29
N ARG A 236 42.54 15.00 -8.56
CA ARG A 236 42.35 13.98 -7.52
C ARG A 236 43.59 13.08 -7.54
N ILE A 237 44.37 13.14 -6.48
CA ILE A 237 45.62 12.38 -6.36
C ILE A 237 45.49 11.46 -5.16
N ASP A 238 45.52 10.15 -5.43
CA ASP A 238 45.32 9.13 -4.38
C ASP A 238 43.99 9.35 -3.66
N GLY A 239 42.96 9.70 -4.41
CA GLY A 239 41.62 9.84 -3.89
C GLY A 239 41.28 11.18 -3.26
N VAL A 240 42.22 12.12 -3.22
CA VAL A 240 42.02 13.40 -2.57
C VAL A 240 42.24 14.51 -3.58
N LEU A 241 41.37 15.53 -3.54
CA LEU A 241 41.44 16.64 -4.49
C LEU A 241 42.41 17.71 -4.02
N TYR A 242 43.12 18.30 -4.99
CA TYR A 242 44.04 19.38 -4.72
C TYR A 242 43.91 20.44 -5.81
N GLU A 243 43.90 21.70 -5.40
CA GLU A 243 43.91 22.81 -6.37
C GLU A 243 45.27 22.87 -7.05
N VAL A 244 45.28 22.76 -8.37
CA VAL A 244 46.53 22.77 -9.12
C VAL A 244 46.70 23.98 -10.03
N MET A 245 45.61 24.64 -10.42
CA MET A 245 45.71 25.81 -11.28
C MET A 245 44.60 26.79 -10.93
N LYS A 246 44.86 28.07 -11.20
CA LYS A 246 43.88 29.15 -11.09
C LYS A 246 43.91 29.97 -12.37
N PRO A 247 43.38 29.43 -13.46
CA PRO A 247 43.43 30.14 -14.75
C PRO A 247 42.60 31.40 -14.70
N PRO A 248 42.89 32.37 -15.57
CA PRO A 248 42.12 33.62 -15.56
C PRO A 248 40.66 33.38 -15.94
N LEU A 249 39.76 34.05 -15.22
CA LEU A 249 38.34 33.86 -15.42
C LEU A 249 37.89 34.23 -16.83
N LYS A 250 38.64 35.10 -17.52
CA LYS A 250 38.27 35.45 -18.90
C LYS A 250 38.36 34.22 -19.81
N LEU A 251 39.32 33.34 -19.56
CA LEU A 251 39.54 32.19 -20.42
C LEU A 251 38.65 31.00 -20.10
N LYS A 252 37.81 31.09 -19.06
CA LYS A 252 37.09 29.90 -18.58
C LYS A 252 36.14 29.37 -19.65
N ASN A 253 35.47 30.25 -20.38
CA ASN A 253 34.55 29.79 -21.41
C ASN A 253 35.28 29.17 -22.60
N ALA A 254 36.50 29.65 -22.89
CA ALA A 254 37.27 29.08 -23.99
C ALA A 254 37.81 27.71 -23.63
N ILE A 255 38.28 27.53 -22.40
CA ILE A 255 38.87 26.26 -21.98
C ILE A 255 37.85 25.13 -22.12
N THR A 256 36.64 25.34 -21.61
CA THR A 256 35.59 24.33 -21.72
C THR A 256 35.25 24.05 -23.18
N SER A 257 35.05 25.10 -23.97
CA SER A 257 34.70 24.92 -25.37
C SER A 257 35.72 24.05 -26.10
N ARG A 258 37.01 24.24 -25.79
CA ARG A 258 38.05 23.44 -26.43
C ARG A 258 37.94 21.97 -26.02
N ILE A 259 37.75 21.71 -24.73
CA ILE A 259 37.66 20.33 -24.25
C ILE A 259 36.49 19.61 -24.89
N LYS A 260 35.36 20.30 -25.04
CA LYS A 260 34.17 19.69 -25.61
C LYS A 260 34.37 19.33 -27.09
N ILE A 261 35.16 20.12 -27.82
CA ILE A 261 35.46 19.79 -29.21
C ILE A 261 36.28 18.50 -29.28
N MET A 262 37.31 18.41 -28.44
CA MET A 262 38.15 17.21 -28.42
C MET A 262 37.35 15.97 -28.02
N ALA A 263 36.31 16.16 -27.20
CA ALA A 263 35.44 15.06 -26.81
C ALA A 263 34.30 14.84 -27.79
N GLU A 264 34.27 15.58 -28.89
CA GLU A 264 33.17 15.57 -29.86
C GLU A 264 31.86 16.01 -29.23
N LEU A 265 31.93 16.79 -28.15
CA LEU A 265 30.73 17.35 -27.54
C LEU A 265 30.31 18.61 -28.28
N ASP A 266 29.04 18.96 -28.14
CA ASP A 266 28.44 20.08 -28.86
C ASP A 266 28.61 21.37 -28.06
N ILE A 267 29.23 22.36 -28.68
CA ILE A 267 29.42 23.64 -28.00
C ILE A 267 28.12 24.43 -27.96
N ALA A 268 27.20 24.17 -28.88
CA ALA A 268 25.99 24.99 -28.99
C ALA A 268 25.12 24.89 -27.75
N GLU A 269 25.06 23.70 -27.15
CA GLU A 269 24.27 23.49 -25.94
C GLU A 269 25.16 23.66 -24.72
N ARG A 270 24.85 24.66 -23.89
CA ARG A 270 25.62 24.94 -22.68
C ARG A 270 24.76 24.88 -21.42
N ARG A 271 23.52 24.39 -21.53
CA ARG A 271 22.60 24.38 -20.39
C ARG A 271 22.32 22.98 -19.86
N LEU A 272 22.84 21.95 -20.49
CA LEU A 272 22.56 20.57 -20.09
C LEU A 272 23.86 19.80 -19.93
N PRO A 273 23.86 18.74 -19.11
CA PRO A 273 25.05 17.91 -18.99
C PRO A 273 25.34 17.12 -20.26
N GLN A 274 26.62 16.94 -20.55
CA GLN A 274 27.08 16.22 -21.73
C GLN A 274 28.20 15.26 -21.33
N ASP A 275 28.33 14.17 -22.07
CA ASP A 275 29.32 13.14 -21.77
C ASP A 275 29.93 12.60 -23.06
N GLY A 276 31.22 12.28 -23.00
CA GLY A 276 31.91 11.73 -24.14
C GLY A 276 33.26 11.18 -23.75
N ARG A 277 34.09 10.95 -24.77
CA ARG A 277 35.45 10.43 -24.59
C ARG A 277 36.45 11.32 -25.32
N ILE A 278 37.70 11.28 -24.85
CA ILE A 278 38.80 12.00 -25.48
C ILE A 278 40.01 11.08 -25.55
N LYS A 279 40.65 11.02 -26.72
CA LYS A 279 41.88 10.28 -26.92
C LYS A 279 43.03 11.27 -27.09
N ILE A 280 44.12 11.05 -26.36
CA ILE A 280 45.28 11.93 -26.44
C ILE A 280 46.52 11.14 -26.80
N MET A 288 46.76 8.22 -23.53
CA MET A 288 45.88 8.17 -22.36
C MET A 288 44.46 8.57 -22.73
N ASP A 289 43.49 7.79 -22.27
CA ASP A 289 42.08 8.04 -22.53
C ASP A 289 41.43 8.75 -21.35
N TYR A 290 40.48 9.63 -21.67
CA TYR A 290 39.79 10.45 -20.68
C TYR A 290 38.29 10.29 -20.86
N ARG A 291 37.58 10.02 -19.76
CA ARG A 291 36.13 10.02 -19.76
C ARG A 291 35.65 11.41 -19.34
N VAL A 292 34.88 12.06 -20.21
CA VAL A 292 34.54 13.48 -20.06
C VAL A 292 33.08 13.59 -19.64
N SER A 293 32.82 14.39 -18.61
CA SER A 293 31.48 14.73 -18.16
C SER A 293 31.39 16.23 -18.00
N VAL A 294 30.36 16.83 -18.58
CA VAL A 294 30.12 18.26 -18.50
C VAL A 294 28.87 18.50 -17.65
N LEU A 295 28.92 19.51 -16.80
CA LEU A 295 27.83 19.81 -15.87
C LEU A 295 27.57 21.31 -15.87
N PRO A 296 26.32 21.74 -16.06
CA PRO A 296 26.04 23.18 -16.11
C PRO A 296 25.79 23.80 -14.74
N THR A 297 26.82 24.40 -14.15
CA THR A 297 26.65 25.12 -12.90
C THR A 297 26.09 26.51 -13.18
N LEU A 298 25.85 27.27 -12.11
CA LEU A 298 25.31 28.61 -12.25
C LEU A 298 26.24 29.50 -13.06
N PHE A 299 27.53 29.48 -12.74
CA PHE A 299 28.49 30.42 -13.28
C PHE A 299 29.33 29.84 -14.41
N GLY A 300 28.79 28.84 -15.12
CA GLY A 300 29.48 28.21 -16.22
C GLY A 300 29.42 26.70 -16.12
N GLU A 301 29.97 26.04 -17.14
CA GLU A 301 29.99 24.59 -17.19
C GLU A 301 31.23 24.06 -16.49
N LYS A 302 31.01 23.12 -15.57
CA LYS A 302 32.09 22.38 -14.96
C LYS A 302 32.35 21.10 -15.75
N VAL A 303 33.62 20.80 -15.99
CA VAL A 303 34.01 19.62 -16.75
C VAL A 303 34.86 18.73 -15.86
N VAL A 304 34.54 17.44 -15.84
CA VAL A 304 35.33 16.43 -15.13
C VAL A 304 35.88 15.46 -16.15
N LEU A 305 37.19 15.25 -16.11
CA LEU A 305 37.87 14.28 -16.96
C LEU A 305 38.43 13.17 -16.09
N ARG A 306 38.11 11.93 -16.43
CA ARG A 306 38.49 10.76 -15.64
C ARG A 306 39.48 9.94 -16.45
N LEU A 307 40.72 9.86 -15.97
CA LEU A 307 41.77 9.16 -16.69
C LEU A 307 41.57 7.66 -16.64
N LEU A 308 41.74 7.01 -17.79
CA LEU A 308 41.64 5.56 -17.92
C LEU A 308 43.02 5.04 -18.32
N ASP A 309 43.75 4.48 -17.35
CA ASP A 309 45.10 3.99 -17.57
C ASP A 309 45.22 2.56 -17.06
N LYS A 310 45.86 1.71 -17.86
CA LYS A 310 46.08 0.32 -17.49
C LYS A 310 47.13 0.21 -16.38
N LEU A 315 48.53 -6.25 -11.11
CA LEU A 315 47.83 -7.54 -11.16
C LEU A 315 48.32 -8.51 -10.09
N ASP A 316 49.45 -8.19 -9.47
CA ASP A 316 50.02 -9.05 -8.44
C ASP A 316 49.22 -8.90 -7.15
N MET A 317 48.72 -10.02 -6.64
CA MET A 317 47.87 -9.97 -5.46
C MET A 317 48.65 -9.68 -4.18
N THR A 318 49.94 -10.03 -4.16
CA THR A 318 50.76 -9.76 -2.98
C THR A 318 50.99 -8.27 -2.76
N LYS A 319 50.83 -7.45 -3.80
CA LYS A 319 51.09 -6.02 -3.72
C LYS A 319 49.85 -5.19 -3.43
N LEU A 320 48.72 -5.83 -3.16
CA LEU A 320 47.47 -5.09 -2.96
C LEU A 320 47.25 -4.63 -1.53
N GLY A 321 47.90 -5.28 -0.56
CA GLY A 321 47.71 -4.92 0.84
C GLY A 321 47.13 -6.02 1.70
N TYR A 322 46.86 -7.21 1.16
CA TYR A 322 46.35 -8.30 1.97
C TYR A 322 47.40 -8.76 2.97
N GLU A 323 47.01 -8.89 4.23
CA GLU A 323 47.87 -9.54 5.20
C GLU A 323 48.04 -11.01 4.81
N PRO A 324 49.14 -11.66 5.22
CA PRO A 324 49.32 -13.07 4.86
C PRO A 324 48.17 -13.95 5.27
N ASP A 325 47.55 -13.66 6.41
CA ASP A 325 46.41 -14.43 6.89
C ASP A 325 45.21 -14.26 5.96
N ALA A 326 44.89 -13.02 5.60
CA ALA A 326 43.77 -12.77 4.71
C ALA A 326 44.03 -13.31 3.32
N LEU A 327 45.27 -13.19 2.83
CA LEU A 327 45.59 -13.66 1.49
C LEU A 327 45.39 -15.16 1.36
N HIS A 328 45.76 -15.92 2.40
CA HIS A 328 45.63 -17.37 2.34
C HIS A 328 44.16 -17.79 2.19
N TYR A 329 43.27 -17.18 2.97
CA TYR A 329 41.86 -17.54 2.87
C TYR A 329 41.24 -17.07 1.56
N PHE A 330 41.68 -15.92 1.04
CA PHE A 330 41.19 -15.46 -0.25
C PHE A 330 41.63 -16.39 -1.37
N LYS A 331 42.90 -16.81 -1.35
CA LYS A 331 43.40 -17.76 -2.34
C LYS A 331 42.68 -19.09 -2.24
N GLU A 332 42.42 -19.55 -1.01
CA GLU A 332 41.74 -20.83 -0.81
C GLU A 332 40.32 -20.78 -1.34
N ALA A 333 39.66 -19.63 -1.20
CA ALA A 333 38.25 -19.52 -1.61
C ALA A 333 38.11 -19.52 -3.13
N ILE A 334 38.99 -18.80 -3.83
CA ILE A 334 38.88 -18.72 -5.29
C ILE A 334 39.43 -19.95 -6.00
N HIS A 335 40.14 -20.83 -5.29
CA HIS A 335 40.65 -22.05 -5.89
C HIS A 335 39.76 -23.25 -5.62
N LYS A 336 38.67 -23.08 -4.88
CA LYS A 336 37.72 -24.16 -4.70
C LYS A 336 36.94 -24.39 -6.01
N PRO A 337 36.47 -25.61 -6.24
CA PRO A 337 35.80 -25.90 -7.52
C PRO A 337 34.43 -25.27 -7.66
N PHE A 338 33.79 -24.86 -6.57
CA PHE A 338 32.48 -24.27 -6.62
C PHE A 338 32.32 -23.30 -5.45
N GLY A 339 31.24 -22.54 -5.48
CA GLY A 339 30.94 -21.58 -4.43
C GLY A 339 31.02 -20.14 -4.94
N MET A 340 30.60 -19.23 -4.08
CA MET A 340 30.52 -17.81 -4.41
C MET A 340 31.52 -17.02 -3.57
N VAL A 341 32.22 -16.11 -4.22
CA VAL A 341 33.13 -15.17 -3.56
C VAL A 341 32.63 -13.75 -3.87
N LEU A 342 32.35 -12.99 -2.83
CA LEU A 342 31.80 -11.65 -2.95
C LEU A 342 32.80 -10.62 -2.44
N VAL A 343 33.12 -9.64 -3.30
CA VAL A 343 34.05 -8.57 -2.97
C VAL A 343 33.24 -7.27 -2.87
N THR A 344 33.19 -6.71 -1.66
CA THR A 344 32.32 -5.58 -1.39
C THR A 344 33.13 -4.34 -1.03
N GLY A 345 32.48 -3.18 -1.20
CA GLY A 345 33.09 -1.90 -0.90
C GLY A 345 32.47 -0.79 -1.71
N PRO A 346 32.70 0.46 -1.29
CA PRO A 346 32.17 1.59 -2.06
C PRO A 346 32.92 1.77 -3.37
N THR A 347 32.44 2.70 -4.17
CA THR A 347 33.09 2.99 -5.45
C THR A 347 34.49 3.54 -5.22
N GLY A 348 35.43 3.04 -6.01
CA GLY A 348 36.83 3.45 -5.89
C GLY A 348 37.62 2.75 -4.81
N SER A 349 37.10 1.65 -4.26
CA SER A 349 37.78 0.92 -3.19
C SER A 349 38.62 -0.24 -3.70
N GLY A 350 38.68 -0.45 -5.01
CA GLY A 350 39.56 -1.47 -5.57
C GLY A 350 38.92 -2.83 -5.79
N LYS A 351 37.60 -2.90 -5.88
CA LYS A 351 36.94 -4.19 -6.06
C LYS A 351 37.32 -4.83 -7.39
N THR A 352 37.33 -4.04 -8.47
CA THR A 352 37.64 -4.58 -9.78
C THR A 352 39.10 -5.05 -9.84
N VAL A 353 40.01 -4.30 -9.21
CA VAL A 353 41.41 -4.71 -9.17
C VAL A 353 41.55 -6.03 -8.42
N SER A 354 40.83 -6.18 -7.30
CA SER A 354 40.91 -7.42 -6.53
C SER A 354 40.38 -8.60 -7.35
N LEU A 355 39.29 -8.41 -8.09
CA LEU A 355 38.73 -9.50 -8.89
C LEU A 355 39.64 -9.83 -10.08
N TYR A 356 40.15 -8.81 -10.76
CA TYR A 356 41.08 -9.05 -11.86
C TYR A 356 42.33 -9.80 -11.38
N SER A 357 42.78 -9.52 -10.16
CA SER A 357 43.91 -10.25 -9.60
C SER A 357 43.56 -11.70 -9.34
N ALA A 358 42.33 -11.97 -8.89
CA ALA A 358 41.88 -13.34 -8.69
C ALA A 358 41.74 -14.07 -10.02
N LEU A 359 41.19 -13.40 -11.04
CA LEU A 359 41.05 -14.02 -12.34
C LEU A 359 42.40 -14.33 -12.97
N GLY A 360 43.39 -13.46 -12.73
CA GLY A 360 44.73 -13.75 -13.22
C GLY A 360 45.34 -14.98 -12.58
N GLU A 361 45.05 -15.19 -11.29
CA GLU A 361 45.49 -16.39 -10.61
C GLU A 361 44.92 -17.64 -11.26
N LEU A 362 43.66 -17.57 -11.71
CA LEU A 362 42.91 -18.74 -12.15
C LEU A 362 42.95 -18.94 -13.66
N ASN A 363 43.54 -18.01 -14.42
CA ASN A 363 43.49 -18.05 -15.89
C ASN A 363 44.41 -19.15 -16.40
N LYS A 364 43.88 -20.37 -16.45
CA LYS A 364 44.57 -21.52 -17.01
C LYS A 364 43.83 -22.03 -18.22
N THR A 365 44.58 -22.69 -19.12
CA THR A 365 43.96 -23.25 -20.32
C THR A 365 42.97 -24.35 -20.00
N THR A 366 43.06 -24.94 -18.81
CA THR A 366 42.19 -26.05 -18.42
C THR A 366 40.80 -25.59 -17.97
N GLU A 367 40.60 -24.29 -17.76
CA GLU A 367 39.35 -23.76 -17.23
C GLU A 367 38.72 -22.78 -18.21
N ASN A 368 37.39 -22.73 -18.20
CA ASN A 368 36.62 -21.78 -18.98
C ASN A 368 36.20 -20.65 -18.05
N ILE A 369 36.77 -19.46 -18.25
CA ILE A 369 36.46 -18.28 -17.43
C ILE A 369 35.64 -17.32 -18.28
N SER A 370 34.50 -16.90 -17.75
CA SER A 370 33.60 -15.99 -18.43
C SER A 370 33.19 -14.88 -17.47
N THR A 371 33.19 -13.65 -17.98
CA THR A 371 32.89 -12.48 -17.17
C THR A 371 31.82 -11.62 -17.85
N ALA A 372 30.95 -11.04 -17.04
CA ALA A 372 29.98 -10.04 -17.49
C ALA A 372 30.32 -8.74 -16.78
N GLU A 373 30.73 -7.73 -17.54
CA GLU A 373 31.26 -6.50 -16.97
C GLU A 373 30.53 -5.30 -17.54
N ASP A 374 30.48 -4.23 -16.75
CA ASP A 374 29.80 -3.00 -17.14
C ASP A 374 30.55 -1.76 -16.64
N PRO A 375 31.49 -1.25 -17.45
CA PRO A 375 31.93 -1.86 -18.71
C PRO A 375 33.15 -2.74 -18.50
N VAL A 376 33.67 -3.32 -19.57
CA VAL A 376 34.94 -4.04 -19.48
C VAL A 376 36.07 -3.03 -19.35
N GLU A 377 36.91 -3.21 -18.33
CA GLU A 377 37.95 -2.24 -18.02
C GLU A 377 39.35 -2.68 -18.42
N PHE A 378 39.57 -3.97 -18.68
CA PHE A 378 40.85 -4.46 -19.15
C PHE A 378 40.65 -5.81 -19.83
N ASN A 379 41.40 -6.03 -20.91
CA ASN A 379 41.24 -7.22 -21.73
C ASN A 379 42.27 -8.26 -21.33
N PHE A 380 41.81 -9.46 -20.99
CA PHE A 380 42.68 -10.59 -20.71
C PHE A 380 42.52 -11.63 -21.81
N ALA A 381 43.64 -12.03 -22.40
CA ALA A 381 43.61 -13.18 -23.30
C ALA A 381 43.28 -14.43 -22.51
N GLY A 382 42.42 -15.27 -23.10
CA GLY A 382 42.01 -16.51 -22.46
C GLY A 382 40.75 -16.40 -21.63
N ILE A 383 40.29 -15.19 -21.30
CA ILE A 383 39.08 -14.98 -20.52
C ILE A 383 38.02 -14.41 -21.45
N ASN A 384 36.81 -14.98 -21.38
CA ASN A 384 35.71 -14.59 -22.27
C ASN A 384 34.91 -13.50 -21.60
N GLN A 385 35.10 -12.27 -22.03
CA GLN A 385 34.55 -11.09 -21.38
C GLN A 385 33.40 -10.51 -22.19
N VAL A 386 32.24 -10.36 -21.55
CA VAL A 386 31.04 -9.83 -22.18
C VAL A 386 30.74 -8.47 -21.55
N GLN A 387 30.49 -7.47 -22.39
CA GLN A 387 30.15 -6.14 -21.92
C GLN A 387 28.65 -5.95 -21.96
N MET A 388 28.11 -5.35 -20.89
CA MET A 388 26.67 -5.23 -20.74
C MET A 388 26.13 -4.08 -21.59
N HIS A 389 24.94 -4.27 -22.13
CA HIS A 389 24.28 -3.28 -22.98
C HIS A 389 22.78 -3.43 -22.74
N GLU A 390 22.28 -2.74 -21.71
CA GLU A 390 20.91 -2.96 -21.26
C GLU A 390 19.88 -2.50 -22.29
N ASP A 391 20.23 -1.52 -23.13
CA ASP A 391 19.27 -1.00 -24.08
C ASP A 391 18.82 -2.06 -25.08
N ILE A 392 19.67 -3.05 -25.37
CA ILE A 392 19.31 -4.12 -26.27
C ILE A 392 18.90 -5.38 -25.53
N GLY A 393 18.87 -5.35 -24.19
CA GLY A 393 18.45 -6.48 -23.39
C GLY A 393 19.58 -7.32 -22.80
N LEU A 394 20.84 -6.91 -23.01
CA LEU A 394 21.98 -7.65 -22.51
C LEU A 394 22.37 -7.08 -21.15
N ASN A 395 21.75 -7.59 -20.09
CA ASN A 395 22.07 -7.21 -18.72
C ASN A 395 22.79 -8.37 -18.03
N PHE A 396 23.08 -8.17 -16.74
CA PHE A 396 23.80 -9.19 -15.98
C PHE A 396 23.03 -10.51 -15.94
N ALA A 397 21.71 -10.44 -15.78
CA ALA A 397 20.90 -11.65 -15.71
C ALA A 397 20.94 -12.43 -17.02
N ALA A 398 20.77 -11.73 -18.14
CA ALA A 398 20.77 -12.40 -19.44
C ALA A 398 22.14 -12.98 -19.77
N ALA A 399 23.21 -12.28 -19.37
CA ALA A 399 24.56 -12.80 -19.62
C ALA A 399 24.85 -14.00 -18.73
N LEU A 400 24.36 -13.98 -17.50
CA LEU A 400 24.59 -15.09 -16.58
C LEU A 400 23.90 -16.36 -17.07
N ARG A 401 22.65 -16.23 -17.54
CA ARG A 401 21.95 -17.40 -18.08
C ARG A 401 22.65 -17.93 -19.32
N SER A 402 23.22 -17.04 -20.13
CA SER A 402 23.99 -17.50 -21.29
C SER A 402 25.26 -18.23 -20.85
N PHE A 403 25.89 -17.75 -19.77
CA PHE A 403 27.09 -18.40 -19.25
C PHE A 403 26.80 -19.84 -18.84
N LEU A 404 25.63 -20.08 -18.25
CA LEU A 404 25.28 -21.42 -17.79
C LEU A 404 25.09 -22.40 -18.94
N ARG A 405 24.81 -21.90 -20.13
CA ARG A 405 24.70 -22.74 -21.33
C ARG A 405 26.02 -22.84 -22.08
N GLN A 406 27.10 -22.24 -21.56
CA GLN A 406 28.38 -22.19 -22.24
C GLN A 406 29.43 -23.09 -21.59
N ASP A 407 29.00 -24.14 -20.90
CA ASP A 407 29.89 -25.09 -20.26
C ASP A 407 30.91 -24.38 -19.36
N PRO A 408 30.45 -23.64 -18.35
CA PRO A 408 31.34 -22.77 -17.59
C PRO A 408 32.07 -23.49 -16.46
N ASP A 409 33.19 -22.89 -16.06
CA ASP A 409 33.90 -23.27 -14.85
C ASP A 409 33.93 -22.14 -13.84
N ILE A 410 34.32 -20.94 -14.25
CA ILE A 410 34.43 -19.78 -13.39
C ILE A 410 33.66 -18.65 -14.03
N ILE A 411 32.77 -18.01 -13.26
CA ILE A 411 31.92 -16.94 -13.74
C ILE A 411 32.16 -15.71 -12.87
N MET A 412 32.35 -14.56 -13.50
CA MET A 412 32.47 -13.29 -12.80
C MET A 412 31.34 -12.39 -13.27
N ILE A 413 30.51 -11.95 -12.34
CA ILE A 413 29.43 -11.00 -12.61
C ILE A 413 29.84 -9.66 -12.02
N GLY A 414 29.81 -8.62 -12.86
CA GLY A 414 30.26 -7.29 -12.48
C GLY A 414 29.77 -6.83 -11.13
N GLU A 415 28.46 -6.78 -10.95
CA GLU A 415 27.88 -6.50 -9.64
C GLU A 415 26.49 -7.12 -9.57
N ILE A 416 26.07 -7.41 -8.34
CA ILE A 416 24.74 -7.92 -8.06
C ILE A 416 23.91 -6.73 -7.60
N ARG A 417 22.99 -6.29 -8.45
CA ARG A 417 22.22 -5.07 -8.21
C ARG A 417 20.77 -5.33 -7.83
N ASP A 418 20.29 -6.56 -7.94
CA ASP A 418 18.90 -6.85 -7.65
C ASP A 418 18.77 -8.31 -7.21
N PHE A 419 17.55 -8.67 -6.79
CA PHE A 419 17.32 -10.02 -6.31
C PHE A 419 17.38 -11.04 -7.44
N GLU A 420 16.87 -10.68 -8.61
CA GLU A 420 16.86 -11.59 -9.74
C GLU A 420 18.25 -12.10 -10.06
N THR A 421 19.21 -11.18 -10.20
CA THR A 421 20.59 -11.58 -10.50
C THR A 421 21.21 -12.32 -9.32
N ALA A 422 20.88 -11.91 -8.09
CA ALA A 422 21.44 -12.58 -6.92
C ALA A 422 21.00 -14.04 -6.86
N GLU A 423 19.71 -14.30 -7.09
CA GLU A 423 19.19 -15.66 -6.99
C GLU A 423 19.83 -16.57 -8.04
N ILE A 424 19.92 -16.09 -9.28
CA ILE A 424 20.56 -16.88 -10.34
C ILE A 424 22.02 -17.15 -10.00
N ALA A 425 22.73 -16.13 -9.52
CA ALA A 425 24.16 -16.27 -9.28
C ALA A 425 24.44 -17.20 -8.09
N ILE A 426 23.64 -17.08 -7.03
CA ILE A 426 23.89 -17.92 -5.85
C ILE A 426 23.50 -19.37 -6.14
N LYS A 427 22.46 -19.58 -6.96
CA LYS A 427 22.08 -20.94 -7.32
C LYS A 427 23.08 -21.56 -8.29
N ALA A 428 23.64 -20.75 -9.18
CA ALA A 428 24.68 -21.26 -10.08
C ALA A 428 25.92 -21.69 -9.31
N ALA A 429 26.26 -20.94 -8.26
CA ALA A 429 27.38 -21.34 -7.41
C ALA A 429 27.10 -22.68 -6.74
N LEU A 430 25.88 -22.86 -6.22
CA LEU A 430 25.55 -24.10 -5.53
C LEU A 430 25.38 -25.26 -6.52
N THR A 431 25.05 -24.94 -7.76
CA THR A 431 24.93 -25.95 -8.81
C THR A 431 26.28 -26.65 -8.99
N GLY A 432 27.37 -25.89 -8.81
CA GLY A 432 28.70 -26.42 -8.99
C GLY A 432 29.57 -25.60 -9.90
N HIS A 433 29.48 -24.28 -9.75
CA HIS A 433 30.35 -23.35 -10.46
C HIS A 433 30.91 -22.32 -9.48
N LEU A 434 32.11 -21.84 -9.77
CA LEU A 434 32.73 -20.78 -8.97
C LEU A 434 32.29 -19.43 -9.52
N VAL A 435 31.66 -18.62 -8.68
CA VAL A 435 31.08 -17.36 -9.09
C VAL A 435 31.69 -16.25 -8.23
N LEU A 436 32.23 -15.23 -8.90
CA LEU A 436 32.72 -14.02 -8.24
C LEU A 436 31.86 -12.84 -8.63
N SER A 437 31.57 -11.97 -7.66
CA SER A 437 30.74 -10.80 -7.93
C SER A 437 31.02 -9.75 -6.85
N THR A 438 30.31 -8.62 -6.95
CA THR A 438 30.48 -7.52 -6.01
C THR A 438 29.13 -7.05 -5.49
N LEU A 439 29.18 -6.36 -4.36
CA LEU A 439 28.03 -5.67 -3.78
C LEU A 439 28.52 -4.39 -3.11
N HIS A 440 27.63 -3.41 -3.04
CA HIS A 440 27.91 -2.15 -2.36
C HIS A 440 27.34 -2.25 -0.95
N THR A 441 28.13 -2.81 -0.03
CA THR A 441 27.77 -2.91 1.37
C THR A 441 28.91 -2.35 2.20
N ASN A 442 28.65 -2.17 3.50
CA ASN A 442 29.62 -1.48 4.35
C ASN A 442 30.67 -2.40 4.95
N ASP A 443 30.36 -3.68 5.16
CA ASP A 443 31.37 -4.64 5.61
C ASP A 443 30.95 -6.04 5.18
N ALA A 444 31.83 -7.01 5.46
CA ALA A 444 31.55 -8.38 5.05
C ALA A 444 30.37 -9.00 5.80
N PRO A 445 30.27 -8.90 7.13
CA PRO A 445 29.07 -9.45 7.79
C PRO A 445 27.77 -8.85 7.28
N ALA A 446 27.75 -7.54 7.02
CA ALA A 446 26.54 -6.89 6.53
C ALA A 446 26.14 -7.37 5.15
N THR A 447 27.08 -7.90 4.37
CA THR A 447 26.73 -8.45 3.06
C THR A 447 25.85 -9.68 3.20
N ILE A 448 26.08 -10.49 4.23
CA ILE A 448 25.22 -11.64 4.50
C ILE A 448 23.77 -11.19 4.71
N ASN A 449 23.57 -10.22 5.59
CA ASN A 449 22.21 -9.77 5.88
C ASN A 449 21.60 -9.03 4.69
N ARG A 450 22.43 -8.38 3.87
CA ARG A 450 21.91 -7.75 2.66
C ARG A 450 21.31 -8.78 1.72
N LEU A 451 21.97 -9.92 1.56
CA LEU A 451 21.43 -10.98 0.71
C LEU A 451 20.12 -11.51 1.25
N LEU A 452 20.04 -11.71 2.56
CA LEU A 452 18.80 -12.21 3.16
C LEU A 452 17.68 -11.19 3.04
N ASN A 453 17.98 -9.91 3.27
CA ASN A 453 16.95 -8.88 3.17
C ASN A 453 16.43 -8.74 1.75
N MET A 454 17.25 -9.04 0.74
CA MET A 454 16.80 -9.01 -0.64
C MET A 454 15.87 -10.18 -0.97
N GLY A 455 15.85 -11.22 -0.14
CA GLY A 455 15.00 -12.37 -0.36
C GLY A 455 15.73 -13.66 -0.64
N VAL A 456 17.06 -13.67 -0.58
CA VAL A 456 17.80 -14.91 -0.81
C VAL A 456 17.60 -15.85 0.38
N GLU A 457 17.21 -17.08 0.09
CA GLU A 457 16.87 -18.03 1.14
C GLU A 457 18.12 -18.33 1.98
N PRO A 458 17.96 -18.47 3.30
CA PRO A 458 19.14 -18.61 4.17
C PRO A 458 20.04 -19.79 3.83
N PHE A 459 19.49 -20.91 3.37
CA PHE A 459 20.34 -22.06 3.07
C PHE A 459 21.26 -21.77 1.89
N LEU A 460 20.81 -20.95 0.94
CA LEU A 460 21.66 -20.59 -0.19
C LEU A 460 22.87 -19.78 0.26
N VAL A 461 22.66 -18.79 1.14
CA VAL A 461 23.78 -17.99 1.64
C VAL A 461 24.72 -18.86 2.47
N ALA A 462 24.16 -19.75 3.29
CA ALA A 462 24.98 -20.52 4.21
C ALA A 462 25.84 -21.55 3.49
N SER A 463 25.31 -22.15 2.41
CA SER A 463 25.98 -23.26 1.77
C SER A 463 26.72 -22.91 0.49
N ALA A 464 26.35 -21.83 -0.19
CA ALA A 464 26.94 -21.53 -1.49
C ALA A 464 28.00 -20.43 -1.46
N VAL A 465 28.06 -19.62 -0.41
CA VAL A 465 29.03 -18.55 -0.31
C VAL A 465 30.30 -19.10 0.33
N ASN A 466 31.42 -19.00 -0.37
CA ASN A 466 32.69 -19.45 0.19
C ASN A 466 33.30 -18.39 1.10
N LEU A 467 33.18 -17.12 0.72
CA LEU A 467 34.04 -16.09 1.28
C LEU A 467 33.48 -14.73 0.89
N ILE A 468 33.61 -13.76 1.80
CA ILE A 468 33.20 -12.39 1.56
C ILE A 468 34.31 -11.47 2.00
N THR A 469 34.66 -10.49 1.15
CA THR A 469 35.63 -9.47 1.50
C THR A 469 34.98 -8.09 1.51
N ALA A 470 35.45 -7.25 2.42
CA ALA A 470 35.19 -5.83 2.41
C ALA A 470 36.53 -5.10 2.39
N GLN A 471 36.58 -3.95 1.72
CA GLN A 471 37.85 -3.27 1.57
C GLN A 471 37.66 -1.77 1.39
N ARG A 472 38.67 -1.02 1.81
CA ARG A 472 38.78 0.41 1.57
C ARG A 472 40.20 0.71 1.13
N LEU A 473 40.38 1.80 0.40
CA LEU A 473 41.69 2.26 -0.01
C LEU A 473 42.15 3.40 0.88
N ALA A 474 43.36 3.30 1.41
CA ALA A 474 43.98 4.35 2.20
C ALA A 474 45.33 4.69 1.60
N ARG A 475 45.75 5.94 1.78
CA ARG A 475 46.99 6.42 1.19
C ARG A 475 48.18 5.95 2.01
N ARG A 476 49.30 5.72 1.32
CA ARG A 476 50.54 5.32 1.95
C ARG A 476 51.36 6.56 2.31
N VAL A 477 52.02 6.50 3.47
CA VAL A 477 52.95 7.57 3.85
C VAL A 477 54.09 7.62 2.85
N CYS A 478 54.49 8.84 2.47
CA CYS A 478 55.60 9.01 1.54
C CYS A 478 56.90 8.50 2.17
N SER A 479 57.62 7.67 1.43
CA SER A 479 58.84 7.07 1.98
C SER A 479 59.94 8.09 2.20
N GLU A 480 59.94 9.19 1.44
CA GLU A 480 61.04 10.15 1.54
C GLU A 480 60.87 11.06 2.75
N CYS A 481 59.71 11.68 2.92
CA CYS A 481 59.53 12.71 3.94
C CYS A 481 59.03 12.16 5.27
N LYS A 482 58.76 10.86 5.37
CA LYS A 482 58.13 10.31 6.56
C LYS A 482 58.93 10.61 7.81
N GLN A 483 58.22 10.90 8.90
CA GLN A 483 58.81 11.18 10.21
C GLN A 483 57.90 10.59 11.27
N PRO A 484 58.47 10.14 12.39
CA PRO A 484 57.64 9.59 13.47
C PRO A 484 56.69 10.64 14.03
N GLU A 485 55.47 10.20 14.32
CA GLU A 485 54.44 11.05 14.90
C GLU A 485 54.14 10.56 16.30
N GLU A 486 54.19 11.47 17.28
CA GLU A 486 53.97 11.12 18.68
C GLU A 486 52.48 11.17 18.97
N ILE A 487 51.81 10.03 18.74
CA ILE A 487 50.39 9.88 19.00
C ILE A 487 50.21 9.35 20.41
N PRO A 488 49.38 9.98 21.25
CA PRO A 488 49.20 9.49 22.62
C PRO A 488 48.67 8.07 22.62
N ILE A 489 49.25 7.23 23.48
CA ILE A 489 48.90 5.81 23.52
C ILE A 489 47.42 5.63 23.78
N GLN A 490 46.79 6.56 24.51
CA GLN A 490 45.35 6.44 24.77
C GLN A 490 44.56 6.65 23.48
N ALA A 491 45.02 7.54 22.60
CA ALA A 491 44.32 7.73 21.32
C ALA A 491 44.36 6.48 20.46
N LEU A 492 45.46 5.72 20.54
CA LEU A 492 45.52 4.45 19.82
C LEU A 492 44.52 3.45 20.41
N ILE A 493 44.39 3.42 21.74
CA ILE A 493 43.47 2.48 22.38
C ILE A 493 42.04 2.79 21.98
N ASP A 494 41.70 4.07 21.90
CA ASP A 494 40.35 4.45 21.49
C ASP A 494 40.06 4.04 20.05
N ALA A 495 41.07 4.03 19.19
CA ALA A 495 40.89 3.62 17.81
C ALA A 495 40.76 2.11 17.65
N GLY A 496 41.12 1.34 18.68
CA GLY A 496 40.94 -0.10 18.61
C GLY A 496 42.20 -0.92 18.80
N VAL A 497 43.29 -0.27 19.19
CA VAL A 497 44.53 -0.98 19.50
C VAL A 497 44.46 -1.50 20.92
N SER A 498 44.98 -2.70 21.15
CA SER A 498 44.95 -3.29 22.48
C SER A 498 45.87 -2.51 23.42
N PRO A 499 45.58 -2.53 24.72
CA PRO A 499 46.41 -1.74 25.66
C PRO A 499 47.84 -2.20 25.73
N ASP A 500 48.09 -3.52 25.68
CA ASP A 500 49.45 -4.03 25.75
C ASP A 500 50.26 -3.64 24.51
N GLU A 501 49.61 -3.55 23.35
CA GLU A 501 50.32 -3.27 22.10
C GLU A 501 50.55 -1.78 21.86
N GLY A 502 49.81 -0.91 22.55
CA GLY A 502 49.93 0.51 22.38
C GLY A 502 51.35 1.07 22.42
N PRO A 503 52.07 0.83 23.52
CA PRO A 503 53.43 1.39 23.64
C PRO A 503 54.39 0.90 22.56
N SER A 504 54.13 -0.23 21.93
CA SER A 504 55.00 -0.74 20.88
C SER A 504 54.83 -0.02 19.55
N TYR A 505 53.77 0.77 19.39
CA TYR A 505 53.45 1.38 18.11
C TYR A 505 54.41 2.52 17.77
N VAL A 506 54.90 2.52 16.54
CA VAL A 506 55.68 3.63 15.98
C VAL A 506 54.89 4.15 14.79
N CYS A 507 54.24 5.30 14.96
CA CYS A 507 53.41 5.89 13.92
C CYS A 507 54.20 6.90 13.11
N TYR A 508 54.00 6.86 11.79
CA TYR A 508 54.71 7.74 10.88
C TYR A 508 53.74 8.67 10.16
N LYS A 509 54.24 9.86 9.81
CA LYS A 509 53.51 10.82 9.00
C LYS A 509 54.52 11.59 8.16
N GLY A 510 54.15 11.85 6.90
CA GLY A 510 55.05 12.55 6.01
C GLY A 510 54.94 14.05 6.17
N THR A 511 56.09 14.72 6.23
CA THR A 511 56.11 16.18 6.32
C THR A 511 55.81 16.86 5.00
N GLY A 512 55.96 16.15 3.88
CA GLY A 512 55.71 16.72 2.57
C GLY A 512 56.97 17.02 1.81
N CYS A 513 57.06 16.54 0.58
CA CYS A 513 58.17 16.86 -0.31
C CYS A 513 57.66 16.87 -1.74
N VAL A 514 58.55 17.22 -2.67
CA VAL A 514 58.15 17.33 -4.07
C VAL A 514 57.74 15.98 -4.65
N LYS A 515 58.32 14.89 -4.13
CA LYS A 515 58.00 13.57 -4.67
C LYS A 515 56.57 13.16 -4.34
N CYS A 516 56.04 13.61 -3.20
CA CYS A 516 54.66 13.30 -2.82
C CYS A 516 53.73 14.49 -2.98
N ASN A 517 54.12 15.47 -3.81
CA ASN A 517 53.31 16.67 -4.08
C ASN A 517 53.05 17.47 -2.80
N ASN A 518 54.00 17.43 -1.87
CA ASN A 518 53.92 18.18 -0.61
C ASN A 518 52.70 17.79 0.22
N THR A 519 52.24 16.55 0.08
CA THR A 519 51.10 16.06 0.84
C THR A 519 51.47 15.11 1.97
N GLY A 520 52.62 14.47 1.89
CA GLY A 520 52.98 13.42 2.83
C GLY A 520 52.50 12.04 2.47
N TYR A 521 51.81 11.89 1.33
CA TYR A 521 51.26 10.62 0.91
C TYR A 521 51.61 10.35 -0.55
N LYS A 522 51.92 9.10 -0.85
CA LYS A 522 52.27 8.68 -2.22
C LYS A 522 51.75 7.27 -2.41
N GLY A 523 50.76 7.10 -3.29
CA GLY A 523 50.17 5.80 -3.52
C GLY A 523 49.13 5.44 -2.47
N ARG A 524 48.55 4.26 -2.65
CA ARG A 524 47.50 3.78 -1.76
C ARG A 524 47.70 2.31 -1.45
N VAL A 525 47.02 1.85 -0.40
CA VAL A 525 47.05 0.46 0.04
C VAL A 525 45.66 0.08 0.52
N GLY A 526 45.36 -1.21 0.46
CA GLY A 526 44.04 -1.71 0.81
C GLY A 526 43.94 -2.21 2.24
N PHE A 527 42.84 -1.87 2.90
CA PHE A 527 42.47 -2.42 4.19
C PHE A 527 41.38 -3.45 3.95
N TYR A 528 41.67 -4.72 4.25
CA TYR A 528 40.78 -5.81 3.87
C TYR A 528 40.17 -6.49 5.09
N GLN A 529 38.87 -6.80 4.99
CA GLN A 529 38.18 -7.68 5.91
C GLN A 529 37.82 -8.94 5.12
N VAL A 530 38.46 -10.06 5.44
CA VAL A 530 38.31 -11.30 4.69
C VAL A 530 37.63 -12.31 5.59
N MET A 531 36.36 -12.59 5.31
CA MET A 531 35.53 -13.45 6.17
C MET A 531 35.20 -14.76 5.47
N PRO A 532 35.90 -15.86 5.76
CA PRO A 532 35.47 -17.16 5.25
C PRO A 532 34.15 -17.57 5.89
N MET A 533 33.38 -18.37 5.15
CA MET A 533 32.07 -18.82 5.61
C MET A 533 32.27 -19.93 6.64
N LEU A 534 32.55 -19.52 7.86
CA LEU A 534 32.75 -20.46 8.95
C LEU A 534 31.43 -21.09 9.37
N GLU A 535 31.52 -22.29 9.96
CA GLU A 535 30.32 -23.03 10.33
C GLU A 535 29.49 -22.27 11.36
N GLU A 536 30.16 -21.58 12.30
CA GLU A 536 29.44 -20.79 13.29
C GLU A 536 28.63 -19.69 12.63
N ILE A 537 29.15 -19.10 11.56
CA ILE A 537 28.39 -18.09 10.82
C ILE A 537 27.20 -18.73 10.12
N ARG A 538 27.38 -19.97 9.63
CA ARG A 538 26.28 -20.69 8.99
C ARG A 538 25.14 -20.94 9.97
N GLU A 539 25.47 -21.33 11.20
CA GLU A 539 24.42 -21.60 12.20
C GLU A 539 23.61 -20.34 12.49
N LEU A 540 24.26 -19.18 12.50
CA LEU A 540 23.53 -17.93 12.75
C LEU A 540 22.61 -17.60 11.60
N ILE A 541 23.05 -17.83 10.36
CA ILE A 541 22.22 -17.57 9.20
C ILE A 541 20.99 -18.45 9.22
N LEU A 542 21.17 -19.74 9.51
CA LEU A 542 20.05 -20.67 9.51
C LEU A 542 19.09 -20.41 10.68
N ASN A 543 19.54 -19.73 11.72
CA ASN A 543 18.71 -19.45 12.90
C ASN A 543 18.15 -18.05 12.91
N GLY A 544 18.37 -17.25 11.88
CA GLY A 544 17.71 -15.97 11.75
C GLY A 544 18.32 -14.83 12.54
N ALA A 545 19.65 -14.82 12.70
CA ALA A 545 20.30 -13.73 13.41
C ALA A 545 20.21 -12.43 12.61
N ASN A 546 20.27 -11.31 13.32
CA ASN A 546 20.18 -10.00 12.68
C ASN A 546 21.59 -9.47 12.38
N THR A 547 21.64 -8.27 11.79
CA THR A 547 22.89 -7.72 11.30
C THR A 547 23.92 -7.56 12.42
N ALA A 548 23.49 -7.04 13.58
CA ALA A 548 24.43 -6.80 14.68
C ALA A 548 24.98 -8.12 15.24
N GLU A 549 24.15 -9.16 15.30
CA GLU A 549 24.60 -10.41 15.89
C GLU A 549 25.62 -11.12 15.01
N ILE A 550 25.38 -11.15 13.70
CA ILE A 550 26.35 -11.75 12.79
C ILE A 550 27.64 -10.95 12.79
N LYS A 551 27.54 -9.63 12.83
CA LYS A 551 28.72 -8.77 12.90
C LYS A 551 29.50 -9.03 14.19
N ARG A 552 28.79 -9.23 15.30
CA ARG A 552 29.44 -9.49 16.58
C ARG A 552 30.17 -10.82 16.58
N GLU A 553 29.57 -11.85 15.97
CA GLU A 553 30.19 -13.18 15.97
C GLU A 553 31.38 -13.23 15.02
N SER A 554 31.28 -12.57 13.87
CA SER A 554 32.41 -12.51 12.96
C SER A 554 33.64 -11.91 13.63
N MET A 555 33.44 -10.86 14.41
CA MET A 555 34.56 -10.26 15.15
C MET A 555 35.05 -11.21 16.24
N ARG A 556 34.13 -11.93 16.90
CA ARG A 556 34.52 -12.84 17.96
C ARG A 556 35.35 -14.00 17.43
N LEU A 557 35.07 -14.47 16.21
CA LEU A 557 35.76 -15.62 15.63
C LEU A 557 37.14 -15.28 15.08
N GLY A 558 37.56 -14.02 15.13
CA GLY A 558 38.87 -13.63 14.67
C GLY A 558 38.95 -13.03 13.29
N ILE A 559 37.82 -12.69 12.69
CA ILE A 559 37.81 -12.03 11.39
C ILE A 559 38.21 -10.57 11.61
N LYS A 560 39.41 -10.20 11.16
CA LYS A 560 39.89 -8.83 11.31
C LYS A 560 39.00 -7.86 10.54
N THR A 561 38.52 -6.84 11.23
CA THR A 561 37.75 -5.79 10.58
C THR A 561 38.67 -4.88 9.79
N MET A 562 38.06 -3.97 9.02
CA MET A 562 38.86 -3.05 8.22
C MET A 562 39.63 -2.07 9.11
N ARG A 563 39.05 -1.70 10.25
CA ARG A 563 39.79 -0.86 11.21
C ARG A 563 41.01 -1.59 11.74
N GLN A 564 40.85 -2.86 12.10
CA GLN A 564 41.99 -3.61 12.63
C GLN A 564 43.06 -3.81 11.58
N SER A 565 42.67 -4.05 10.32
CA SER A 565 43.65 -4.14 9.25
C SER A 565 44.35 -2.81 9.03
N GLY A 566 43.62 -1.70 9.16
CA GLY A 566 44.25 -0.39 9.04
C GLY A 566 45.24 -0.12 10.15
N LEU A 567 44.91 -0.53 11.38
CA LEU A 567 45.84 -0.38 12.49
C LEU A 567 47.06 -1.26 12.31
N THR A 568 46.91 -2.42 11.65
CA THR A 568 48.06 -3.25 11.33
C THR A 568 48.99 -2.53 10.35
N LYS A 569 48.42 -1.86 9.34
CA LYS A 569 49.22 -1.09 8.42
C LYS A 569 49.89 0.11 9.10
N LEU A 570 49.21 0.69 10.09
CA LEU A 570 49.81 1.78 10.86
C LEU A 570 51.04 1.29 11.63
N LYS A 571 50.92 0.12 12.27
CA LYS A 571 52.04 -0.42 13.03
C LYS A 571 53.23 -0.73 12.13
N GLU A 572 52.97 -1.19 10.91
CA GLU A 572 54.03 -1.47 9.94
C GLU A 572 54.59 -0.21 9.31
N GLY A 573 54.07 0.97 9.64
CA GLY A 573 54.57 2.20 9.07
C GLY A 573 54.17 2.46 7.64
N VAL A 574 53.12 1.78 7.15
CA VAL A 574 52.71 1.96 5.76
C VAL A 574 51.78 3.16 5.62
N THR A 575 50.89 3.37 6.60
CA THR A 575 49.93 4.46 6.56
C THR A 575 49.97 5.22 7.88
N SER A 576 49.30 6.36 7.90
CA SER A 576 49.28 7.23 9.07
C SER A 576 48.05 6.99 9.92
N PHE A 577 48.10 7.49 11.15
CA PHE A 577 47.00 7.31 12.09
C PHE A 577 45.76 8.08 11.64
N GLU A 578 45.94 9.30 11.12
CA GLU A 578 44.80 10.07 10.64
C GLU A 578 44.14 9.41 9.43
N GLU A 579 44.93 8.68 8.64
CA GLU A 579 44.38 8.01 7.47
C GLU A 579 43.51 6.82 7.87
N VAL A 580 43.91 6.11 8.92
CA VAL A 580 43.09 5.01 9.43
C VAL A 580 41.74 5.52 9.91
N LEU A 581 41.74 6.67 10.59
CA LEU A 581 40.50 7.23 11.11
C LEU A 581 39.60 7.76 10.00
N ARG A 582 40.19 8.22 8.89
CA ARG A 582 39.40 8.81 7.82
C ARG A 582 38.67 7.78 6.97
N VAL A 583 39.26 6.61 6.76
CA VAL A 583 38.72 5.64 5.81
C VAL A 583 38.00 4.47 6.48
N THR A 584 38.16 4.28 7.78
CA THR A 584 37.52 3.18 8.49
C THR A 584 36.72 3.70 9.68
N VAL A 585 35.65 2.99 10.00
CA VAL A 585 34.83 3.29 11.16
C VAL A 585 35.30 2.41 12.31
N ALA A 586 34.98 2.85 13.53
CA ALA A 586 35.37 2.09 14.71
C ALA A 586 34.49 0.84 14.85
N ASP A 587 35.00 -0.14 15.58
CA ASP A 587 34.25 -1.36 15.84
C ASP A 587 33.49 -1.27 17.15
N ALA B 201 -12.52 -29.60 -40.87
CA ALA B 201 -13.75 -30.29 -40.45
C ALA B 201 -13.49 -31.70 -39.89
N PRO B 202 -12.66 -32.53 -40.56
CA PRO B 202 -12.31 -33.82 -39.95
C PRO B 202 -11.55 -33.69 -38.65
N VAL B 203 -10.89 -32.56 -38.40
CA VAL B 203 -10.20 -32.35 -37.13
C VAL B 203 -11.21 -32.21 -36.00
N VAL B 204 -12.29 -31.46 -36.22
CA VAL B 204 -13.33 -31.33 -35.21
C VAL B 204 -13.95 -32.68 -34.91
N LYS B 205 -14.17 -33.50 -35.95
CA LYS B 205 -14.74 -34.83 -35.74
C LYS B 205 -13.76 -35.72 -34.98
N LEU B 206 -12.47 -35.65 -35.32
CA LEU B 206 -11.48 -36.51 -34.67
C LEU B 206 -11.39 -36.21 -33.17
N VAL B 207 -11.33 -34.93 -32.81
CA VAL B 207 -11.25 -34.55 -31.41
C VAL B 207 -12.51 -34.96 -30.67
N ASN B 208 -13.67 -34.73 -31.28
CA ASN B 208 -14.93 -35.15 -30.66
C ASN B 208 -14.97 -36.66 -30.48
N LEU B 209 -14.47 -37.42 -31.46
CA LEU B 209 -14.38 -38.86 -31.32
C LEU B 209 -13.53 -39.23 -30.11
N ILE B 210 -12.38 -38.57 -29.94
CA ILE B 210 -11.49 -38.87 -28.82
C ILE B 210 -12.21 -38.65 -27.50
N LEU B 211 -12.84 -37.49 -27.34
CA LEU B 211 -13.56 -37.20 -26.11
C LEU B 211 -14.70 -38.21 -25.90
N THR B 212 -15.39 -38.57 -26.98
CA THR B 212 -16.52 -39.49 -26.85
C THR B 212 -16.04 -40.92 -26.59
N ASP B 213 -14.97 -41.35 -27.26
CA ASP B 213 -14.49 -42.71 -27.11
C ASP B 213 -14.04 -42.99 -25.69
N ALA B 214 -13.37 -42.03 -25.05
CA ALA B 214 -12.84 -42.25 -23.71
C ALA B 214 -13.96 -42.52 -22.71
N ILE B 215 -15.10 -41.85 -22.86
CA ILE B 215 -16.24 -42.11 -22.00
C ILE B 215 -16.74 -43.54 -22.21
N LYS B 216 -16.76 -44.00 -23.46
CA LYS B 216 -17.25 -45.33 -23.76
C LYS B 216 -16.34 -46.40 -23.17
N ARG B 217 -15.02 -46.19 -23.22
CA ARG B 217 -14.07 -47.15 -22.71
C ARG B 217 -13.76 -46.94 -21.24
N LYS B 218 -14.49 -46.04 -20.56
CA LYS B 218 -14.37 -45.82 -19.13
C LYS B 218 -12.94 -45.45 -18.74
N ALA B 219 -12.38 -44.48 -19.46
CA ALA B 219 -11.05 -43.97 -19.20
C ALA B 219 -11.14 -42.73 -18.32
N SER B 220 -10.23 -42.62 -17.36
CA SER B 220 -10.20 -41.47 -16.46
C SER B 220 -9.39 -40.31 -17.00
N ASP B 221 -8.42 -40.56 -17.87
CA ASP B 221 -7.54 -39.51 -18.35
C ASP B 221 -7.20 -39.76 -19.81
N ILE B 222 -6.99 -38.68 -20.55
CA ILE B 222 -6.63 -38.72 -21.97
C ILE B 222 -5.29 -38.01 -22.15
N HIS B 223 -4.35 -38.69 -22.78
CA HIS B 223 -3.00 -38.16 -23.00
C HIS B 223 -2.73 -38.09 -24.49
N ILE B 224 -2.49 -36.88 -24.99
CA ILE B 224 -2.19 -36.62 -26.39
C ILE B 224 -0.76 -36.10 -26.45
N GLU B 225 0.15 -36.95 -26.90
CA GLU B 225 1.59 -36.72 -26.73
C GLU B 225 2.32 -36.75 -28.06
N PRO B 226 2.90 -35.64 -28.49
CA PRO B 226 3.79 -35.67 -29.66
C PRO B 226 5.23 -35.96 -29.29
N TYR B 227 5.93 -36.60 -30.22
CA TYR B 227 7.35 -36.89 -30.06
C TYR B 227 8.05 -36.56 -31.38
N GLU B 228 9.35 -36.85 -31.44
CA GLU B 228 10.10 -36.52 -32.65
C GLU B 228 9.62 -37.33 -33.84
N ARG B 229 9.36 -38.63 -33.65
CA ARG B 229 8.99 -39.52 -34.74
C ARG B 229 7.57 -40.05 -34.66
N SER B 230 6.87 -39.85 -33.54
CA SER B 230 5.57 -40.46 -33.36
C SER B 230 4.61 -39.46 -32.73
N PHE B 231 3.33 -39.83 -32.79
CA PHE B 231 2.23 -39.01 -32.25
C PHE B 231 1.15 -39.99 -31.81
N ARG B 232 0.88 -40.05 -30.52
CA ARG B 232 0.00 -41.07 -29.97
C ARG B 232 -1.03 -40.45 -29.04
N VAL B 233 -2.10 -41.21 -28.80
CA VAL B 233 -3.12 -40.89 -27.80
C VAL B 233 -3.22 -42.07 -26.85
N ARG B 234 -3.23 -41.77 -25.55
CA ARG B 234 -3.29 -42.80 -24.53
C ARG B 234 -4.47 -42.56 -23.59
N TYR B 235 -5.18 -43.64 -23.26
CA TYR B 235 -6.26 -43.63 -22.28
C TYR B 235 -5.78 -44.31 -21.00
N ARG B 236 -6.08 -43.70 -19.86
CA ARG B 236 -5.86 -44.35 -18.57
C ARG B 236 -7.16 -45.02 -18.16
N ILE B 237 -7.18 -46.34 -18.20
CA ILE B 237 -8.36 -47.14 -17.84
C ILE B 237 -8.00 -47.97 -16.62
N ASP B 238 -8.65 -47.66 -15.50
CA ASP B 238 -8.46 -48.39 -14.25
C ASP B 238 -7.00 -48.33 -13.79
N GLY B 239 -6.39 -47.16 -13.95
CA GLY B 239 -5.05 -46.90 -13.45
C GLY B 239 -3.93 -47.19 -14.42
N VAL B 240 -4.21 -47.73 -15.60
CA VAL B 240 -3.18 -48.13 -16.55
C VAL B 240 -3.39 -47.37 -17.86
N LEU B 241 -2.29 -46.90 -18.43
CA LEU B 241 -2.30 -46.20 -19.71
C LEU B 241 -2.16 -47.20 -20.86
N TYR B 242 -2.95 -46.98 -21.91
CA TYR B 242 -2.89 -47.79 -23.12
C TYR B 242 -2.88 -46.88 -24.34
N GLU B 243 -2.03 -47.22 -25.32
CA GLU B 243 -2.04 -46.51 -26.59
C GLU B 243 -3.31 -46.90 -27.36
N VAL B 244 -4.13 -45.91 -27.70
CA VAL B 244 -5.42 -46.16 -28.33
C VAL B 244 -5.52 -45.62 -29.75
N MET B 245 -4.60 -44.75 -30.18
CA MET B 245 -4.70 -44.19 -31.52
C MET B 245 -3.37 -43.53 -31.88
N LYS B 246 -3.00 -43.64 -33.15
CA LYS B 246 -1.82 -42.97 -33.71
C LYS B 246 -2.29 -41.96 -34.74
N PRO B 247 -2.64 -40.75 -34.32
CA PRO B 247 -3.16 -39.75 -35.26
C PRO B 247 -2.13 -39.38 -36.31
N PRO B 248 -2.56 -38.89 -37.46
CA PRO B 248 -1.61 -38.46 -38.49
C PRO B 248 -0.75 -37.31 -38.01
N LEU B 249 0.53 -37.32 -38.41
CA LEU B 249 1.43 -36.23 -38.04
C LEU B 249 0.99 -34.90 -38.62
N LYS B 250 0.27 -34.93 -39.76
CA LYS B 250 -0.13 -33.69 -40.42
C LYS B 250 -1.08 -32.88 -39.56
N LEU B 251 -1.90 -33.53 -38.75
CA LEU B 251 -2.91 -32.86 -37.93
C LEU B 251 -2.44 -32.62 -36.50
N LYS B 252 -1.13 -32.72 -36.25
CA LYS B 252 -0.61 -32.60 -34.88
C LYS B 252 -0.94 -31.25 -34.28
N ASN B 253 -0.62 -30.17 -34.99
CA ASN B 253 -0.89 -28.83 -34.46
C ASN B 253 -2.36 -28.49 -34.49
N ALA B 254 -3.12 -29.05 -35.43
CA ALA B 254 -4.54 -28.74 -35.53
C ALA B 254 -5.33 -29.35 -34.38
N ILE B 255 -4.94 -30.56 -33.94
CA ILE B 255 -5.66 -31.20 -32.85
C ILE B 255 -5.45 -30.45 -31.54
N THR B 256 -4.23 -30.00 -31.28
CA THR B 256 -3.97 -29.28 -30.03
C THR B 256 -4.66 -27.91 -30.04
N SER B 257 -4.58 -27.19 -31.17
CA SER B 257 -5.27 -25.92 -31.27
C SER B 257 -6.77 -26.07 -31.08
N ARG B 258 -7.36 -27.13 -31.67
CA ARG B 258 -8.79 -27.35 -31.54
C ARG B 258 -9.20 -27.52 -30.08
N ILE B 259 -8.45 -28.34 -29.35
CA ILE B 259 -8.76 -28.56 -27.94
C ILE B 259 -8.61 -27.26 -27.15
N LYS B 260 -7.60 -26.46 -27.48
CA LYS B 260 -7.38 -25.22 -26.76
C LYS B 260 -8.50 -24.21 -27.03
N ILE B 261 -9.10 -24.23 -28.22
CA ILE B 261 -10.25 -23.36 -28.46
C ILE B 261 -11.47 -23.88 -27.72
N MET B 262 -11.64 -25.20 -27.64
CA MET B 262 -12.73 -25.78 -26.86
C MET B 262 -12.58 -25.47 -25.38
N ALA B 263 -11.35 -25.29 -24.90
CA ALA B 263 -11.08 -24.97 -23.51
C ALA B 263 -10.85 -23.48 -23.28
N GLU B 264 -11.08 -22.65 -24.31
CA GLU B 264 -10.92 -21.20 -24.21
C GLU B 264 -9.49 -20.82 -23.80
N LEU B 265 -8.52 -21.56 -24.33
CA LEU B 265 -7.11 -21.30 -24.05
C LEU B 265 -6.47 -20.54 -25.21
N ASP B 266 -5.29 -19.99 -24.95
CA ASP B 266 -4.60 -19.13 -25.92
C ASP B 266 -3.95 -19.99 -26.99
N ILE B 267 -4.45 -19.89 -28.22
CA ILE B 267 -3.88 -20.65 -29.33
C ILE B 267 -2.55 -20.07 -29.76
N ALA B 268 -2.34 -18.77 -29.56
CA ALA B 268 -1.11 -18.12 -30.00
C ALA B 268 0.09 -18.44 -29.12
N GLU B 269 -0.14 -18.84 -27.87
CA GLU B 269 0.95 -19.15 -26.94
C GLU B 269 1.17 -20.65 -26.93
N ARG B 270 2.37 -21.08 -27.33
CA ARG B 270 2.73 -22.49 -27.36
C ARG B 270 3.98 -22.79 -26.54
N ARG B 271 4.45 -21.84 -25.73
CA ARG B 271 5.67 -22.03 -24.96
C ARG B 271 5.43 -22.18 -23.46
N LEU B 272 4.26 -21.84 -22.97
CA LEU B 272 3.96 -21.85 -21.54
C LEU B 272 2.83 -22.82 -21.23
N PRO B 273 2.76 -23.34 -20.01
CA PRO B 273 1.65 -24.21 -19.64
C PRO B 273 0.33 -23.45 -19.59
N GLN B 274 -0.75 -24.16 -19.91
CA GLN B 274 -2.09 -23.60 -19.88
C GLN B 274 -3.03 -24.64 -19.29
N ASP B 275 -4.09 -24.14 -18.63
CA ASP B 275 -5.06 -25.01 -17.97
C ASP B 275 -6.45 -24.45 -18.17
N GLY B 276 -7.40 -25.31 -18.49
CA GLY B 276 -8.75 -24.89 -18.74
C GLY B 276 -9.74 -26.00 -18.53
N ARG B 277 -10.97 -25.76 -19.01
CA ARG B 277 -12.08 -26.66 -18.78
C ARG B 277 -12.88 -26.80 -20.08
N ILE B 278 -13.44 -27.98 -20.29
CA ILE B 278 -14.29 -28.28 -21.44
C ILE B 278 -15.52 -29.00 -20.94
N LYS B 279 -16.67 -28.33 -20.96
CA LYS B 279 -17.95 -28.93 -20.61
C LYS B 279 -18.69 -29.31 -21.88
N ILE B 280 -18.90 -30.60 -22.10
CA ILE B 280 -19.62 -31.08 -23.27
C ILE B 280 -20.84 -31.90 -22.86
N ASP B 289 -17.75 -32.90 -18.16
CA ASP B 289 -16.71 -31.90 -18.38
C ASP B 289 -15.31 -32.49 -18.19
N TYR B 290 -14.31 -31.77 -18.70
CA TYR B 290 -12.92 -32.21 -18.67
C TYR B 290 -12.03 -31.11 -18.12
N ARG B 291 -11.05 -31.49 -17.32
CA ARG B 291 -9.98 -30.59 -16.90
C ARG B 291 -8.85 -30.71 -17.91
N VAL B 292 -8.51 -29.62 -18.57
CA VAL B 292 -7.56 -29.61 -19.68
C VAL B 292 -6.25 -29.00 -19.20
N SER B 293 -5.15 -29.69 -19.45
CA SER B 293 -3.81 -29.21 -19.13
C SER B 293 -2.93 -29.32 -20.36
N VAL B 294 -2.31 -28.21 -20.75
CA VAL B 294 -1.41 -28.15 -21.90
C VAL B 294 0.01 -27.98 -21.38
N LEU B 295 0.93 -28.77 -21.93
CA LEU B 295 2.32 -28.77 -21.46
C LEU B 295 3.25 -28.61 -22.65
N PRO B 296 4.20 -27.67 -22.61
CA PRO B 296 5.10 -27.47 -23.75
C PRO B 296 6.28 -28.43 -23.75
N THR B 297 6.14 -29.57 -24.44
CA THR B 297 7.26 -30.47 -24.60
C THR B 297 8.13 -30.01 -25.76
N LEU B 298 9.25 -30.70 -25.95
CA LEU B 298 10.23 -30.25 -26.95
C LEU B 298 9.73 -30.47 -28.37
N PHE B 299 8.85 -31.44 -28.59
CA PHE B 299 8.34 -31.74 -29.93
C PHE B 299 6.87 -31.40 -30.07
N GLY B 300 6.41 -30.37 -29.37
CA GLY B 300 5.04 -29.92 -29.44
C GLY B 300 4.37 -29.91 -28.08
N GLU B 301 3.15 -29.40 -28.07
CA GLU B 301 2.36 -29.33 -26.85
C GLU B 301 1.72 -30.69 -26.58
N LYS B 302 1.86 -31.17 -25.34
CA LYS B 302 1.14 -32.33 -24.86
C LYS B 302 -0.07 -31.86 -24.06
N VAL B 303 -1.23 -32.43 -24.34
CA VAL B 303 -2.47 -32.06 -23.68
C VAL B 303 -2.97 -33.25 -22.88
N VAL B 304 -3.37 -33.00 -21.64
CA VAL B 304 -3.99 -34.00 -20.78
C VAL B 304 -5.39 -33.53 -20.44
N LEU B 305 -6.37 -34.43 -20.63
CA LEU B 305 -7.75 -34.18 -20.28
C LEU B 305 -8.15 -35.17 -19.20
N ARG B 306 -8.57 -34.65 -18.05
CA ARG B 306 -8.94 -35.47 -16.90
C ARG B 306 -10.44 -35.34 -16.66
N LEU B 307 -11.14 -36.47 -16.67
CA LEU B 307 -12.58 -36.45 -16.45
C LEU B 307 -12.90 -36.19 -14.99
N LEU B 308 -13.98 -35.46 -14.75
CA LEU B 308 -14.36 -35.07 -13.40
C LEU B 308 -15.48 -35.96 -12.86
N LEU B 313 -21.90 -35.74 -4.65
CA LEU B 313 -21.32 -34.98 -3.56
C LEU B 313 -22.26 -34.93 -2.36
N GLN B 314 -21.68 -34.96 -1.16
CA GLN B 314 -22.46 -34.85 0.07
C GLN B 314 -22.64 -33.39 0.44
N LEU B 315 -23.86 -33.04 0.84
CA LEU B 315 -24.20 -31.65 1.15
C LEU B 315 -24.71 -31.47 2.57
N ASP B 316 -24.68 -32.52 3.39
CA ASP B 316 -24.98 -32.37 4.81
C ASP B 316 -23.81 -31.66 5.48
N MET B 317 -24.07 -30.44 5.97
CA MET B 317 -23.02 -29.68 6.64
C MET B 317 -22.41 -30.46 7.80
N THR B 318 -23.20 -31.32 8.43
CA THR B 318 -22.70 -32.21 9.48
C THR B 318 -21.77 -33.28 8.94
N LYS B 319 -21.83 -33.58 7.64
CA LYS B 319 -21.02 -34.62 7.03
C LYS B 319 -19.76 -34.07 6.35
N LEU B 320 -19.48 -32.78 6.51
CA LEU B 320 -18.33 -32.17 5.86
C LEU B 320 -17.07 -32.18 6.70
N GLY B 321 -17.17 -32.54 7.98
CA GLY B 321 -16.00 -32.63 8.84
C GLY B 321 -15.74 -31.44 9.74
N TYR B 322 -16.71 -30.54 9.88
CA TYR B 322 -16.54 -29.41 10.79
C TYR B 322 -16.58 -29.88 12.24
N GLU B 323 -15.63 -29.39 13.04
CA GLU B 323 -15.69 -29.61 14.48
C GLU B 323 -16.92 -28.89 15.04
N PRO B 324 -17.43 -29.36 16.19
CA PRO B 324 -18.67 -28.76 16.72
C PRO B 324 -18.60 -27.25 16.92
N ASP B 325 -17.50 -26.73 17.44
CA ASP B 325 -17.36 -25.29 17.58
C ASP B 325 -17.37 -24.61 16.21
N ALA B 326 -16.57 -25.13 15.27
CA ALA B 326 -16.50 -24.53 13.94
C ALA B 326 -17.86 -24.60 13.24
N LEU B 327 -18.57 -25.73 13.37
CA LEU B 327 -19.89 -25.84 12.76
C LEU B 327 -20.87 -24.88 13.39
N HIS B 328 -20.76 -24.65 14.70
CA HIS B 328 -21.64 -23.70 15.37
C HIS B 328 -21.41 -22.28 14.86
N TYR B 329 -20.15 -21.87 14.71
CA TYR B 329 -19.86 -20.54 14.18
C TYR B 329 -20.35 -20.39 12.75
N PHE B 330 -20.16 -21.42 11.93
CA PHE B 330 -20.55 -21.35 10.53
C PHE B 330 -22.06 -21.24 10.39
N LYS B 331 -22.80 -22.08 11.12
CA LYS B 331 -24.26 -22.03 11.05
C LYS B 331 -24.80 -20.69 11.56
N GLU B 332 -24.20 -20.15 12.63
CA GLU B 332 -24.65 -18.88 13.17
C GLU B 332 -24.43 -17.75 12.17
N ALA B 333 -23.32 -17.82 11.41
CA ALA B 333 -23.01 -16.75 10.48
C ALA B 333 -23.96 -16.73 9.29
N ILE B 334 -24.25 -17.89 8.71
CA ILE B 334 -25.10 -17.95 7.53
C ILE B 334 -26.57 -17.72 7.87
N HIS B 335 -26.96 -17.90 9.14
CA HIS B 335 -28.34 -17.69 9.56
C HIS B 335 -28.61 -16.28 10.04
N LYS B 336 -27.63 -15.38 9.98
CA LYS B 336 -27.90 -13.99 10.28
C LYS B 336 -28.58 -13.32 9.09
N PRO B 337 -29.42 -12.32 9.34
CA PRO B 337 -30.19 -11.72 8.22
C PRO B 337 -29.34 -10.99 7.20
N PHE B 338 -28.11 -10.60 7.54
CA PHE B 338 -27.25 -9.90 6.61
C PHE B 338 -25.80 -10.09 7.04
N GLY B 339 -24.89 -9.52 6.26
CA GLY B 339 -23.47 -9.69 6.46
C GLY B 339 -22.85 -10.56 5.38
N MET B 340 -21.52 -10.67 5.46
CA MET B 340 -20.74 -11.37 4.45
C MET B 340 -20.05 -12.57 5.06
N VAL B 341 -20.09 -13.69 4.33
CA VAL B 341 -19.40 -14.92 4.72
C VAL B 341 -18.46 -15.29 3.58
N LEU B 342 -17.18 -15.41 3.88
CA LEU B 342 -16.14 -15.66 2.89
C LEU B 342 -15.52 -17.02 3.13
N VAL B 343 -15.58 -17.90 2.12
CA VAL B 343 -15.01 -19.24 2.18
C VAL B 343 -13.75 -19.22 1.32
N THR B 344 -12.59 -19.34 1.97
CA THR B 344 -11.31 -19.16 1.30
C THR B 344 -10.54 -20.48 1.24
N GLY B 345 -9.61 -20.54 0.29
CA GLY B 345 -8.79 -21.71 0.07
C GLY B 345 -8.29 -21.78 -1.35
N PRO B 346 -7.35 -22.67 -1.62
CA PRO B 346 -6.82 -22.81 -2.98
C PRO B 346 -7.78 -23.61 -3.86
N THR B 347 -7.37 -23.81 -5.11
CA THR B 347 -8.14 -24.63 -6.03
C THR B 347 -8.14 -26.08 -5.58
N GLY B 348 -9.34 -26.66 -5.51
CA GLY B 348 -9.50 -28.04 -5.07
C GLY B 348 -9.60 -28.23 -3.58
N SER B 349 -9.96 -27.20 -2.82
CA SER B 349 -9.94 -27.26 -1.37
C SER B 349 -11.31 -27.46 -0.74
N GLY B 350 -12.36 -27.56 -1.53
CA GLY B 350 -13.70 -27.79 -1.01
C GLY B 350 -14.56 -26.56 -0.85
N LYS B 351 -14.13 -25.40 -1.36
CA LYS B 351 -14.86 -24.16 -1.11
C LYS B 351 -16.26 -24.20 -1.72
N THR B 352 -16.35 -24.58 -3.00
CA THR B 352 -17.65 -24.62 -3.66
C THR B 352 -18.60 -25.58 -2.96
N VAL B 353 -18.09 -26.72 -2.50
CA VAL B 353 -18.90 -27.66 -1.73
C VAL B 353 -19.38 -27.01 -0.43
N SER B 354 -18.50 -26.29 0.26
CA SER B 354 -18.88 -25.63 1.50
C SER B 354 -19.90 -24.53 1.25
N LEU B 355 -19.74 -23.76 0.17
CA LEU B 355 -20.72 -22.74 -0.17
C LEU B 355 -22.06 -23.37 -0.55
N TYR B 356 -22.03 -24.42 -1.38
CA TYR B 356 -23.26 -25.09 -1.77
C TYR B 356 -23.96 -25.72 -0.56
N SER B 357 -23.18 -26.23 0.40
CA SER B 357 -23.78 -26.76 1.62
C SER B 357 -24.51 -25.67 2.39
N ALA B 358 -23.94 -24.47 2.45
CA ALA B 358 -24.61 -23.36 3.11
C ALA B 358 -25.88 -22.95 2.36
N LEU B 359 -25.83 -22.96 1.04
CA LEU B 359 -27.01 -22.61 0.26
C LEU B 359 -28.13 -23.63 0.45
N GLY B 360 -27.77 -24.91 0.54
CA GLY B 360 -28.77 -25.93 0.82
C GLY B 360 -29.43 -25.74 2.18
N GLU B 361 -28.63 -25.39 3.18
CA GLU B 361 -29.17 -25.13 4.51
C GLU B 361 -30.16 -23.97 4.50
N LEU B 362 -29.96 -22.99 3.60
CA LEU B 362 -30.79 -21.79 3.55
C LEU B 362 -31.90 -21.86 2.53
N ASN B 363 -31.86 -22.82 1.61
CA ASN B 363 -32.80 -22.85 0.49
C ASN B 363 -34.21 -23.20 0.94
N LYS B 364 -35.01 -22.18 1.24
CA LYS B 364 -36.40 -22.34 1.62
C LYS B 364 -37.26 -21.41 0.79
N THR B 365 -38.53 -21.79 0.60
CA THR B 365 -39.43 -21.03 -0.26
C THR B 365 -39.69 -19.62 0.23
N THR B 366 -39.29 -19.29 1.45
CA THR B 366 -39.53 -17.98 2.03
C THR B 366 -38.48 -16.94 1.64
N GLU B 367 -37.36 -17.36 1.06
CA GLU B 367 -36.27 -16.44 0.75
C GLU B 367 -35.88 -16.54 -0.71
N ASN B 368 -35.33 -15.45 -1.23
CA ASN B 368 -34.86 -15.36 -2.61
C ASN B 368 -33.34 -15.48 -2.61
N ILE B 369 -32.84 -16.59 -3.14
CA ILE B 369 -31.41 -16.84 -3.24
C ILE B 369 -31.00 -16.67 -4.70
N SER B 370 -29.93 -15.92 -4.93
CA SER B 370 -29.43 -15.67 -6.27
C SER B 370 -27.91 -15.81 -6.29
N THR B 371 -27.39 -16.48 -7.31
CA THR B 371 -25.96 -16.75 -7.41
C THR B 371 -25.42 -16.29 -8.75
N ALA B 372 -24.15 -15.87 -8.74
CA ALA B 372 -23.40 -15.55 -9.94
C ALA B 372 -22.15 -16.41 -9.93
N GLU B 373 -22.04 -17.34 -10.88
CA GLU B 373 -21.00 -18.35 -10.87
C GLU B 373 -20.29 -18.42 -12.22
N ASP B 374 -19.01 -18.78 -12.17
CA ASP B 374 -18.19 -18.87 -13.37
C ASP B 374 -17.34 -20.14 -13.33
N PRO B 375 -17.90 -21.28 -13.75
CA PRO B 375 -19.29 -21.45 -14.19
C PRO B 375 -20.19 -21.98 -13.08
N VAL B 376 -21.44 -22.30 -13.42
CA VAL B 376 -22.36 -22.90 -12.44
C VAL B 376 -22.03 -24.38 -12.32
N GLU B 377 -21.62 -24.80 -11.12
CA GLU B 377 -21.12 -26.15 -10.94
C GLU B 377 -22.25 -27.17 -10.83
N PHE B 378 -23.34 -26.83 -10.14
CA PHE B 378 -24.43 -27.77 -9.92
C PHE B 378 -25.74 -27.01 -9.90
N ASN B 379 -26.80 -27.63 -10.43
CA ASN B 379 -28.12 -27.02 -10.50
C ASN B 379 -28.90 -27.30 -9.22
N PHE B 380 -29.57 -26.27 -8.71
CA PHE B 380 -30.38 -26.39 -7.50
C PHE B 380 -31.75 -25.79 -7.77
N ALA B 381 -32.79 -26.60 -7.60
CA ALA B 381 -34.15 -26.10 -7.73
C ALA B 381 -34.46 -25.14 -6.59
N GLY B 382 -34.99 -23.96 -6.94
CA GLY B 382 -35.28 -22.94 -5.97
C GLY B 382 -34.22 -21.88 -5.79
N ILE B 383 -33.08 -22.02 -6.46
CA ILE B 383 -32.00 -21.04 -6.41
C ILE B 383 -31.80 -20.49 -7.82
N ASN B 384 -31.80 -19.16 -7.94
CA ASN B 384 -31.68 -18.49 -9.23
C ASN B 384 -30.20 -18.31 -9.54
N GLN B 385 -29.68 -19.16 -10.42
CA GLN B 385 -28.26 -19.24 -10.70
C GLN B 385 -27.97 -18.59 -12.05
N VAL B 386 -27.04 -17.64 -12.05
CA VAL B 386 -26.63 -16.93 -13.27
C VAL B 386 -25.18 -17.29 -13.55
N GLN B 387 -24.92 -17.73 -14.78
CA GLN B 387 -23.58 -18.08 -15.22
C GLN B 387 -22.95 -16.89 -15.94
N MET B 388 -21.66 -16.69 -15.70
CA MET B 388 -20.97 -15.50 -16.19
C MET B 388 -20.56 -15.67 -17.65
N HIS B 389 -20.69 -14.58 -18.41
CA HIS B 389 -20.44 -14.54 -19.85
C HIS B 389 -19.63 -13.27 -20.10
N GLU B 390 -18.33 -13.32 -19.77
CA GLU B 390 -17.49 -12.13 -19.81
C GLU B 390 -17.45 -11.49 -21.19
N ASP B 391 -17.54 -12.30 -22.25
CA ASP B 391 -17.45 -11.74 -23.60
C ASP B 391 -18.57 -10.75 -23.88
N ILE B 392 -19.79 -11.04 -23.40
CA ILE B 392 -20.93 -10.18 -23.68
C ILE B 392 -21.16 -9.14 -22.59
N GLY B 393 -20.27 -9.07 -21.59
CA GLY B 393 -20.38 -8.08 -20.53
C GLY B 393 -21.06 -8.54 -19.26
N LEU B 394 -21.40 -9.83 -19.17
CA LEU B 394 -22.05 -10.37 -17.97
C LEU B 394 -20.96 -10.92 -17.06
N ASN B 395 -20.47 -10.08 -16.16
CA ASN B 395 -19.47 -10.46 -15.17
C ASN B 395 -20.06 -10.32 -13.77
N PHE B 396 -19.23 -10.61 -12.77
CA PHE B 396 -19.69 -10.62 -11.38
C PHE B 396 -20.25 -9.26 -10.97
N ALA B 397 -19.64 -8.17 -11.44
CA ALA B 397 -20.09 -6.84 -11.05
C ALA B 397 -21.46 -6.53 -11.66
N ALA B 398 -21.62 -6.81 -12.96
CA ALA B 398 -22.89 -6.54 -13.62
C ALA B 398 -24.01 -7.38 -13.03
N ALA B 399 -23.71 -8.63 -12.65
CA ALA B 399 -24.72 -9.49 -12.06
C ALA B 399 -25.09 -9.03 -10.66
N LEU B 400 -24.11 -8.55 -9.89
CA LEU B 400 -24.38 -8.03 -8.55
C LEU B 400 -25.33 -6.85 -8.60
N ARG B 401 -25.10 -5.92 -9.53
CA ARG B 401 -25.96 -4.75 -9.63
C ARG B 401 -27.37 -5.13 -10.04
N SER B 402 -27.51 -6.14 -10.90
CA SER B 402 -28.84 -6.63 -11.24
C SER B 402 -29.51 -7.28 -10.03
N PHE B 403 -28.75 -8.02 -9.23
CA PHE B 403 -29.29 -8.64 -8.03
C PHE B 403 -29.90 -7.60 -7.09
N LEU B 404 -29.26 -6.44 -6.95
CA LEU B 404 -29.76 -5.41 -6.05
C LEU B 404 -31.12 -4.87 -6.48
N ARG B 405 -31.51 -5.08 -7.74
CA ARG B 405 -32.81 -4.67 -8.23
C ARG B 405 -33.79 -5.84 -8.31
N GLN B 406 -33.41 -7.01 -7.81
CA GLN B 406 -34.21 -8.22 -7.93
C GLN B 406 -34.85 -8.64 -6.61
N ASP B 407 -34.93 -7.73 -5.64
CA ASP B 407 -35.49 -8.02 -4.33
C ASP B 407 -34.84 -9.25 -3.69
N PRO B 408 -33.53 -9.21 -3.43
CA PRO B 408 -32.84 -10.40 -2.95
C PRO B 408 -32.82 -10.49 -1.43
N ASP B 409 -32.59 -11.71 -0.96
CA ASP B 409 -32.30 -11.96 0.45
C ASP B 409 -30.92 -12.53 0.68
N ILE B 410 -30.49 -13.47 -0.16
CA ILE B 410 -29.19 -14.11 -0.06
C ILE B 410 -28.52 -14.02 -1.42
N ILE B 411 -27.28 -13.54 -1.45
CA ILE B 411 -26.51 -13.39 -2.68
C ILE B 411 -25.24 -14.21 -2.56
N MET B 412 -24.95 -15.01 -3.57
CA MET B 412 -23.74 -15.80 -3.63
C MET B 412 -22.93 -15.37 -4.85
N ILE B 413 -21.68 -14.96 -4.63
CA ILE B 413 -20.76 -14.61 -5.70
C ILE B 413 -19.68 -15.68 -5.75
N GLY B 414 -19.38 -16.15 -6.96
CA GLY B 414 -18.40 -17.22 -7.11
C GLY B 414 -17.06 -16.87 -6.51
N GLU B 415 -16.62 -15.63 -6.69
CA GLU B 415 -15.32 -15.22 -6.18
C GLU B 415 -15.23 -13.70 -6.15
N ILE B 416 -14.54 -13.18 -5.15
CA ILE B 416 -14.14 -11.78 -5.11
C ILE B 416 -12.73 -11.69 -5.71
N ARG B 417 -12.64 -11.13 -6.91
CA ARG B 417 -11.38 -11.04 -7.63
C ARG B 417 -10.77 -9.66 -7.64
N ASP B 418 -11.59 -8.62 -7.79
CA ASP B 418 -11.12 -7.25 -7.94
C ASP B 418 -11.90 -6.34 -7.01
N PHE B 419 -11.48 -5.07 -6.95
CA PHE B 419 -12.10 -4.12 -6.04
C PHE B 419 -13.52 -3.76 -6.46
N GLU B 420 -13.78 -3.72 -7.77
CA GLU B 420 -15.13 -3.38 -8.24
C GLU B 420 -16.16 -4.37 -7.69
N THR B 421 -15.85 -5.66 -7.77
CA THR B 421 -16.74 -6.68 -7.23
C THR B 421 -16.80 -6.61 -5.70
N ALA B 422 -15.66 -6.35 -5.07
CA ALA B 422 -15.63 -6.29 -3.61
C ALA B 422 -16.48 -5.14 -3.07
N GLU B 423 -16.38 -3.96 -3.70
CA GLU B 423 -17.12 -2.81 -3.20
C GLU B 423 -18.62 -3.03 -3.28
N ILE B 424 -19.10 -3.61 -4.39
CA ILE B 424 -20.53 -3.87 -4.54
C ILE B 424 -20.99 -4.93 -3.54
N ALA B 425 -20.20 -5.99 -3.38
CA ALA B 425 -20.55 -7.04 -2.43
C ALA B 425 -20.56 -6.51 -1.01
N ILE B 426 -19.54 -5.72 -0.64
CA ILE B 426 -19.49 -5.14 0.69
C ILE B 426 -20.72 -4.27 0.95
N LYS B 427 -21.08 -3.44 -0.02
CA LYS B 427 -22.27 -2.61 0.11
C LYS B 427 -23.52 -3.45 0.30
N ALA B 428 -23.67 -4.51 -0.51
CA ALA B 428 -24.84 -5.37 -0.41
C ALA B 428 -24.95 -6.00 0.97
N ALA B 429 -23.80 -6.40 1.56
CA ALA B 429 -23.84 -6.98 2.89
C ALA B 429 -24.27 -5.96 3.94
N LEU B 430 -23.87 -4.70 3.78
CA LEU B 430 -24.18 -3.68 4.77
C LEU B 430 -25.58 -3.10 4.60
N THR B 431 -26.17 -3.19 3.41
CA THR B 431 -27.53 -2.69 3.22
C THR B 431 -28.59 -3.66 3.71
N GLY B 432 -28.22 -4.88 4.06
CA GLY B 432 -29.18 -5.81 4.65
C GLY B 432 -29.34 -7.13 3.93
N HIS B 433 -28.34 -7.52 3.16
CA HIS B 433 -28.38 -8.78 2.41
C HIS B 433 -27.28 -9.71 2.89
N LEU B 434 -27.56 -11.02 2.85
CA LEU B 434 -26.58 -12.04 3.20
C LEU B 434 -25.78 -12.38 1.95
N VAL B 435 -24.46 -12.13 1.99
CA VAL B 435 -23.58 -12.32 0.85
C VAL B 435 -22.58 -13.41 1.18
N LEU B 436 -22.48 -14.39 0.28
CA LEU B 436 -21.50 -15.47 0.38
C LEU B 436 -20.58 -15.42 -0.82
N SER B 437 -19.28 -15.60 -0.59
CA SER B 437 -18.32 -15.52 -1.69
C SER B 437 -17.05 -16.28 -1.31
N THR B 438 -16.02 -16.15 -2.15
CA THR B 438 -14.82 -16.96 -2.10
C THR B 438 -13.61 -16.11 -2.46
N LEU B 439 -12.49 -16.36 -1.78
CA LEU B 439 -11.20 -15.79 -2.14
C LEU B 439 -10.14 -16.88 -2.09
N HIS B 440 -9.11 -16.73 -2.91
CA HIS B 440 -7.94 -17.61 -2.85
C HIS B 440 -6.91 -16.93 -1.96
N THR B 441 -6.84 -17.36 -0.70
CA THR B 441 -5.92 -16.80 0.28
C THR B 441 -5.24 -17.93 1.04
N ASN B 442 -4.26 -17.54 1.87
CA ASN B 442 -3.47 -18.52 2.61
C ASN B 442 -4.22 -19.05 3.81
N ASP B 443 -4.94 -18.18 4.53
CA ASP B 443 -5.71 -18.58 5.70
C ASP B 443 -6.79 -17.54 5.94
N ALA B 444 -7.53 -17.69 7.04
CA ALA B 444 -8.60 -16.75 7.34
C ALA B 444 -8.08 -15.37 7.72
N PRO B 445 -7.10 -15.22 8.62
CA PRO B 445 -6.61 -13.87 8.92
C PRO B 445 -6.02 -13.15 7.72
N ALA B 446 -5.36 -13.87 6.81
CA ALA B 446 -4.76 -13.25 5.64
C ALA B 446 -5.81 -12.73 4.66
N THR B 447 -7.05 -13.19 4.77
CA THR B 447 -8.10 -12.69 3.88
C THR B 447 -8.40 -11.23 4.14
N ILE B 448 -8.28 -10.78 5.40
CA ILE B 448 -8.50 -9.37 5.72
C ILE B 448 -7.49 -8.50 4.99
N ASN B 449 -6.21 -8.87 5.06
CA ASN B 449 -5.18 -8.07 4.40
C ASN B 449 -5.36 -8.08 2.88
N ARG B 450 -5.96 -9.14 2.34
CA ARG B 450 -6.22 -9.20 0.91
C ARG B 450 -7.30 -8.20 0.51
N LEU B 451 -8.35 -8.07 1.31
CA LEU B 451 -9.41 -7.10 1.00
C LEU B 451 -8.89 -5.67 1.10
N LEU B 452 -8.04 -5.40 2.09
CA LEU B 452 -7.48 -4.06 2.24
C LEU B 452 -6.59 -3.70 1.05
N ASN B 453 -5.78 -4.65 0.59
CA ASN B 453 -4.90 -4.39 -0.55
C ASN B 453 -5.68 -4.15 -1.83
N MET B 454 -6.87 -4.74 -1.94
CA MET B 454 -7.73 -4.43 -3.09
C MET B 454 -8.27 -3.00 -3.02
N GLY B 455 -8.33 -2.41 -1.83
CA GLY B 455 -8.73 -1.02 -1.71
C GLY B 455 -9.97 -0.82 -0.85
N VAL B 456 -10.40 -1.86 -0.15
CA VAL B 456 -11.58 -1.76 0.69
C VAL B 456 -11.21 -1.07 2.00
N GLU B 457 -12.07 -0.15 2.44
CA GLU B 457 -11.82 0.57 3.68
C GLU B 457 -11.78 -0.40 4.85
N PRO B 458 -10.92 -0.18 5.84
CA PRO B 458 -10.88 -1.11 6.99
C PRO B 458 -12.17 -1.15 7.77
N PHE B 459 -12.86 -0.02 7.92
CA PHE B 459 -14.10 -0.03 8.69
C PHE B 459 -15.21 -0.76 7.96
N LEU B 460 -15.14 -0.83 6.62
CA LEU B 460 -16.11 -1.62 5.87
C LEU B 460 -15.84 -3.11 6.04
N VAL B 461 -14.57 -3.51 6.06
CA VAL B 461 -14.24 -4.91 6.29
C VAL B 461 -14.73 -5.37 7.65
N ALA B 462 -14.50 -4.55 8.69
CA ALA B 462 -14.87 -4.94 10.04
C ALA B 462 -16.38 -4.97 10.22
N SER B 463 -17.12 -4.12 9.50
CA SER B 463 -18.56 -4.05 9.68
C SER B 463 -19.31 -5.05 8.82
N ALA B 464 -18.87 -5.26 7.57
CA ALA B 464 -19.65 -6.06 6.64
C ALA B 464 -19.43 -7.56 6.82
N VAL B 465 -18.22 -7.98 7.18
CA VAL B 465 -17.88 -9.40 7.23
C VAL B 465 -18.29 -9.98 8.58
N ASN B 466 -19.01 -11.10 8.54
CA ASN B 466 -19.39 -11.81 9.75
C ASN B 466 -18.52 -13.02 10.04
N LEU B 467 -17.91 -13.61 9.01
CA LEU B 467 -17.18 -14.85 9.18
C LEU B 467 -16.27 -15.08 7.98
N ILE B 468 -15.05 -15.49 8.27
CA ILE B 468 -14.08 -15.89 7.25
C ILE B 468 -13.64 -17.31 7.57
N THR B 469 -13.72 -18.19 6.57
CA THR B 469 -13.26 -19.56 6.72
C THR B 469 -12.11 -19.83 5.76
N ALA B 470 -11.16 -20.64 6.21
CA ALA B 470 -10.11 -21.19 5.37
C ALA B 470 -10.16 -22.70 5.49
N GLN B 471 -9.85 -23.38 4.39
CA GLN B 471 -9.97 -24.83 4.41
C GLN B 471 -9.00 -25.47 3.44
N ARG B 472 -8.65 -26.72 3.76
CA ARG B 472 -7.83 -27.57 2.94
C ARG B 472 -8.41 -28.97 2.97
N LEU B 473 -8.17 -29.74 1.91
CA LEU B 473 -8.63 -31.11 1.82
C LEU B 473 -7.46 -32.06 2.02
N ALA B 474 -7.63 -33.02 2.93
CA ALA B 474 -6.65 -34.05 3.17
C ALA B 474 -7.25 -35.40 2.83
N ARG B 475 -6.38 -36.40 2.70
CA ARG B 475 -6.80 -37.75 2.40
C ARG B 475 -7.11 -38.50 3.70
N ARG B 476 -8.20 -39.27 3.67
CA ARG B 476 -8.62 -40.05 4.82
C ARG B 476 -7.91 -41.40 4.81
N VAL B 477 -7.41 -41.80 5.99
CA VAL B 477 -6.70 -43.07 6.10
C VAL B 477 -7.66 -44.22 5.81
N CYS B 478 -7.18 -45.22 5.11
CA CYS B 478 -8.00 -46.39 4.79
C CYS B 478 -8.40 -47.10 6.08
N SER B 479 -9.70 -47.25 6.30
CA SER B 479 -10.20 -47.88 7.51
C SER B 479 -9.88 -49.37 7.57
N GLU B 480 -9.47 -49.97 6.45
CA GLU B 480 -9.25 -51.42 6.39
C GLU B 480 -7.81 -51.81 6.74
N CYS B 481 -6.82 -51.01 6.34
CA CYS B 481 -5.42 -51.35 6.57
C CYS B 481 -4.72 -50.35 7.49
N LYS B 482 -5.47 -49.52 8.21
CA LYS B 482 -4.88 -48.55 9.11
C LYS B 482 -4.19 -49.24 10.28
N GLN B 483 -3.01 -48.76 10.64
CA GLN B 483 -2.24 -49.29 11.75
C GLN B 483 -1.60 -48.15 12.52
N PRO B 484 -1.38 -48.31 13.82
CA PRO B 484 -0.68 -47.28 14.58
C PRO B 484 0.75 -47.11 14.08
N GLU B 485 1.21 -45.86 14.07
CA GLU B 485 2.53 -45.51 13.56
C GLU B 485 3.38 -44.96 14.70
N GLU B 486 4.63 -45.42 14.78
CA GLU B 486 5.55 -44.97 15.82
C GLU B 486 6.05 -43.58 15.47
N ILE B 487 5.61 -42.58 16.23
CA ILE B 487 6.04 -41.20 16.03
C ILE B 487 6.51 -40.64 17.36
N PRO B 488 7.73 -40.12 17.47
CA PRO B 488 8.17 -39.54 18.74
C PRO B 488 7.28 -38.40 19.17
N ILE B 489 7.10 -38.28 20.49
CA ILE B 489 6.21 -37.25 21.02
C ILE B 489 6.75 -35.86 20.72
N GLN B 490 8.07 -35.69 20.68
CA GLN B 490 8.63 -34.37 20.44
C GLN B 490 8.31 -33.89 19.02
N ALA B 491 8.25 -34.80 18.07
CA ALA B 491 7.88 -34.42 16.71
C ALA B 491 6.42 -33.97 16.64
N LEU B 492 5.55 -34.56 17.46
CA LEU B 492 4.17 -34.11 17.51
C LEU B 492 4.06 -32.74 18.17
N ILE B 493 4.87 -32.50 19.20
CA ILE B 493 4.85 -31.22 19.89
C ILE B 493 5.38 -30.10 18.99
N ASP B 494 6.45 -30.39 18.24
CA ASP B 494 6.99 -29.40 17.32
C ASP B 494 5.98 -29.01 16.25
N ALA B 495 5.05 -29.91 15.91
CA ALA B 495 4.02 -29.63 14.93
C ALA B 495 2.82 -28.87 15.50
N GLY B 496 2.71 -28.76 16.83
CA GLY B 496 1.65 -27.98 17.42
C GLY B 496 0.84 -28.66 18.50
N VAL B 497 1.12 -29.94 18.77
CA VAL B 497 0.41 -30.67 19.81
C VAL B 497 0.92 -30.22 21.18
N SER B 498 -0.01 -30.07 22.12
CA SER B 498 0.36 -29.66 23.46
C SER B 498 1.12 -30.78 24.16
N PRO B 499 2.05 -30.43 25.06
CA PRO B 499 2.90 -31.47 25.69
C PRO B 499 2.14 -32.50 26.50
N ASP B 500 0.99 -32.14 27.09
CA ASP B 500 0.26 -33.12 27.89
C ASP B 500 -0.59 -34.05 27.02
N GLU B 501 -1.02 -33.58 25.85
CA GLU B 501 -1.82 -34.42 24.96
C GLU B 501 -0.98 -35.34 24.09
N GLY B 502 0.31 -35.05 23.96
CA GLY B 502 1.21 -35.79 23.10
C GLY B 502 1.21 -37.29 23.32
N PRO B 503 1.50 -37.73 24.55
CA PRO B 503 1.53 -39.18 24.83
C PRO B 503 0.22 -39.88 24.55
N SER B 504 -0.91 -39.17 24.52
CA SER B 504 -2.19 -39.80 24.25
C SER B 504 -2.48 -39.99 22.76
N TYR B 505 -1.74 -39.32 21.89
CA TYR B 505 -2.00 -39.40 20.46
C TYR B 505 -1.66 -40.79 19.93
N VAL B 506 -2.58 -41.35 19.14
CA VAL B 506 -2.37 -42.61 18.44
C VAL B 506 -2.50 -42.30 16.95
N CYS B 507 -1.36 -42.14 16.28
CA CYS B 507 -1.33 -41.75 14.87
C CYS B 507 -1.43 -42.98 13.99
N TYR B 508 -2.41 -42.98 13.09
CA TYR B 508 -2.65 -44.11 12.21
C TYR B 508 -2.09 -43.83 10.82
N LYS B 509 -1.67 -44.91 10.15
CA LYS B 509 -1.20 -44.86 8.78
C LYS B 509 -1.59 -46.16 8.09
N GLY B 510 -2.18 -46.05 6.90
CA GLY B 510 -2.59 -47.23 6.16
C GLY B 510 -1.39 -47.92 5.53
N THR B 511 -1.32 -49.24 5.70
CA THR B 511 -0.24 -50.01 5.08
C THR B 511 -0.45 -50.19 3.59
N GLY B 512 -1.67 -50.02 3.10
CA GLY B 512 -1.96 -50.24 1.70
C GLY B 512 -2.56 -51.60 1.43
N CYS B 513 -3.88 -51.65 1.25
CA CYS B 513 -4.59 -52.88 0.95
C CYS B 513 -5.22 -52.77 -0.44
N VAL B 514 -6.01 -53.78 -0.81
CA VAL B 514 -6.61 -53.80 -2.13
C VAL B 514 -7.78 -52.83 -2.25
N LYS B 515 -8.41 -52.45 -1.14
CA LYS B 515 -9.53 -51.52 -1.19
C LYS B 515 -9.09 -50.06 -1.21
N CYS B 516 -7.78 -49.79 -1.09
CA CYS B 516 -7.25 -48.43 -1.21
C CYS B 516 -6.18 -48.34 -2.30
N ASN B 517 -6.14 -49.32 -3.20
CA ASN B 517 -5.18 -49.36 -4.31
C ASN B 517 -3.74 -49.28 -3.82
N ASN B 518 -3.47 -49.88 -2.66
CA ASN B 518 -2.15 -49.91 -2.04
C ASN B 518 -1.62 -48.52 -1.73
N THR B 519 -2.51 -47.54 -1.57
CA THR B 519 -2.12 -46.19 -1.21
C THR B 519 -2.22 -45.91 0.28
N GLY B 520 -3.01 -46.70 1.01
CA GLY B 520 -3.24 -46.45 2.42
C GLY B 520 -4.30 -45.39 2.70
N TYR B 521 -4.92 -44.81 1.68
CA TYR B 521 -5.92 -43.77 1.85
C TYR B 521 -7.15 -44.09 1.01
N LYS B 522 -8.31 -43.69 1.54
CA LYS B 522 -9.57 -43.77 0.80
C LYS B 522 -10.50 -42.70 1.34
N GLY B 523 -10.94 -41.79 0.46
CA GLY B 523 -11.77 -40.69 0.89
C GLY B 523 -10.97 -39.46 1.23
N ARG B 524 -11.69 -38.43 1.68
CA ARG B 524 -11.09 -37.14 1.97
C ARG B 524 -11.56 -36.63 3.32
N VAL B 525 -10.77 -35.73 3.90
CA VAL B 525 -11.06 -35.08 5.17
C VAL B 525 -10.79 -33.59 5.02
N GLY B 526 -11.66 -32.76 5.59
CA GLY B 526 -11.50 -31.32 5.53
C GLY B 526 -10.87 -30.78 6.80
N PHE B 527 -9.90 -29.89 6.62
CA PHE B 527 -9.28 -29.13 7.71
C PHE B 527 -9.77 -27.69 7.61
N TYR B 528 -10.50 -27.23 8.61
CA TYR B 528 -11.17 -25.93 8.54
C TYR B 528 -10.65 -24.98 9.61
N GLN B 529 -10.55 -23.70 9.24
CA GLN B 529 -10.33 -22.60 10.16
C GLN B 529 -11.55 -21.69 10.04
N VAL B 530 -12.44 -21.74 11.02
CA VAL B 530 -13.70 -21.00 10.97
C VAL B 530 -13.59 -19.85 11.97
N MET B 531 -13.35 -18.65 11.45
CA MET B 531 -13.10 -17.49 12.29
C MET B 531 -14.31 -16.55 12.27
N PRO B 532 -15.07 -16.47 13.34
CA PRO B 532 -16.10 -15.42 13.42
C PRO B 532 -15.47 -14.05 13.58
N MET B 533 -16.14 -13.04 13.02
CA MET B 533 -15.67 -11.67 13.10
C MET B 533 -16.03 -11.10 14.49
N LEU B 534 -15.37 -11.66 15.51
CA LEU B 534 -15.60 -11.24 16.88
C LEU B 534 -15.19 -9.79 17.07
N GLU B 535 -15.73 -9.17 18.12
CA GLU B 535 -15.51 -7.74 18.33
C GLU B 535 -14.03 -7.43 18.56
N GLU B 536 -13.29 -8.37 19.15
CA GLU B 536 -11.85 -8.16 19.35
C GLU B 536 -11.13 -8.11 18.01
N ILE B 537 -11.51 -8.99 17.07
CA ILE B 537 -10.90 -8.95 15.74
C ILE B 537 -11.30 -7.68 15.00
N ARG B 538 -12.54 -7.22 15.19
CA ARG B 538 -12.97 -5.98 14.58
C ARG B 538 -12.15 -4.79 15.07
N GLU B 539 -11.86 -4.74 16.37
CA GLU B 539 -11.05 -3.66 16.90
C GLU B 539 -9.64 -3.68 16.33
N LEU B 540 -9.08 -4.87 16.12
CA LEU B 540 -7.75 -4.98 15.54
C LEU B 540 -7.73 -4.47 14.11
N ILE B 541 -8.76 -4.77 13.33
CA ILE B 541 -8.82 -4.28 11.95
C ILE B 541 -8.90 -2.76 11.93
N LEU B 542 -9.69 -2.18 12.83
CA LEU B 542 -9.81 -0.73 12.89
C LEU B 542 -8.51 -0.05 13.30
N ASN B 543 -7.63 -0.75 14.01
CA ASN B 543 -6.36 -0.18 14.46
C ASN B 543 -5.20 -0.52 13.54
N GLY B 544 -5.47 -1.12 12.38
CA GLY B 544 -4.41 -1.39 11.43
C GLY B 544 -3.49 -2.53 11.82
N ALA B 545 -4.00 -3.55 12.50
CA ALA B 545 -3.18 -4.69 12.86
C ALA B 545 -2.81 -5.51 11.63
N ASN B 546 -1.64 -6.14 11.68
CA ASN B 546 -1.18 -6.95 10.57
C ASN B 546 -1.78 -8.35 10.67
N THR B 547 -1.44 -9.19 9.68
CA THR B 547 -2.00 -10.54 9.64
C THR B 547 -1.57 -11.35 10.86
N ALA B 548 -0.31 -11.21 11.27
CA ALA B 548 0.20 -11.99 12.39
C ALA B 548 -0.53 -11.65 13.70
N GLU B 549 -0.79 -10.36 13.92
CA GLU B 549 -1.49 -9.96 15.14
C GLU B 549 -2.94 -10.42 15.12
N ILE B 550 -3.58 -10.44 13.96
CA ILE B 550 -4.95 -10.93 13.87
C ILE B 550 -5.00 -12.43 14.11
N LYS B 551 -4.07 -13.18 13.52
CA LYS B 551 -4.03 -14.63 13.75
C LYS B 551 -3.79 -14.95 15.21
N ARG B 552 -2.85 -14.25 15.85
CA ARG B 552 -2.55 -14.51 17.25
C ARG B 552 -3.78 -14.26 18.14
N GLU B 553 -4.56 -13.23 17.81
CA GLU B 553 -5.70 -12.89 18.65
C GLU B 553 -6.84 -13.88 18.48
N SER B 554 -7.07 -14.35 17.25
CA SER B 554 -8.13 -15.34 17.04
C SER B 554 -7.81 -16.64 17.76
N MET B 555 -6.53 -17.02 17.79
CA MET B 555 -6.13 -18.22 18.53
C MET B 555 -6.34 -18.03 20.03
N ARG B 556 -6.05 -16.83 20.53
CA ARG B 556 -6.28 -16.54 21.95
C ARG B 556 -7.75 -16.64 22.31
N LEU B 557 -8.64 -16.38 21.35
CA LEU B 557 -10.07 -16.47 21.57
C LEU B 557 -10.63 -17.86 21.36
N GLY B 558 -9.79 -18.83 20.99
CA GLY B 558 -10.22 -20.20 20.84
C GLY B 558 -10.47 -20.66 19.42
N ILE B 559 -10.17 -19.84 18.42
CA ILE B 559 -10.38 -20.22 17.03
C ILE B 559 -9.24 -21.12 16.59
N LYS B 560 -9.57 -22.36 16.23
CA LYS B 560 -8.54 -23.33 15.85
C LYS B 560 -8.08 -23.08 14.42
N THR B 561 -6.77 -23.16 14.22
CA THR B 561 -6.19 -23.02 12.89
C THR B 561 -6.37 -24.30 12.10
N MET B 562 -6.02 -24.24 10.81
CA MET B 562 -6.06 -25.44 9.97
C MET B 562 -5.09 -26.50 10.47
N ARG B 563 -3.92 -26.09 10.97
CA ARG B 563 -3.00 -27.05 11.57
C ARG B 563 -3.61 -27.70 12.81
N GLN B 564 -4.23 -26.90 13.68
CA GLN B 564 -4.84 -27.45 14.89
C GLN B 564 -6.05 -28.32 14.55
N SER B 565 -6.78 -27.98 13.48
CA SER B 565 -7.87 -28.85 13.04
C SER B 565 -7.35 -30.15 12.43
N GLY B 566 -6.20 -30.08 11.77
CA GLY B 566 -5.59 -31.30 11.26
C GLY B 566 -5.10 -32.20 12.38
N LEU B 567 -4.55 -31.61 13.43
CA LEU B 567 -4.10 -32.40 14.57
C LEU B 567 -5.28 -33.04 15.31
N THR B 568 -6.45 -32.41 15.27
CA THR B 568 -7.63 -33.03 15.84
C THR B 568 -8.04 -34.26 15.04
N LYS B 569 -8.05 -34.16 13.71
CA LYS B 569 -8.35 -35.32 12.88
C LYS B 569 -7.30 -36.41 13.04
N LEU B 570 -6.04 -36.01 13.22
CA LEU B 570 -4.98 -36.99 13.49
C LEU B 570 -5.25 -37.74 14.79
N LYS B 571 -5.71 -37.03 15.83
CA LYS B 571 -5.99 -37.67 17.10
C LYS B 571 -7.15 -38.64 16.98
N GLU B 572 -8.16 -38.31 16.17
CA GLU B 572 -9.32 -39.17 15.97
C GLU B 572 -9.05 -40.32 15.01
N GLY B 573 -7.85 -40.41 14.44
CA GLY B 573 -7.49 -41.53 13.60
C GLY B 573 -8.11 -41.55 12.22
N VAL B 574 -8.50 -40.40 11.69
CA VAL B 574 -9.09 -40.35 10.36
C VAL B 574 -8.09 -39.90 9.30
N THR B 575 -7.00 -39.24 9.69
CA THR B 575 -5.95 -38.84 8.77
C THR B 575 -4.60 -39.17 9.38
N SER B 576 -3.56 -39.06 8.57
CA SER B 576 -2.20 -39.40 8.97
C SER B 576 -1.42 -38.15 9.32
N PHE B 577 -0.26 -38.35 9.96
CA PHE B 577 0.60 -37.23 10.33
C PHE B 577 1.24 -36.58 9.12
N GLU B 578 1.56 -37.36 8.08
CA GLU B 578 2.12 -36.77 6.87
C GLU B 578 1.10 -35.90 6.13
N GLU B 579 -0.19 -36.24 6.24
CA GLU B 579 -1.21 -35.41 5.62
C GLU B 579 -1.35 -34.08 6.33
N VAL B 580 -1.21 -34.06 7.66
CA VAL B 580 -1.27 -32.82 8.41
C VAL B 580 -0.12 -31.90 8.01
N LEU B 581 1.09 -32.46 7.88
CA LEU B 581 2.25 -31.66 7.55
C LEU B 581 2.27 -31.26 6.08
N ARG B 582 1.75 -32.11 5.20
CA ARG B 582 1.75 -31.79 3.77
C ARG B 582 0.79 -30.67 3.45
N VAL B 583 -0.33 -30.60 4.15
CA VAL B 583 -1.47 -29.79 3.74
C VAL B 583 -1.59 -28.49 4.54
N THR B 584 -0.97 -28.41 5.71
CA THR B 584 -1.10 -27.24 6.58
C THR B 584 0.28 -26.71 6.95
N VAL B 585 0.31 -25.43 7.34
CA VAL B 585 1.53 -24.78 7.79
C VAL B 585 1.50 -24.70 9.31
N ALA B 586 2.69 -24.52 9.89
CA ALA B 586 2.80 -24.47 11.34
C ALA B 586 2.38 -23.11 11.88
N ASP B 587 1.96 -23.11 13.14
CA ASP B 587 1.60 -21.88 13.86
C ASP B 587 2.76 -21.43 14.74
N ASP B 588 3.86 -21.10 14.08
CA ASP B 588 5.09 -20.70 14.78
C ASP B 588 5.25 -19.19 14.77
N ASP C 200 -57.19 -10.46 -24.31
CA ASP C 200 -58.06 -11.54 -24.75
C ASP C 200 -57.32 -12.88 -24.75
N ALA C 201 -56.03 -12.84 -25.07
CA ALA C 201 -55.22 -14.05 -25.18
C ALA C 201 -55.04 -14.71 -23.82
N PRO C 202 -54.73 -16.02 -23.81
CA PRO C 202 -54.51 -16.70 -22.52
C PRO C 202 -53.39 -16.10 -21.69
N VAL C 203 -52.19 -15.94 -22.26
CA VAL C 203 -51.06 -15.44 -21.48
C VAL C 203 -51.28 -13.99 -21.08
N VAL C 204 -51.87 -13.18 -21.96
CA VAL C 204 -52.17 -11.79 -21.63
C VAL C 204 -53.05 -11.72 -20.39
N LYS C 205 -54.09 -12.56 -20.34
CA LYS C 205 -54.93 -12.62 -19.14
C LYS C 205 -54.14 -13.15 -17.95
N LEU C 206 -53.28 -14.15 -18.18
CA LEU C 206 -52.51 -14.72 -17.07
C LEU C 206 -51.54 -13.69 -16.48
N VAL C 207 -50.85 -12.94 -17.33
CA VAL C 207 -49.95 -11.91 -16.84
C VAL C 207 -50.72 -10.83 -16.10
N ASN C 208 -51.90 -10.47 -16.60
CA ASN C 208 -52.75 -9.51 -15.91
C ASN C 208 -53.21 -10.06 -14.56
N LEU C 209 -53.49 -11.36 -14.51
CA LEU C 209 -53.88 -11.96 -13.23
C LEU C 209 -52.74 -11.91 -12.23
N ILE C 210 -51.51 -12.19 -12.67
CA ILE C 210 -50.37 -12.14 -11.78
C ILE C 210 -50.18 -10.73 -11.23
N LEU C 211 -50.35 -9.72 -12.09
CA LEU C 211 -50.15 -8.34 -11.66
C LEU C 211 -51.26 -7.86 -10.74
N THR C 212 -52.52 -8.20 -11.06
CA THR C 212 -53.63 -7.74 -10.25
C THR C 212 -53.75 -8.53 -8.94
N ASP C 213 -53.47 -9.83 -8.99
CA ASP C 213 -53.55 -10.65 -7.78
C ASP C 213 -52.59 -10.17 -6.71
N ALA C 214 -51.43 -9.64 -7.11
CA ALA C 214 -50.49 -9.10 -6.14
C ALA C 214 -51.07 -7.90 -5.42
N ILE C 215 -51.81 -7.04 -6.13
CA ILE C 215 -52.47 -5.91 -5.50
C ILE C 215 -53.53 -6.40 -4.52
N LYS C 216 -54.29 -7.42 -4.91
CA LYS C 216 -55.36 -7.94 -4.06
C LYS C 216 -54.80 -8.52 -2.77
N ARG C 217 -53.66 -9.19 -2.83
CA ARG C 217 -53.06 -9.84 -1.67
C ARG C 217 -52.14 -8.92 -0.86
N LYS C 218 -52.00 -7.66 -1.28
CA LYS C 218 -51.12 -6.70 -0.62
C LYS C 218 -49.66 -7.15 -0.68
N ALA C 219 -49.26 -7.73 -1.81
CA ALA C 219 -47.87 -8.11 -2.01
C ALA C 219 -47.04 -6.90 -2.43
N SER C 220 -45.77 -6.92 -2.05
CA SER C 220 -44.85 -5.84 -2.41
C SER C 220 -43.99 -6.18 -3.62
N ASP C 221 -43.76 -7.47 -3.90
CA ASP C 221 -42.87 -7.89 -4.97
C ASP C 221 -43.43 -9.15 -5.62
N ILE C 222 -43.17 -9.29 -6.92
CA ILE C 222 -43.56 -10.47 -7.69
C ILE C 222 -42.29 -11.08 -8.27
N HIS C 223 -42.13 -12.39 -8.08
CA HIS C 223 -40.99 -13.13 -8.60
C HIS C 223 -41.48 -14.22 -9.53
N ILE C 224 -41.02 -14.18 -10.78
CA ILE C 224 -41.39 -15.16 -11.79
C ILE C 224 -40.11 -15.91 -12.16
N GLU C 225 -40.02 -17.17 -11.74
CA GLU C 225 -38.75 -17.89 -11.67
C GLU C 225 -38.83 -19.20 -12.44
N PRO C 226 -38.11 -19.33 -13.56
CA PRO C 226 -38.01 -20.64 -14.22
C PRO C 226 -36.84 -21.45 -13.69
N TYR C 227 -37.07 -22.76 -13.57
CA TYR C 227 -36.01 -23.68 -13.19
C TYR C 227 -35.94 -24.82 -14.19
N GLU C 228 -35.13 -25.83 -13.90
CA GLU C 228 -34.94 -26.91 -14.87
C GLU C 228 -36.21 -27.73 -15.06
N ARG C 229 -36.90 -28.07 -13.97
CA ARG C 229 -38.06 -28.94 -14.04
C ARG C 229 -39.33 -28.30 -13.49
N SER C 230 -39.30 -27.01 -13.15
CA SER C 230 -40.48 -26.36 -12.59
C SER C 230 -40.49 -24.89 -12.96
N PHE C 231 -41.64 -24.27 -12.73
CA PHE C 231 -41.86 -22.85 -13.00
C PHE C 231 -42.87 -22.34 -11.98
N ARG C 232 -42.55 -21.25 -11.30
CA ARG C 232 -43.37 -20.78 -10.20
C ARG C 232 -43.43 -19.27 -10.17
N VAL C 233 -44.48 -18.76 -9.54
CA VAL C 233 -44.64 -17.34 -9.23
C VAL C 233 -44.68 -17.19 -7.72
N ARG C 234 -43.88 -16.28 -7.19
CA ARG C 234 -43.84 -16.02 -5.76
C ARG C 234 -44.17 -14.56 -5.48
N TYR C 235 -45.03 -14.34 -4.48
CA TYR C 235 -45.33 -13.02 -3.97
C TYR C 235 -44.60 -12.80 -2.65
N ARG C 236 -44.03 -11.62 -2.48
CA ARG C 236 -43.52 -11.21 -1.17
C ARG C 236 -44.65 -10.50 -0.43
N ILE C 237 -45.11 -11.11 0.65
CA ILE C 237 -46.24 -10.61 1.44
C ILE C 237 -45.73 -10.35 2.85
N ASP C 238 -45.75 -9.08 3.25
CA ASP C 238 -45.23 -8.66 4.55
C ASP C 238 -43.79 -9.11 4.74
N GLY C 239 -42.99 -9.00 3.67
CA GLY C 239 -41.57 -9.30 3.73
C GLY C 239 -41.19 -10.75 3.53
N VAL C 240 -42.15 -11.65 3.37
CA VAL C 240 -41.89 -13.08 3.24
C VAL C 240 -42.43 -13.56 1.90
N LEU C 241 -41.64 -14.39 1.21
CA LEU C 241 -42.03 -14.91 -0.08
C LEU C 241 -42.92 -16.13 0.06
N TYR C 242 -43.93 -16.24 -0.81
CA TYR C 242 -44.82 -17.38 -0.86
C TYR C 242 -45.06 -17.78 -2.30
N GLU C 243 -45.03 -19.08 -2.57
CA GLU C 243 -45.41 -19.59 -3.88
C GLU C 243 -46.92 -19.45 -4.06
N VAL C 244 -47.33 -18.70 -5.08
CA VAL C 244 -48.73 -18.43 -5.32
C VAL C 244 -49.27 -19.11 -6.58
N MET C 245 -48.40 -19.44 -7.54
CA MET C 245 -48.83 -20.10 -8.76
C MET C 245 -47.73 -21.06 -9.21
N LYS C 246 -48.14 -22.12 -9.89
CA LYS C 246 -47.24 -23.08 -10.52
C LYS C 246 -47.64 -23.26 -11.98
N PRO C 247 -47.45 -22.23 -12.80
CA PRO C 247 -47.83 -22.34 -14.22
C PRO C 247 -46.95 -23.33 -14.94
N PRO C 248 -47.42 -23.90 -16.05
CA PRO C 248 -46.61 -24.90 -16.76
C PRO C 248 -45.33 -24.30 -17.31
N LEU C 249 -44.23 -25.05 -17.18
CA LEU C 249 -42.91 -24.58 -17.59
C LEU C 249 -42.85 -24.29 -19.09
N LYS C 250 -43.72 -24.92 -19.89
CA LYS C 250 -43.73 -24.66 -21.32
C LYS C 250 -44.02 -23.20 -21.63
N LEU C 251 -44.78 -22.52 -20.79
CA LEU C 251 -45.21 -21.15 -21.03
C LEU C 251 -44.21 -20.11 -20.58
N LYS C 252 -43.03 -20.52 -20.10
CA LYS C 252 -42.10 -19.58 -19.47
C LYS C 252 -41.68 -18.48 -20.44
N ASN C 253 -41.47 -18.82 -21.71
CA ASN C 253 -41.00 -17.82 -22.66
C ASN C 253 -42.11 -16.86 -23.07
N ALA C 254 -43.36 -17.33 -23.11
CA ALA C 254 -44.46 -16.44 -23.43
C ALA C 254 -44.73 -15.45 -22.31
N ILE C 255 -44.72 -15.93 -21.07
CA ILE C 255 -44.96 -15.04 -19.93
C ILE C 255 -43.87 -13.98 -19.85
N THR C 256 -42.61 -14.41 -19.95
CA THR C 256 -41.49 -13.46 -19.91
C THR C 256 -41.58 -12.47 -21.07
N SER C 257 -41.80 -12.97 -22.30
CA SER C 257 -41.88 -12.08 -23.44
C SER C 257 -43.01 -11.07 -23.28
N ARG C 258 -44.14 -11.49 -22.72
CA ARG C 258 -45.27 -10.58 -22.55
C ARG C 258 -44.94 -9.46 -21.58
N ILE C 259 -44.30 -9.77 -20.46
CA ILE C 259 -43.95 -8.74 -19.48
C ILE C 259 -42.95 -7.75 -20.08
N LYS C 260 -42.00 -8.26 -20.86
CA LYS C 260 -41.00 -7.38 -21.47
C LYS C 260 -41.63 -6.44 -22.48
N ILE C 261 -42.71 -6.87 -23.15
CA ILE C 261 -43.45 -5.97 -24.03
C ILE C 261 -44.09 -4.84 -23.23
N MET C 262 -44.77 -5.20 -22.14
CA MET C 262 -45.41 -4.19 -21.30
C MET C 262 -44.39 -3.25 -20.68
N ALA C 263 -43.17 -3.73 -20.44
CA ALA C 263 -42.12 -2.92 -19.85
C ALA C 263 -41.29 -2.18 -20.89
N GLU C 264 -41.61 -2.34 -22.18
CA GLU C 264 -40.86 -1.73 -23.28
C GLU C 264 -39.40 -2.20 -23.31
N LEU C 265 -39.18 -3.47 -22.96
CA LEU C 265 -37.87 -4.08 -23.00
C LEU C 265 -37.68 -4.84 -24.30
N ASP C 266 -36.42 -5.18 -24.59
CA ASP C 266 -36.05 -5.82 -25.84
C ASP C 266 -36.28 -7.33 -25.74
N ILE C 267 -37.19 -7.84 -26.56
CA ILE C 267 -37.49 -9.27 -26.57
C ILE C 267 -36.38 -10.06 -27.26
N ALA C 268 -35.68 -9.44 -28.22
CA ALA C 268 -34.63 -10.13 -28.93
C ALA C 268 -33.47 -10.51 -28.02
N GLU C 269 -33.17 -9.69 -27.01
CA GLU C 269 -32.06 -9.95 -26.10
C GLU C 269 -32.56 -10.76 -24.91
N ARG C 270 -32.02 -11.97 -24.75
CA ARG C 270 -32.40 -12.87 -23.67
C ARG C 270 -31.23 -13.30 -22.81
N ARG C 271 -30.04 -12.74 -23.03
CA ARG C 271 -28.84 -13.16 -22.32
C ARG C 271 -28.34 -12.13 -21.31
N LEU C 272 -28.95 -10.95 -21.25
CA LEU C 272 -28.45 -9.86 -20.43
C LEU C 272 -29.53 -9.32 -19.51
N PRO C 273 -29.15 -8.74 -18.39
CA PRO C 273 -30.14 -8.12 -17.50
C PRO C 273 -30.76 -6.88 -18.14
N GLN C 274 -32.06 -6.71 -17.92
CA GLN C 274 -32.81 -5.56 -18.40
C GLN C 274 -33.68 -5.02 -17.28
N ASP C 275 -33.95 -3.72 -17.34
CA ASP C 275 -34.76 -3.06 -16.32
C ASP C 275 -35.67 -2.04 -16.97
N GLY C 276 -36.87 -1.89 -16.40
CA GLY C 276 -37.83 -0.95 -16.93
C GLY C 276 -38.99 -0.75 -15.96
N ARG C 277 -40.04 -0.12 -16.47
CA ARG C 277 -41.23 0.16 -15.69
C ARG C 277 -42.47 -0.35 -16.41
N ILE C 278 -43.53 -0.58 -15.63
CA ILE C 278 -44.84 -0.93 -16.15
C ILE C 278 -45.88 -0.11 -15.37
N LYS C 279 -46.79 0.54 -16.09
CA LYS C 279 -47.91 1.25 -15.47
C LYS C 279 -49.21 0.58 -15.90
N ILE C 280 -50.07 0.28 -14.93
CA ILE C 280 -51.34 -0.40 -15.17
C ILE C 280 -52.46 0.46 -14.60
N LYS C 281 -53.52 0.64 -15.39
CA LYS C 281 -54.67 1.43 -14.98
C LYS C 281 -55.74 0.57 -14.33
N GLN C 286 -56.70 5.91 -10.42
CA GLN C 286 -56.30 4.61 -9.87
C GLN C 286 -55.26 3.94 -10.75
N ASP C 287 -53.99 4.06 -10.36
CA ASP C 287 -52.88 3.52 -11.13
C ASP C 287 -51.95 2.73 -10.22
N MET C 288 -51.39 1.64 -10.76
CA MET C 288 -50.36 0.87 -10.10
C MET C 288 -49.13 0.81 -11.00
N ASP C 289 -47.97 1.15 -10.44
CA ASP C 289 -46.71 1.11 -11.16
C ASP C 289 -45.87 -0.07 -10.70
N TYR C 290 -45.10 -0.63 -11.61
CA TYR C 290 -44.22 -1.76 -11.34
C TYR C 290 -42.82 -1.45 -11.85
N ARG C 291 -41.82 -1.61 -10.98
CA ARG C 291 -40.44 -1.58 -11.40
C ARG C 291 -40.02 -2.99 -11.78
N VAL C 292 -39.60 -3.17 -13.03
CA VAL C 292 -39.36 -4.50 -13.60
C VAL C 292 -37.86 -4.72 -13.74
N SER C 293 -37.39 -5.87 -13.26
CA SER C 293 -36.01 -6.29 -13.41
C SER C 293 -36.00 -7.69 -14.00
N VAL C 294 -35.24 -7.88 -15.07
CA VAL C 294 -35.11 -9.18 -15.75
C VAL C 294 -33.69 -9.68 -15.53
N LEU C 295 -33.56 -10.97 -15.23
CA LEU C 295 -32.28 -11.58 -14.91
C LEU C 295 -32.13 -12.89 -15.68
N PRO C 296 -31.01 -13.10 -16.38
CA PRO C 296 -30.87 -14.31 -17.18
C PRO C 296 -30.29 -15.48 -16.39
N THR C 297 -31.14 -16.36 -15.88
CA THR C 297 -30.68 -17.57 -15.22
C THR C 297 -30.37 -18.64 -16.25
N LEU C 298 -29.86 -19.79 -15.76
CA LEU C 298 -29.49 -20.87 -16.67
C LEU C 298 -30.68 -21.38 -17.46
N PHE C 299 -31.83 -21.55 -16.79
CA PHE C 299 -33.00 -22.16 -17.40
C PHE C 299 -34.06 -21.16 -17.82
N GLY C 300 -33.66 -19.92 -18.10
CA GLY C 300 -34.57 -18.91 -18.59
C GLY C 300 -34.38 -17.59 -17.86
N GLU C 301 -35.17 -16.61 -18.28
CA GLU C 301 -35.12 -15.27 -17.70
C GLU C 301 -36.04 -15.20 -16.48
N LYS C 302 -35.49 -14.75 -15.35
CA LYS C 302 -36.28 -14.45 -14.18
C LYS C 302 -36.69 -12.99 -14.18
N VAL C 303 -37.95 -12.74 -13.84
CA VAL C 303 -38.50 -11.38 -13.83
C VAL C 303 -38.94 -11.07 -12.40
N VAL C 304 -38.55 -9.89 -11.92
CA VAL C 304 -38.99 -9.38 -10.63
C VAL C 304 -39.76 -8.09 -10.87
N LEU C 305 -40.96 -7.99 -10.29
CA LEU C 305 -41.77 -6.80 -10.39
C LEU C 305 -41.98 -6.22 -8.99
N ARG C 306 -41.71 -4.92 -8.85
CA ARG C 306 -41.77 -4.23 -7.57
C ARG C 306 -42.93 -3.23 -7.63
N LEU C 307 -43.95 -3.46 -6.80
CA LEU C 307 -45.10 -2.57 -6.77
C LEU C 307 -44.73 -1.27 -6.07
N LEU C 308 -45.08 -0.15 -6.69
CA LEU C 308 -44.84 1.19 -6.15
C LEU C 308 -46.21 1.84 -5.93
N ASP C 309 -46.71 1.74 -4.70
CA ASP C 309 -48.04 2.26 -4.36
C ASP C 309 -47.90 3.29 -3.25
N LYS C 310 -48.46 4.48 -3.48
CA LYS C 310 -48.51 5.49 -2.43
C LYS C 310 -49.48 5.09 -1.32
N SER C 311 -50.57 4.43 -1.69
CA SER C 311 -51.62 4.04 -0.75
C SER C 311 -51.08 3.25 0.45
N GLN C 314 -48.25 4.39 6.92
CA GLN C 314 -49.19 5.51 6.78
C GLN C 314 -48.50 6.83 7.06
N LEU C 315 -49.13 7.93 6.63
CA LEU C 315 -48.57 9.25 6.89
C LEU C 315 -48.51 9.55 8.38
N ASP C 316 -49.49 9.07 9.14
CA ASP C 316 -49.55 9.38 10.57
C ASP C 316 -48.48 8.61 11.33
N MET C 317 -47.82 9.30 12.27
CA MET C 317 -46.79 8.68 13.08
C MET C 317 -47.37 7.73 14.11
N THR C 318 -48.61 7.97 14.55
CA THR C 318 -49.18 7.10 15.58
C THR C 318 -49.46 5.70 15.07
N LYS C 319 -49.55 5.50 13.75
CA LYS C 319 -49.88 4.21 13.19
C LYS C 319 -48.65 3.39 12.78
N LEU C 320 -47.44 3.88 13.08
CA LEU C 320 -46.23 3.20 12.64
C LEU C 320 -45.68 2.22 13.66
N GLY C 321 -46.03 2.38 14.93
CA GLY C 321 -45.59 1.45 15.96
C GLY C 321 -44.73 2.06 17.05
N TYR C 322 -44.50 3.36 17.06
CA TYR C 322 -43.70 3.99 18.11
C TYR C 322 -44.44 3.91 19.44
N GLU C 323 -43.72 3.51 20.48
CA GLU C 323 -44.25 3.61 21.83
C GLU C 323 -44.35 5.07 22.24
N PRO C 324 -45.19 5.39 23.23
CA PRO C 324 -45.35 6.81 23.62
C PRO C 324 -44.06 7.49 24.00
N ASP C 325 -43.16 6.80 24.70
CA ASP C 325 -41.88 7.40 25.05
C ASP C 325 -41.01 7.62 23.80
N ALA C 326 -40.92 6.61 22.95
CA ALA C 326 -40.14 6.75 21.72
C ALA C 326 -40.73 7.83 20.83
N LEU C 327 -42.07 7.88 20.73
CA LEU C 327 -42.71 8.91 19.92
C LEU C 327 -42.39 10.30 20.43
N HIS C 328 -42.37 10.47 21.77
CA HIS C 328 -42.08 11.77 22.35
C HIS C 328 -40.65 12.21 22.03
N TYR C 329 -39.68 11.30 22.16
CA TYR C 329 -38.30 11.64 21.83
C TYR C 329 -38.15 12.00 20.36
N PHE C 330 -38.82 11.24 19.48
CA PHE C 330 -38.70 11.49 18.05
C PHE C 330 -39.33 12.83 17.66
N LYS C 331 -40.49 13.14 18.23
CA LYS C 331 -41.18 14.39 17.87
C LYS C 331 -40.41 15.61 18.35
N GLU C 332 -39.85 15.56 19.56
CA GLU C 332 -39.11 16.73 20.05
C GLU C 332 -37.80 16.91 19.31
N ALA C 333 -37.22 15.83 18.79
CA ALA C 333 -35.96 15.95 18.06
C ALA C 333 -36.16 16.60 16.70
N ILE C 334 -37.23 16.23 15.99
CA ILE C 334 -37.47 16.81 14.67
C ILE C 334 -38.06 18.21 14.74
N HIS C 335 -38.54 18.64 15.90
CA HIS C 335 -39.08 19.99 16.05
C HIS C 335 -38.06 20.98 16.59
N LYS C 336 -36.83 20.53 16.87
CA LYS C 336 -35.78 21.46 17.23
C LYS C 336 -35.38 22.29 16.02
N PRO C 337 -34.90 23.52 16.22
CA PRO C 337 -34.55 24.37 15.07
C PRO C 337 -33.32 23.91 14.32
N PHE C 338 -32.45 23.10 14.93
CA PHE C 338 -31.25 22.62 14.28
C PHE C 338 -30.96 21.21 14.76
N GLY C 339 -29.99 20.58 14.11
CA GLY C 339 -29.52 19.26 14.50
C GLY C 339 -29.80 18.22 13.43
N MET C 340 -29.20 17.04 13.65
CA MET C 340 -29.30 15.93 12.72
C MET C 340 -30.10 14.80 13.35
N VAL C 341 -31.03 14.23 12.59
CA VAL C 341 -31.79 13.07 13.00
C VAL C 341 -31.50 11.97 11.99
N LEU C 342 -30.97 10.85 12.48
CA LEU C 342 -30.56 9.73 11.64
C LEU C 342 -31.51 8.56 11.87
N VAL C 343 -32.10 8.06 10.78
CA VAL C 343 -32.96 6.90 10.81
C VAL C 343 -32.20 5.75 10.17
N THR C 344 -31.92 4.70 10.95
CA THR C 344 -31.06 3.63 10.49
C THR C 344 -31.82 2.30 10.45
N GLY C 345 -31.29 1.37 9.67
CA GLY C 345 -31.88 0.06 9.51
C GLY C 345 -31.55 -0.55 8.16
N PRO C 346 -31.71 -1.86 8.04
CA PRO C 346 -31.43 -2.52 6.76
C PRO C 346 -32.48 -2.12 5.73
N THR C 347 -32.23 -2.54 4.48
CA THR C 347 -33.16 -2.25 3.41
C THR C 347 -34.52 -2.90 3.72
N GLY C 348 -35.58 -2.13 3.51
CA GLY C 348 -36.92 -2.62 3.78
C GLY C 348 -37.37 -2.54 5.22
N SER C 349 -36.70 -1.74 6.05
CA SER C 349 -37.04 -1.65 7.46
C SER C 349 -37.97 -0.47 7.78
N GLY C 350 -38.38 0.29 6.78
CA GLY C 350 -39.31 1.39 6.98
C GLY C 350 -38.69 2.76 7.15
N LYS C 351 -37.44 2.96 6.74
CA LYS C 351 -36.77 4.24 6.98
C LYS C 351 -37.41 5.37 6.20
N THR C 352 -37.75 5.13 4.92
CA THR C 352 -38.34 6.19 4.11
C THR C 352 -39.72 6.60 4.63
N VAL C 353 -40.52 5.61 5.05
CA VAL C 353 -41.84 5.93 5.60
C VAL C 353 -41.72 6.76 6.86
N SER C 354 -40.75 6.43 7.72
CA SER C 354 -40.57 7.20 8.95
C SER C 354 -40.14 8.63 8.65
N LEU C 355 -39.30 8.81 7.62
CA LEU C 355 -38.85 10.16 7.29
C LEU C 355 -39.95 10.96 6.60
N TYR C 356 -40.70 10.33 5.69
CA TYR C 356 -41.86 11.00 5.10
C TYR C 356 -42.86 11.40 6.16
N SER C 357 -43.04 10.55 7.18
CA SER C 357 -43.97 10.84 8.26
C SER C 357 -43.48 12.03 9.09
N ALA C 358 -42.17 12.13 9.30
CA ALA C 358 -41.63 13.28 10.02
C ALA C 358 -41.73 14.56 9.19
N LEU C 359 -41.47 14.45 7.87
CA LEU C 359 -41.61 15.63 7.00
C LEU C 359 -43.04 16.12 6.96
N GLY C 360 -44.01 15.20 7.00
CA GLY C 360 -45.41 15.61 6.97
C GLY C 360 -45.81 16.42 8.20
N GLU C 361 -45.31 16.03 9.37
CA GLU C 361 -45.59 16.79 10.57
C GLU C 361 -44.89 18.16 10.57
N LEU C 362 -43.82 18.30 9.80
CA LEU C 362 -43.07 19.55 9.71
C LEU C 362 -43.45 20.39 8.49
N ASN C 363 -44.29 19.87 7.60
CA ASN C 363 -44.61 20.57 6.36
C ASN C 363 -45.52 21.76 6.63
N LYS C 364 -44.92 22.90 6.96
CA LYS C 364 -45.64 24.14 7.22
C LYS C 364 -45.23 25.20 6.21
N THR C 365 -46.12 26.17 5.98
CA THR C 365 -45.83 27.25 5.04
C THR C 365 -44.73 28.17 5.54
N THR C 366 -44.44 28.16 6.84
CA THR C 366 -43.43 29.03 7.42
C THR C 366 -42.01 28.49 7.28
N GLU C 367 -41.86 27.25 6.83
CA GLU C 367 -40.55 26.61 6.74
C GLU C 367 -40.27 26.19 5.31
N ASN C 368 -38.98 26.16 4.95
CA ASN C 368 -38.54 25.67 3.65
C ASN C 368 -37.95 24.28 3.84
N ILE C 369 -38.61 23.28 3.25
CA ILE C 369 -38.19 21.89 3.33
C ILE C 369 -37.70 21.46 1.96
N SER C 370 -36.49 20.90 1.91
CA SER C 370 -35.87 20.44 0.68
C SER C 370 -35.29 19.05 0.90
N THR C 371 -35.52 18.15 -0.07
CA THR C 371 -35.11 16.76 0.04
C THR C 371 -34.30 16.36 -1.18
N ALA C 372 -33.28 15.52 -0.95
CA ALA C 372 -32.52 14.87 -2.00
C ALA C 372 -32.80 13.37 -1.90
N GLU C 373 -33.46 12.82 -2.91
CA GLU C 373 -33.94 11.45 -2.85
C GLU C 373 -33.46 10.67 -4.07
N ASP C 374 -33.33 9.36 -3.90
CA ASP C 374 -32.89 8.49 -4.97
C ASP C 374 -33.59 7.13 -4.93
N PRO C 375 -34.75 7.04 -5.60
CA PRO C 375 -35.42 8.15 -6.27
C PRO C 375 -36.44 8.82 -5.35
N VAL C 376 -37.13 9.84 -5.84
CA VAL C 376 -38.28 10.37 -5.10
C VAL C 376 -39.41 9.36 -5.15
N GLU C 377 -39.91 8.98 -3.97
CA GLU C 377 -40.89 7.90 -3.89
C GLU C 377 -42.32 8.38 -3.70
N PHE C 378 -42.52 9.63 -3.27
CA PHE C 378 -43.86 10.19 -3.19
C PHE C 378 -43.76 11.71 -3.19
N ASN C 379 -44.70 12.36 -3.88
CA ASN C 379 -44.67 13.79 -4.09
C ASN C 379 -45.53 14.50 -3.05
N PHE C 380 -44.92 15.43 -2.32
CA PHE C 380 -45.64 16.26 -1.36
C PHE C 380 -45.68 17.69 -1.86
N ALA C 381 -46.88 18.26 -1.94
CA ALA C 381 -46.99 19.69 -2.18
C ALA C 381 -46.40 20.45 -1.01
N GLY C 382 -45.64 21.50 -1.33
CA GLY C 382 -45.00 22.31 -0.32
C GLY C 382 -43.57 21.91 0.01
N ILE C 383 -43.16 20.70 -0.34
CA ILE C 383 -41.80 20.22 -0.10
C ILE C 383 -41.06 20.20 -1.43
N ASN C 384 -39.84 20.74 -1.43
CA ASN C 384 -39.05 20.86 -2.66
C ASN C 384 -38.16 19.63 -2.78
N GLN C 385 -38.57 18.69 -3.62
CA GLN C 385 -37.93 17.40 -3.73
C GLN C 385 -37.06 17.34 -4.98
N VAL C 386 -35.80 16.95 -4.81
CA VAL C 386 -34.85 16.81 -5.89
C VAL C 386 -34.51 15.33 -6.04
N GLN C 387 -34.57 14.83 -7.27
CA GLN C 387 -34.26 13.44 -7.56
C GLN C 387 -32.83 13.34 -8.08
N MET C 388 -32.09 12.37 -7.56
CA MET C 388 -30.68 12.24 -7.90
C MET C 388 -30.50 11.69 -9.31
N HIS C 389 -29.51 12.23 -10.01
CA HIS C 389 -29.18 11.86 -11.39
C HIS C 389 -27.65 11.89 -11.47
N GLU C 390 -27.02 10.81 -11.04
CA GLU C 390 -25.57 10.80 -10.88
C GLU C 390 -24.84 10.92 -12.21
N ASP C 391 -25.43 10.39 -13.29
CA ASP C 391 -24.75 10.41 -14.58
C ASP C 391 -24.49 11.82 -15.07
N ILE C 392 -25.33 12.78 -14.67
CA ILE C 392 -25.15 14.18 -15.07
C ILE C 392 -24.50 15.01 -13.97
N GLY C 393 -24.10 14.37 -12.86
CA GLY C 393 -23.42 15.07 -11.79
C GLY C 393 -24.27 15.48 -10.63
N LEU C 394 -25.56 15.13 -10.62
CA LEU C 394 -26.47 15.49 -9.54
C LEU C 394 -26.52 14.34 -8.54
N ASN C 395 -25.62 14.38 -7.58
CA ASN C 395 -25.57 13.40 -6.49
C ASN C 395 -25.95 14.07 -5.17
N PHE C 396 -25.92 13.28 -4.09
CA PHE C 396 -26.32 13.80 -2.78
C PHE C 396 -25.47 14.98 -2.37
N ALA C 397 -24.16 14.91 -2.61
CA ALA C 397 -23.26 15.99 -2.19
C ALA C 397 -23.57 17.28 -2.95
N ALA C 398 -23.76 17.18 -4.27
CA ALA C 398 -24.06 18.37 -5.06
C ALA C 398 -25.42 18.95 -4.70
N ALA C 399 -26.40 18.08 -4.44
CA ALA C 399 -27.73 18.58 -4.05
C ALA C 399 -27.69 19.23 -2.67
N LEU C 400 -26.92 18.65 -1.75
CA LEU C 400 -26.83 19.23 -0.41
C LEU C 400 -26.15 20.60 -0.44
N ARG C 401 -25.07 20.73 -1.21
CA ARG C 401 -24.39 22.02 -1.33
C ARG C 401 -25.32 23.07 -1.92
N SER C 402 -26.19 22.66 -2.86
CA SER C 402 -27.13 23.61 -3.45
C SER C 402 -28.20 24.03 -2.46
N PHE C 403 -28.63 23.09 -1.59
CA PHE C 403 -29.61 23.42 -0.57
C PHE C 403 -29.10 24.52 0.35
N LEU C 404 -27.81 24.49 0.69
CA LEU C 404 -27.24 25.48 1.59
C LEU C 404 -27.24 26.87 0.99
N ARG C 405 -27.29 26.98 -0.33
CA ARG C 405 -27.43 28.26 -1.01
C ARG C 405 -28.89 28.63 -1.26
N GLN C 406 -29.84 27.81 -0.80
CA GLN C 406 -31.25 27.99 -1.09
C GLN C 406 -32.05 28.43 0.13
N ASP C 407 -31.39 29.11 1.08
CA ASP C 407 -32.03 29.62 2.28
C ASP C 407 -32.85 28.53 2.99
N PRO C 408 -32.21 27.45 3.43
CA PRO C 408 -32.95 26.30 3.93
C PRO C 408 -33.32 26.42 5.41
N ASP C 409 -34.34 25.65 5.77
CA ASP C 409 -34.70 25.41 7.18
C ASP C 409 -34.55 23.95 7.54
N ILE C 410 -35.10 23.05 6.72
CA ILE C 410 -35.07 21.62 6.96
C ILE C 410 -34.58 20.94 5.70
N ILE C 411 -33.59 20.05 5.85
CA ILE C 411 -32.97 19.34 4.73
C ILE C 411 -33.09 17.85 5.00
N MET C 412 -33.54 17.11 3.98
CA MET C 412 -33.60 15.66 4.04
C MET C 412 -32.69 15.10 2.95
N ILE C 413 -31.73 14.27 3.35
CA ILE C 413 -30.84 13.58 2.43
C ILE C 413 -31.20 12.10 2.45
N GLY C 414 -31.46 11.54 1.27
CA GLY C 414 -31.92 10.17 1.13
C GLY C 414 -31.14 9.15 1.94
N GLU C 415 -29.83 9.09 1.73
CA GLU C 415 -28.97 8.24 2.54
C GLU C 415 -27.56 8.82 2.54
N ILE C 416 -26.84 8.54 3.61
CA ILE C 416 -25.43 8.90 3.74
C ILE C 416 -24.63 7.65 3.40
N ARG C 417 -23.99 7.65 2.23
CA ARG C 417 -23.29 6.47 1.75
C ARG C 417 -21.78 6.65 1.67
N ASP C 418 -21.25 7.82 2.02
CA ASP C 418 -19.81 8.03 2.03
C ASP C 418 -19.45 9.12 3.02
N PHE C 419 -18.15 9.28 3.24
CA PHE C 419 -17.67 10.25 4.23
C PHE C 419 -17.87 11.69 3.74
N GLU C 420 -17.68 11.92 2.44
CA GLU C 420 -17.81 13.27 1.88
C GLU C 420 -19.20 13.84 2.17
N THR C 421 -20.24 13.06 1.87
CA THR C 421 -21.60 13.52 2.13
C THR C 421 -21.87 13.61 3.63
N ALA C 422 -21.33 12.68 4.41
CA ALA C 422 -21.54 12.69 5.86
C ALA C 422 -21.00 13.98 6.48
N GLU C 423 -19.80 14.40 6.08
CA GLU C 423 -19.19 15.58 6.67
C GLU C 423 -19.96 16.84 6.30
N ILE C 424 -20.37 16.97 5.05
CA ILE C 424 -21.19 18.12 4.65
C ILE C 424 -22.50 18.15 5.43
N ALA C 425 -23.14 16.99 5.57
CA ALA C 425 -24.45 16.95 6.21
C ALA C 425 -24.35 17.24 7.70
N ILE C 426 -23.36 16.67 8.38
CA ILE C 426 -23.24 16.88 9.83
C ILE C 426 -22.80 18.31 10.13
N LYS C 427 -22.00 18.93 9.25
CA LYS C 427 -21.59 20.30 9.47
C LYS C 427 -22.72 21.27 9.18
N ALA C 428 -23.55 20.97 8.18
CA ALA C 428 -24.71 21.81 7.90
C ALA C 428 -25.70 21.80 9.05
N ALA C 429 -25.85 20.66 9.72
CA ALA C 429 -26.72 20.59 10.89
C ALA C 429 -26.20 21.47 12.03
N LEU C 430 -24.89 21.45 12.27
CA LEU C 430 -24.33 22.26 13.34
C LEU C 430 -24.32 23.74 12.97
N THR C 431 -24.18 24.07 11.69
CA THR C 431 -24.26 25.46 11.26
C THR C 431 -25.58 26.09 11.67
N GLY C 432 -26.65 25.31 11.68
CA GLY C 432 -27.94 25.81 12.11
C GLY C 432 -29.10 25.39 11.21
N HIS C 433 -29.10 24.12 10.82
CA HIS C 433 -30.20 23.57 10.03
C HIS C 433 -30.62 22.23 10.64
N LEU C 434 -31.87 21.87 10.40
CA LEU C 434 -32.37 20.55 10.77
C LEU C 434 -32.17 19.62 9.57
N VAL C 435 -31.46 18.51 9.79
CA VAL C 435 -31.07 17.61 8.72
C VAL C 435 -31.55 16.21 9.07
N LEU C 436 -32.29 15.59 8.13
CA LEU C 436 -32.74 14.21 8.25
C LEU C 436 -32.01 13.36 7.22
N SER C 437 -31.57 12.18 7.63
CA SER C 437 -30.89 11.28 6.69
C SER C 437 -30.94 9.86 7.24
N THR C 438 -30.37 8.93 6.48
CA THR C 438 -30.35 7.53 6.85
C THR C 438 -28.94 6.97 6.77
N LEU C 439 -28.72 5.88 7.49
CA LEU C 439 -27.53 5.06 7.35
C LEU C 439 -27.93 3.61 7.43
N HIS C 440 -27.11 2.75 6.81
CA HIS C 440 -27.30 1.30 6.92
C HIS C 440 -26.42 0.79 8.06
N THR C 441 -26.96 0.90 9.27
CA THR C 441 -26.37 0.31 10.46
C THR C 441 -27.43 -0.56 11.13
N ASN C 442 -27.03 -1.26 12.19
CA ASN C 442 -27.85 -2.32 12.73
C ASN C 442 -28.43 -2.00 14.12
N ASP C 443 -27.99 -0.93 14.77
CA ASP C 443 -28.66 -0.42 15.95
C ASP C 443 -28.22 1.02 16.17
N ALA C 444 -28.85 1.67 17.16
CA ALA C 444 -28.56 3.09 17.40
C ALA C 444 -27.16 3.31 17.95
N PRO C 445 -26.68 2.55 18.95
CA PRO C 445 -25.29 2.78 19.41
C PRO C 445 -24.24 2.54 18.33
N ALA C 446 -24.44 1.52 17.47
CA ALA C 446 -23.47 1.24 16.43
C ALA C 446 -23.39 2.34 15.39
N THR C 447 -24.46 3.12 15.21
CA THR C 447 -24.41 4.25 14.30
C THR C 447 -23.38 5.30 14.75
N ILE C 448 -23.24 5.47 16.07
CA ILE C 448 -22.24 6.41 16.60
C ILE C 448 -20.84 6.01 16.14
N ASN C 449 -20.46 4.76 16.39
CA ASN C 449 -19.12 4.31 16.01
C ASN C 449 -18.95 4.23 14.50
N ARG C 450 -20.02 3.95 13.76
CA ARG C 450 -19.93 3.95 12.31
C ARG C 450 -19.54 5.33 11.79
N LEU C 451 -20.15 6.38 12.34
CA LEU C 451 -19.78 7.74 11.94
C LEU C 451 -18.33 8.05 12.30
N LEU C 452 -17.90 7.65 13.50
CA LEU C 452 -16.52 7.90 13.92
C LEU C 452 -15.54 7.12 13.05
N ASN C 453 -15.83 5.86 12.75
CA ASN C 453 -14.92 5.05 11.94
C ASN C 453 -14.82 5.58 10.51
N MET C 454 -15.86 6.25 10.02
CA MET C 454 -15.79 6.88 8.70
C MET C 454 -14.87 8.11 8.69
N GLY C 455 -14.52 8.63 9.86
CA GLY C 455 -13.69 9.82 9.95
C GLY C 455 -14.39 11.06 10.45
N VAL C 456 -15.65 10.97 10.87
CA VAL C 456 -16.34 12.14 11.42
C VAL C 456 -15.76 12.44 12.80
N GLU C 457 -15.39 13.69 13.02
CA GLU C 457 -14.74 14.08 14.26
C GLU C 457 -15.72 13.92 15.43
N PRO C 458 -15.24 13.49 16.60
CA PRO C 458 -16.16 13.14 17.69
C PRO C 458 -17.05 14.28 18.15
N PHE C 459 -16.54 15.52 18.17
CA PHE C 459 -17.36 16.64 18.64
C PHE C 459 -18.55 16.86 17.72
N LEU C 460 -18.40 16.58 16.42
CA LEU C 460 -19.51 16.72 15.50
C LEU C 460 -20.63 15.73 15.83
N VAL C 461 -20.28 14.48 16.11
CA VAL C 461 -21.29 13.49 16.48
C VAL C 461 -21.96 13.86 17.80
N ALA C 462 -21.17 14.33 18.76
CA ALA C 462 -21.72 14.60 20.09
C ALA C 462 -22.62 15.84 20.09
N SER C 463 -22.27 16.86 19.31
CA SER C 463 -22.96 18.14 19.41
C SER C 463 -23.98 18.39 18.31
N ALA C 464 -23.85 17.74 17.15
CA ALA C 464 -24.72 18.05 16.02
C ALA C 464 -25.86 17.06 15.85
N VAL C 465 -25.78 15.87 16.43
CA VAL C 465 -26.80 14.86 16.28
C VAL C 465 -27.84 15.03 17.39
N ASN C 466 -29.09 15.24 17.01
CA ASN C 466 -30.16 15.32 18.01
C ASN C 466 -30.60 13.94 18.47
N LEU C 467 -30.68 12.99 17.54
CA LEU C 467 -31.34 11.73 17.84
C LEU C 467 -30.98 10.71 16.76
N ILE C 468 -30.90 9.45 17.17
CA ILE C 468 -30.65 8.33 16.26
C ILE C 468 -31.70 7.27 16.54
N THR C 469 -32.31 6.75 15.47
CA THR C 469 -33.27 5.65 15.59
C THR C 469 -32.74 4.44 14.84
N ALA C 470 -33.03 3.26 15.39
CA ALA C 470 -32.86 1.99 14.70
C ALA C 470 -34.22 1.31 14.66
N GLN C 471 -34.50 0.60 13.57
CA GLN C 471 -35.82 0.01 13.43
C GLN C 471 -35.78 -1.24 12.56
N ARG C 472 -36.75 -2.12 12.82
CA ARG C 472 -37.02 -3.29 11.99
C ARG C 472 -38.52 -3.42 11.84
N LEU C 473 -38.96 -4.01 10.74
CA LEU C 473 -40.36 -4.29 10.49
C LEU C 473 -40.66 -5.74 10.86
N ALA C 474 -41.69 -5.95 11.67
CA ALA C 474 -42.15 -7.27 12.03
C ALA C 474 -43.63 -7.40 11.69
N ARG C 475 -44.04 -8.62 11.34
CA ARG C 475 -45.40 -8.86 10.91
C ARG C 475 -46.35 -8.88 12.11
N ARG C 476 -47.57 -8.41 11.87
CA ARG C 476 -48.62 -8.43 12.89
C ARG C 476 -49.42 -9.72 12.79
N VAL C 477 -49.84 -10.21 13.95
CA VAL C 477 -50.76 -11.35 13.97
C VAL C 477 -52.08 -10.93 13.36
N CYS C 478 -52.66 -11.80 12.54
CA CYS C 478 -53.95 -11.51 11.92
C CYS C 478 -55.04 -11.45 12.98
N SER C 479 -55.82 -10.37 12.97
CA SER C 479 -56.89 -10.21 13.95
C SER C 479 -57.94 -11.30 13.82
N GLU C 480 -58.23 -11.73 12.59
CA GLU C 480 -59.19 -12.81 12.40
C GLU C 480 -58.61 -14.15 12.85
N CYS C 481 -57.32 -14.38 12.59
CA CYS C 481 -56.71 -15.68 12.82
C CYS C 481 -56.41 -15.96 14.28
N LYS C 482 -56.14 -14.92 15.05
CA LYS C 482 -55.30 -15.06 16.24
C LYS C 482 -55.86 -16.07 17.24
N GLN C 483 -54.96 -16.88 17.79
CA GLN C 483 -55.19 -17.80 18.88
C GLN C 483 -54.02 -17.70 19.84
N PRO C 484 -54.25 -17.92 21.14
CA PRO C 484 -53.14 -17.90 22.09
C PRO C 484 -52.17 -19.03 21.83
N GLU C 485 -50.88 -18.73 22.00
CA GLU C 485 -49.82 -19.72 21.86
C GLU C 485 -49.18 -19.95 23.22
N GLU C 486 -49.03 -21.22 23.61
CA GLU C 486 -48.51 -21.57 24.93
C GLU C 486 -46.99 -21.61 24.84
N ILE C 487 -46.38 -20.46 25.11
CA ILE C 487 -44.92 -20.34 25.17
C ILE C 487 -44.50 -20.51 26.62
N PRO C 488 -43.56 -21.41 26.92
CA PRO C 488 -43.14 -21.59 28.32
C PRO C 488 -42.59 -20.29 28.88
N ILE C 489 -42.99 -19.99 30.12
CA ILE C 489 -42.62 -18.73 30.76
C ILE C 489 -41.11 -18.55 30.79
N GLN C 490 -40.36 -19.66 30.92
CA GLN C 490 -38.91 -19.56 30.92
C GLN C 490 -38.38 -19.09 29.58
N ALA C 491 -39.03 -19.52 28.49
CA ALA C 491 -38.61 -19.08 27.16
C ALA C 491 -38.80 -17.57 26.99
N LEU C 492 -39.88 -17.02 27.58
CA LEU C 492 -40.06 -15.58 27.55
C LEU C 492 -38.95 -14.87 28.32
N ILE C 493 -38.54 -15.43 29.46
CA ILE C 493 -37.49 -14.82 30.26
C ILE C 493 -36.18 -14.78 29.48
N ASP C 494 -35.90 -15.82 28.71
CA ASP C 494 -34.67 -15.85 27.91
C ASP C 494 -34.66 -14.76 26.86
N ALA C 495 -35.83 -14.38 26.34
CA ALA C 495 -35.93 -13.35 25.33
C ALA C 495 -35.76 -11.94 25.89
N GLY C 496 -35.80 -11.78 27.22
CA GLY C 496 -35.55 -10.49 27.82
C GLY C 496 -36.70 -9.93 28.63
N VAL C 497 -37.71 -10.74 28.90
CA VAL C 497 -38.83 -10.31 29.73
C VAL C 497 -38.45 -10.46 31.19
N SER C 498 -38.84 -9.48 32.01
CA SER C 498 -38.55 -9.51 33.42
C SER C 498 -39.28 -10.67 34.09
N PRO C 499 -38.79 -11.17 35.22
CA PRO C 499 -39.48 -12.27 35.91
C PRO C 499 -40.87 -11.91 36.39
N ASP C 500 -41.06 -10.66 36.82
CA ASP C 500 -42.37 -10.24 37.34
C ASP C 500 -43.43 -10.29 36.26
N GLU C 501 -43.06 -9.94 35.02
CA GLU C 501 -44.04 -9.82 33.95
C GLU C 501 -44.28 -11.13 33.19
N GLY C 502 -43.39 -12.10 33.33
CA GLY C 502 -43.43 -13.32 32.54
C GLY C 502 -44.77 -14.03 32.52
N PRO C 503 -45.28 -14.41 33.69
CA PRO C 503 -46.53 -15.17 33.74
C PRO C 503 -47.74 -14.42 33.17
N SER C 504 -47.69 -13.09 33.13
CA SER C 504 -48.82 -12.30 32.63
C SER C 504 -48.90 -12.28 31.11
N TYR C 505 -47.88 -12.74 30.39
CA TYR C 505 -47.85 -12.60 28.95
C TYR C 505 -48.81 -13.57 28.28
N VAL C 506 -49.58 -13.06 27.31
CA VAL C 506 -50.45 -13.86 26.47
C VAL C 506 -49.98 -13.70 25.04
N CYS C 507 -49.34 -14.73 24.50
CA CYS C 507 -48.78 -14.70 23.15
C CYS C 507 -49.75 -15.31 22.16
N TYR C 508 -49.89 -14.66 21.00
CA TYR C 508 -50.84 -15.08 19.98
C TYR C 508 -50.13 -15.47 18.70
N LYS C 509 -50.76 -16.37 17.95
CA LYS C 509 -50.27 -16.83 16.66
C LYS C 509 -51.47 -17.13 15.77
N GLY C 510 -51.38 -16.71 14.51
CA GLY C 510 -52.49 -16.91 13.58
C GLY C 510 -52.44 -18.30 12.96
N THR C 511 -53.62 -18.94 12.90
CA THR C 511 -53.72 -20.26 12.29
C THR C 511 -53.73 -20.21 10.77
N GLY C 512 -54.04 -19.06 10.19
CA GLY C 512 -54.13 -18.94 8.74
C GLY C 512 -55.55 -18.86 8.26
N CYS C 513 -55.88 -17.77 7.55
CA CYS C 513 -57.20 -17.60 6.95
C CYS C 513 -57.05 -16.90 5.61
N VAL C 514 -58.15 -16.85 4.86
CA VAL C 514 -58.13 -16.26 3.53
C VAL C 514 -57.77 -14.78 3.59
N LYS C 515 -58.17 -14.09 4.67
CA LYS C 515 -57.87 -12.67 4.78
C LYS C 515 -56.38 -12.39 4.91
N CYS C 516 -55.63 -13.30 5.53
CA CYS C 516 -54.19 -13.12 5.72
C CYS C 516 -53.37 -14.03 4.82
N ASN C 517 -53.94 -14.48 3.70
CA ASN C 517 -53.26 -15.33 2.72
C ASN C 517 -52.77 -16.63 3.36
N ASN C 518 -53.51 -17.13 4.35
CA ASN C 518 -53.20 -18.40 5.03
C ASN C 518 -51.81 -18.39 5.68
N THR C 519 -51.38 -17.22 6.15
CA THR C 519 -50.08 -17.09 6.79
C THR C 519 -50.15 -16.91 8.30
N GLY C 520 -51.28 -16.44 8.82
CA GLY C 520 -51.38 -16.05 10.21
C GLY C 520 -50.94 -14.64 10.50
N TYR C 521 -50.48 -13.90 9.49
CA TYR C 521 -49.99 -12.55 9.64
C TYR C 521 -50.62 -11.65 8.60
N LYS C 522 -50.97 -10.42 9.00
CA LYS C 522 -51.56 -9.44 8.10
C LYS C 522 -51.00 -8.08 8.45
N GLY C 523 -50.24 -7.49 7.53
CA GLY C 523 -49.60 -6.21 7.78
C GLY C 523 -48.33 -6.37 8.59
N ARG C 524 -47.71 -5.23 8.88
CA ARG C 524 -46.48 -5.20 9.66
C ARG C 524 -46.52 -4.05 10.65
N VAL C 525 -45.59 -4.10 11.60
CA VAL C 525 -45.43 -3.05 12.61
C VAL C 525 -43.94 -2.88 12.85
N GLY C 526 -43.56 -1.69 13.28
CA GLY C 526 -42.16 -1.35 13.48
C GLY C 526 -41.71 -1.54 14.92
N PHE C 527 -40.55 -2.15 15.09
CA PHE C 527 -39.85 -2.21 16.37
C PHE C 527 -38.80 -1.11 16.36
N TYR C 528 -38.95 -0.12 17.23
CA TYR C 528 -38.13 1.09 17.20
C TYR C 528 -37.25 1.20 18.43
N GLN C 529 -35.99 1.56 18.20
CA GLN C 529 -35.06 2.00 19.23
C GLN C 529 -34.79 3.48 18.97
N VAL C 530 -35.36 4.34 19.81
CA VAL C 530 -35.29 5.79 19.62
C VAL C 530 -34.38 6.34 20.71
N MET C 531 -33.15 6.69 20.31
CA MET C 531 -32.12 7.12 21.25
C MET C 531 -31.81 8.59 21.07
N PRO C 532 -32.36 9.48 21.90
CA PRO C 532 -31.94 10.88 21.86
C PRO C 532 -30.52 11.04 22.38
N MET C 533 -29.82 12.05 21.86
CA MET C 533 -28.44 12.30 22.23
C MET C 533 -28.41 12.95 23.61
N LEU C 534 -28.60 12.11 24.64
CA LEU C 534 -28.59 12.59 26.02
C LEU C 534 -27.17 12.98 26.44
N GLU C 535 -27.09 13.86 27.44
CA GLU C 535 -25.79 14.37 27.88
C GLU C 535 -24.85 13.26 28.30
N GLU C 536 -25.39 12.22 28.96
CA GLU C 536 -24.57 11.09 29.36
C GLU C 536 -23.95 10.39 28.15
N ILE C 537 -24.71 10.30 27.05
CA ILE C 537 -24.19 9.66 25.84
C ILE C 537 -23.12 10.53 25.19
N ARG C 538 -23.30 11.86 25.21
CA ARG C 538 -22.31 12.75 24.62
C ARG C 538 -20.95 12.61 25.29
N GLU C 539 -20.94 12.50 26.62
CA GLU C 539 -19.68 12.33 27.34
C GLU C 539 -18.96 11.06 26.91
N LEU C 540 -19.71 10.01 26.58
CA LEU C 540 -19.09 8.76 26.14
C LEU C 540 -18.46 8.91 24.76
N ILE C 541 -19.13 9.61 23.85
CA ILE C 541 -18.55 9.86 22.54
C ILE C 541 -17.21 10.58 22.67
N LEU C 542 -17.15 11.60 23.52
CA LEU C 542 -15.93 12.38 23.69
C LEU C 542 -14.85 11.60 24.44
N ASN C 543 -15.23 10.60 25.24
CA ASN C 543 -14.28 9.81 26.01
C ASN C 543 -13.91 8.49 25.33
N GLY C 544 -14.45 8.22 24.15
CA GLY C 544 -14.01 7.09 23.36
C GLY C 544 -14.62 5.75 23.71
N ALA C 545 -15.85 5.74 24.22
CA ALA C 545 -16.51 4.49 24.57
C ALA C 545 -16.86 3.70 23.30
N ASN C 546 -16.98 2.38 23.46
CA ASN C 546 -17.32 1.51 22.35
C ASN C 546 -18.83 1.30 22.30
N THR C 547 -19.27 0.54 21.29
CA THR C 547 -20.70 0.35 21.08
C THR C 547 -21.37 -0.30 22.28
N ALA C 548 -20.72 -1.30 22.88
CA ALA C 548 -21.33 -2.00 24.00
C ALA C 548 -21.54 -1.07 25.20
N GLU C 549 -20.57 -0.20 25.48
CA GLU C 549 -20.73 0.77 26.57
C GLU C 549 -21.87 1.73 26.28
N ILE C 550 -21.95 2.23 25.03
CA ILE C 550 -23.02 3.14 24.66
C ILE C 550 -24.37 2.46 24.77
N LYS C 551 -24.43 1.19 24.38
CA LYS C 551 -25.70 0.44 24.46
C LYS C 551 -26.10 0.23 25.91
N ARG C 552 -25.16 -0.18 26.77
CA ARG C 552 -25.48 -0.37 28.18
C ARG C 552 -25.94 0.92 28.82
N GLU C 553 -25.33 2.05 28.45
CA GLU C 553 -25.68 3.32 29.07
C GLU C 553 -27.05 3.80 28.59
N SER C 554 -27.37 3.60 27.31
CA SER C 554 -28.68 3.99 26.82
C SER C 554 -29.79 3.17 27.49
N MET C 555 -29.54 1.88 27.70
CA MET C 555 -30.52 1.06 28.42
C MET C 555 -30.65 1.51 29.87
N ARG C 556 -29.54 1.89 30.50
CA ARG C 556 -29.58 2.35 31.88
C ARG C 556 -30.48 3.58 32.03
N LEU C 557 -30.46 4.47 31.04
CA LEU C 557 -31.28 5.68 31.07
C LEU C 557 -32.69 5.43 30.55
N GLY C 558 -33.03 4.21 30.18
CA GLY C 558 -34.38 3.87 29.78
C GLY C 558 -34.66 3.87 28.29
N ILE C 559 -33.63 3.88 27.45
CA ILE C 559 -33.83 3.83 26.01
C ILE C 559 -34.08 2.37 25.62
N LYS C 560 -35.30 2.08 25.17
CA LYS C 560 -35.67 0.71 24.85
C LYS C 560 -34.98 0.25 23.57
N THR C 561 -34.41 -0.95 23.63
CA THR C 561 -33.82 -1.57 22.45
C THR C 561 -34.92 -2.12 21.54
N MET C 562 -34.52 -2.57 20.35
CA MET C 562 -35.49 -3.13 19.42
C MET C 562 -36.08 -4.44 19.93
N ARG C 563 -35.28 -5.24 20.64
CA ARG C 563 -35.81 -6.47 21.24
C ARG C 563 -36.87 -6.15 22.29
N GLN C 564 -36.59 -5.18 23.17
CA GLN C 564 -37.55 -4.80 24.20
C GLN C 564 -38.81 -4.22 23.57
N SER C 565 -38.66 -3.42 22.52
CA SER C 565 -39.82 -2.91 21.81
C SER C 565 -40.64 -4.04 21.18
N GLY C 566 -39.95 -5.07 20.69
CA GLY C 566 -40.66 -6.23 20.16
C GLY C 566 -41.42 -6.98 21.23
N LEU C 567 -40.82 -7.14 22.42
CA LEU C 567 -41.51 -7.78 23.53
C LEU C 567 -42.72 -6.97 23.97
N THR C 568 -42.64 -5.63 23.87
CA THR C 568 -43.80 -4.80 24.18
C THR C 568 -44.94 -5.07 23.20
N LYS C 569 -44.62 -5.21 21.91
CA LYS C 569 -45.65 -5.55 20.94
C LYS C 569 -46.20 -6.96 21.16
N LEU C 570 -45.36 -7.87 21.66
CA LEU C 570 -45.81 -9.22 21.97
C LEU C 570 -46.83 -9.20 23.12
N LYS C 571 -46.53 -8.46 24.19
CA LYS C 571 -47.47 -8.37 25.31
C LYS C 571 -48.82 -7.81 24.87
N GLU C 572 -48.80 -6.80 24.00
CA GLU C 572 -50.02 -6.18 23.51
C GLU C 572 -50.76 -7.02 22.48
N GLY C 573 -50.22 -8.17 22.10
CA GLY C 573 -50.89 -9.03 21.13
C GLY C 573 -50.80 -8.56 19.70
N VAL C 574 -49.87 -7.65 19.39
CA VAL C 574 -49.75 -7.16 18.03
C VAL C 574 -48.94 -8.13 17.16
N THR C 575 -47.90 -8.72 17.73
CA THR C 575 -47.01 -9.63 17.01
C THR C 575 -46.87 -10.93 17.77
N SER C 576 -46.27 -11.92 17.11
CA SER C 576 -46.08 -13.24 17.70
C SER C 576 -44.69 -13.37 18.31
N PHE C 577 -44.53 -14.41 19.13
CA PHE C 577 -43.25 -14.65 19.78
C PHE C 577 -42.17 -15.06 18.78
N GLU C 578 -42.56 -15.84 17.76
CA GLU C 578 -41.59 -16.23 16.75
C GLU C 578 -41.08 -15.04 15.95
N GLU C 579 -41.92 -14.01 15.78
CA GLU C 579 -41.50 -12.84 15.02
C GLU C 579 -40.49 -11.99 15.79
N VAL C 580 -40.67 -11.86 17.10
CA VAL C 580 -39.72 -11.12 17.92
C VAL C 580 -38.33 -11.75 17.84
N LEU C 581 -38.27 -13.08 17.87
CA LEU C 581 -36.98 -13.76 17.80
C LEU C 581 -36.40 -13.71 16.39
N ARG C 582 -37.25 -13.59 15.36
CA ARG C 582 -36.75 -13.63 13.99
C ARG C 582 -36.12 -12.30 13.57
N VAL C 583 -36.68 -11.18 14.02
CA VAL C 583 -36.28 -9.87 13.52
C VAL C 583 -35.41 -9.07 14.49
N THR C 584 -35.26 -9.52 15.74
CA THR C 584 -34.46 -8.80 16.71
C THR C 584 -33.42 -9.73 17.32
N VAL C 585 -32.30 -9.14 17.73
CA VAL C 585 -31.24 -9.86 18.40
C VAL C 585 -31.39 -9.67 19.91
N ALA C 586 -30.87 -10.61 20.67
CA ALA C 586 -30.93 -10.51 22.12
C ALA C 586 -29.95 -9.44 22.63
N ASP C 587 -30.24 -8.94 23.82
CA ASP C 587 -29.38 -7.94 24.45
C ASP C 587 -28.42 -8.59 25.44
N PRO D 202 5.91 47.36 -22.23
CA PRO D 202 5.21 48.39 -21.45
C PRO D 202 4.75 47.88 -20.09
N VAL D 203 3.95 46.81 -20.08
CA VAL D 203 3.49 46.23 -18.82
C VAL D 203 4.66 45.64 -18.04
N VAL D 204 5.62 45.05 -18.75
CA VAL D 204 6.82 44.54 -18.10
C VAL D 204 7.56 45.67 -17.40
N LYS D 205 7.66 46.83 -18.05
CA LYS D 205 8.31 47.98 -17.43
C LYS D 205 7.58 48.42 -16.17
N LEU D 206 6.25 48.41 -16.20
CA LEU D 206 5.47 48.83 -15.04
C LEU D 206 5.65 47.86 -13.87
N VAL D 207 5.65 46.56 -14.15
CA VAL D 207 5.86 45.58 -13.10
C VAL D 207 7.26 45.71 -12.52
N ASN D 208 8.26 45.89 -13.38
CA ASN D 208 9.64 46.07 -12.91
C ASN D 208 9.75 47.32 -12.05
N LEU D 209 8.99 48.37 -12.37
CA LEU D 209 9.00 49.58 -11.57
C LEU D 209 8.43 49.31 -10.18
N ILE D 210 7.33 48.57 -10.12
CA ILE D 210 6.73 48.21 -8.82
C ILE D 210 7.75 47.45 -7.97
N LEU D 211 8.53 46.57 -8.60
CA LEU D 211 9.54 45.83 -7.86
C LEU D 211 10.71 46.72 -7.46
N THR D 212 11.20 47.54 -8.39
CA THR D 212 12.36 48.38 -8.09
C THR D 212 12.00 49.57 -7.21
N ASP D 213 10.74 50.04 -7.25
CA ASP D 213 10.33 51.10 -6.34
C ASP D 213 10.23 50.60 -4.91
N ALA D 214 9.86 49.32 -4.74
CA ALA D 214 9.70 48.77 -3.39
C ALA D 214 11.04 48.58 -2.69
N ILE D 215 12.09 48.23 -3.45
CA ILE D 215 13.40 48.08 -2.81
C ILE D 215 14.00 49.45 -2.49
N LYS D 216 13.72 50.46 -3.31
CA LYS D 216 14.21 51.80 -3.01
C LYS D 216 13.48 52.40 -1.81
N ARG D 217 12.19 52.11 -1.67
CA ARG D 217 11.39 52.65 -0.57
C ARG D 217 11.39 51.75 0.66
N LYS D 218 12.31 50.79 0.73
CA LYS D 218 12.50 49.95 1.92
C LYS D 218 11.24 49.15 2.26
N ALA D 219 10.49 48.74 1.25
CA ALA D 219 9.27 47.97 1.48
C ALA D 219 9.59 46.50 1.70
N SER D 220 8.94 45.91 2.71
CA SER D 220 9.11 44.49 2.98
C SER D 220 8.07 43.63 2.29
N ASP D 221 6.93 44.21 1.89
CA ASP D 221 5.87 43.45 1.25
C ASP D 221 5.16 44.33 0.23
N ILE D 222 4.71 43.72 -0.85
CA ILE D 222 3.96 44.39 -1.91
C ILE D 222 2.58 43.75 -2.00
N HIS D 223 1.54 44.57 -2.07
CA HIS D 223 0.16 44.11 -2.16
C HIS D 223 -0.47 44.70 -3.41
N ILE D 224 -0.84 43.84 -4.35
CA ILE D 224 -1.51 44.23 -5.57
C ILE D 224 -2.94 43.72 -5.50
N GLU D 225 -3.88 44.64 -5.28
CA GLU D 225 -5.23 44.28 -4.84
C GLU D 225 -6.27 44.80 -5.82
N PRO D 226 -7.05 43.92 -6.45
CA PRO D 226 -8.20 44.38 -7.24
C PRO D 226 -9.47 44.45 -6.41
N TYR D 227 -10.31 45.42 -6.76
CA TYR D 227 -11.62 45.56 -6.14
C TYR D 227 -12.64 45.85 -7.24
N GLU D 228 -13.90 45.93 -6.85
CA GLU D 228 -14.97 46.09 -7.83
C GLU D 228 -14.79 47.38 -8.63
N ARG D 229 -14.55 48.50 -7.94
CA ARG D 229 -14.50 49.81 -8.59
C ARG D 229 -13.13 50.45 -8.49
N SER D 230 -12.09 49.69 -8.15
CA SER D 230 -10.76 50.28 -8.02
C SER D 230 -9.71 49.18 -8.10
N PHE D 231 -8.45 49.60 -8.10
CA PHE D 231 -7.30 48.71 -8.25
C PHE D 231 -6.08 49.44 -7.73
N ARG D 232 -5.44 48.91 -6.69
CA ARG D 232 -4.40 49.63 -5.98
C ARG D 232 -3.20 48.73 -5.72
N VAL D 233 -2.06 49.38 -5.45
CA VAL D 233 -0.83 48.73 -5.05
C VAL D 233 -0.41 49.33 -3.70
N ARG D 234 -0.08 48.47 -2.74
CA ARG D 234 0.32 48.92 -1.42
C ARG D 234 1.67 48.34 -1.04
N TYR D 235 2.50 49.19 -0.44
CA TYR D 235 3.77 48.79 0.14
C TYR D 235 3.67 48.77 1.66
N ARG D 236 4.28 47.78 2.29
CA ARG D 236 4.42 47.76 3.75
C ARG D 236 5.80 48.28 4.09
N ILE D 237 5.85 49.45 4.75
CA ILE D 237 7.09 50.11 5.11
C ILE D 237 7.09 50.25 6.62
N ASP D 238 8.02 49.55 7.28
CA ASP D 238 8.13 49.54 8.74
C ASP D 238 6.82 49.08 9.38
N GLY D 239 6.21 48.04 8.80
CA GLY D 239 5.04 47.41 9.37
C GLY D 239 3.71 48.05 9.01
N VAL D 240 3.70 49.14 8.24
CA VAL D 240 2.48 49.87 7.91
C VAL D 240 2.28 49.84 6.41
N LEU D 241 1.06 49.55 5.99
CA LEU D 241 0.71 49.56 4.57
C LEU D 241 0.39 50.97 4.10
N TYR D 242 0.86 51.29 2.89
CA TYR D 242 0.58 52.59 2.28
C TYR D 242 0.22 52.38 0.82
N GLU D 243 -0.85 53.04 0.38
CA GLU D 243 -1.16 53.07 -1.05
C GLU D 243 -0.11 53.90 -1.77
N VAL D 244 0.54 53.30 -2.76
CA VAL D 244 1.60 53.98 -3.50
C VAL D 244 1.30 54.10 -4.99
N MET D 245 0.22 53.50 -5.48
CA MET D 245 -0.09 53.52 -6.90
C MET D 245 -1.52 53.03 -7.09
N LYS D 246 -2.20 53.61 -8.07
CA LYS D 246 -3.55 53.19 -8.46
C LYS D 246 -3.56 53.01 -9.97
N PRO D 247 -3.12 51.85 -10.46
CA PRO D 247 -3.16 51.60 -11.90
C PRO D 247 -4.58 51.51 -12.40
N PRO D 248 -4.83 51.81 -13.67
CA PRO D 248 -6.19 51.70 -14.20
C PRO D 248 -6.69 50.26 -14.18
N LEU D 249 -8.01 50.11 -14.11
CA LEU D 249 -8.62 48.79 -14.04
C LEU D 249 -8.37 47.95 -15.28
N LYS D 250 -8.01 48.59 -16.40
CA LYS D 250 -7.77 47.84 -17.63
C LYS D 250 -6.50 47.01 -17.55
N LEU D 251 -5.55 47.42 -16.72
CA LEU D 251 -4.25 46.77 -16.67
C LEU D 251 -4.16 45.65 -15.64
N LYS D 252 -5.19 45.45 -14.81
CA LYS D 252 -5.06 44.51 -13.70
C LYS D 252 -4.87 43.08 -14.18
N ASN D 253 -5.43 42.71 -15.34
CA ASN D 253 -5.21 41.37 -15.87
C ASN D 253 -3.79 41.22 -16.40
N ALA D 254 -3.26 42.26 -17.04
CA ALA D 254 -1.93 42.18 -17.62
C ALA D 254 -0.85 42.18 -16.54
N ILE D 255 -1.03 42.99 -15.49
CA ILE D 255 -0.02 43.05 -14.43
C ILE D 255 0.02 41.74 -13.66
N THR D 256 -1.14 41.16 -13.36
CA THR D 256 -1.17 39.91 -12.60
C THR D 256 -0.57 38.77 -13.40
N SER D 257 -0.96 38.64 -14.67
CA SER D 257 -0.44 37.56 -15.51
C SER D 257 1.07 37.65 -15.66
N ARG D 258 1.60 38.86 -15.85
CA ARG D 258 3.04 39.04 -15.97
C ARG D 258 3.76 38.52 -14.72
N ILE D 259 3.27 38.90 -13.54
CA ILE D 259 3.89 38.46 -12.29
C ILE D 259 3.78 36.95 -12.13
N LYS D 260 2.62 36.38 -12.51
CA LYS D 260 2.47 34.94 -12.48
C LYS D 260 3.43 34.24 -13.44
N ILE D 261 3.75 34.88 -14.57
CA ILE D 261 4.72 34.31 -15.49
C ILE D 261 6.12 34.42 -14.92
N MET D 262 6.44 35.55 -14.27
CA MET D 262 7.74 35.69 -13.64
C MET D 262 7.92 34.68 -12.51
N ALA D 263 6.85 34.34 -11.80
CA ALA D 263 6.89 33.35 -10.74
C ALA D 263 6.68 31.93 -11.26
N GLU D 264 6.55 31.75 -12.57
CA GLU D 264 6.36 30.43 -13.18
C GLU D 264 5.10 29.74 -12.67
N LEU D 265 4.05 30.52 -12.45
CA LEU D 265 2.78 29.99 -11.97
C LEU D 265 1.85 29.71 -13.16
N ASP D 266 0.72 29.05 -12.85
CA ASP D 266 -0.24 28.64 -13.88
C ASP D 266 -1.14 29.82 -14.21
N ILE D 267 -0.92 30.43 -15.37
CA ILE D 267 -1.70 31.59 -15.78
C ILE D 267 -3.12 31.19 -16.17
N ALA D 268 -3.35 29.93 -16.50
CA ALA D 268 -4.68 29.49 -16.93
C ALA D 268 -5.63 29.28 -15.75
N GLU D 269 -5.11 29.12 -14.54
CA GLU D 269 -5.92 28.88 -13.36
C GLU D 269 -6.05 30.18 -12.56
N ARG D 270 -7.29 30.63 -12.37
CA ARG D 270 -7.56 31.86 -11.64
C ARG D 270 -8.48 31.68 -10.44
N ARG D 271 -8.87 30.44 -10.12
CA ARG D 271 -9.82 30.20 -9.03
C ARG D 271 -9.17 29.67 -7.77
N LEU D 272 -7.93 29.19 -7.84
CA LEU D 272 -7.29 28.56 -6.70
C LEU D 272 -6.06 29.34 -6.25
N PRO D 273 -5.71 29.28 -4.96
CA PRO D 273 -4.47 29.92 -4.50
C PRO D 273 -3.25 29.27 -5.15
N GLN D 274 -2.25 30.10 -5.44
CA GLN D 274 -0.99 29.63 -6.01
C GLN D 274 0.16 30.38 -5.34
N ASP D 275 1.30 29.70 -5.22
CA ASP D 275 2.47 30.28 -4.56
C ASP D 275 3.71 29.96 -5.37
N GLY D 276 4.50 30.99 -5.68
CA GLY D 276 5.71 30.82 -6.43
C GLY D 276 6.88 31.61 -5.87
N ARG D 277 7.78 32.05 -6.74
CA ARG D 277 8.98 32.74 -6.31
C ARG D 277 9.59 33.49 -7.49
N ILE D 278 10.12 34.68 -7.22
CA ILE D 278 10.73 35.52 -8.25
C ILE D 278 12.11 35.96 -7.78
N LYS D 279 13.09 35.86 -8.66
CA LYS D 279 14.46 36.27 -8.38
C LYS D 279 14.86 37.37 -9.35
N ILE D 280 15.28 38.52 -8.82
CA ILE D 280 15.69 39.65 -9.65
C ILE D 280 17.07 40.11 -9.18
N LYS D 281 17.85 40.65 -10.12
CA LYS D 281 19.18 41.14 -9.82
C LYS D 281 19.29 42.64 -10.09
N ASP D 287 21.11 40.80 -5.76
CA ASP D 287 19.96 39.98 -6.13
C ASP D 287 18.85 40.09 -5.09
N MET D 288 17.61 40.26 -5.56
CA MET D 288 16.45 40.34 -4.68
C MET D 288 15.49 39.21 -5.02
N ASP D 289 15.08 38.46 -3.99
CA ASP D 289 14.21 37.31 -4.15
C ASP D 289 12.88 37.58 -3.47
N TYR D 290 11.79 37.35 -4.20
CA TYR D 290 10.43 37.61 -3.73
C TYR D 290 9.66 36.31 -3.56
N ARG D 291 8.92 36.21 -2.46
CA ARG D 291 7.99 35.10 -2.26
C ARG D 291 6.61 35.56 -2.73
N VAL D 292 6.07 34.86 -3.73
CA VAL D 292 4.85 35.27 -4.42
C VAL D 292 3.68 34.45 -3.92
N SER D 293 2.55 35.11 -3.67
CA SER D 293 1.34 34.47 -3.21
C SER D 293 0.16 35.03 -3.98
N VAL D 294 -0.58 34.17 -4.67
CA VAL D 294 -1.76 34.57 -5.43
C VAL D 294 -3.00 34.07 -4.69
N LEU D 295 -4.03 34.90 -4.67
CA LEU D 295 -5.20 34.65 -3.84
C LEU D 295 -6.46 35.09 -4.58
N PRO D 296 -7.38 34.16 -4.87
CA PRO D 296 -8.55 34.52 -5.70
C PRO D 296 -9.66 35.23 -4.94
N THR D 297 -9.75 36.55 -5.10
CA THR D 297 -10.80 37.32 -4.43
C THR D 297 -12.03 37.42 -5.33
N LEU D 298 -13.02 38.20 -4.91
CA LEU D 298 -14.28 38.32 -5.64
C LEU D 298 -14.06 38.95 -7.01
N PHE D 299 -13.25 40.00 -7.07
CA PHE D 299 -13.10 40.81 -8.29
C PHE D 299 -11.71 40.67 -8.90
N GLY D 300 -11.09 39.52 -8.75
CA GLY D 300 -9.81 39.25 -9.37
C GLY D 300 -8.91 38.48 -8.42
N GLU D 301 -7.64 38.40 -8.79
CA GLU D 301 -6.61 37.75 -7.99
C GLU D 301 -5.78 38.80 -7.27
N LYS D 302 -5.58 38.62 -5.97
CA LYS D 302 -4.67 39.46 -5.21
C LYS D 302 -3.30 38.79 -5.17
N VAL D 303 -2.25 39.57 -5.42
CA VAL D 303 -0.88 39.07 -5.40
C VAL D 303 -0.13 39.76 -4.28
N VAL D 304 0.60 38.99 -3.48
CA VAL D 304 1.45 39.51 -2.41
C VAL D 304 2.86 39.02 -2.68
N LEU D 305 3.81 39.95 -2.68
CA LEU D 305 5.23 39.63 -2.78
C LEU D 305 5.91 40.00 -1.47
N ARG D 306 6.61 39.05 -0.88
CA ARG D 306 7.31 39.25 0.38
C ARG D 306 8.81 39.22 0.12
N LEU D 307 9.50 40.30 0.48
CA LEU D 307 10.95 40.35 0.37
C LEU D 307 11.58 39.31 1.28
N LEU D 308 12.45 38.47 0.70
CA LEU D 308 13.23 37.52 1.48
C LEU D 308 14.57 38.15 1.81
N ASP D 309 14.84 38.33 3.09
CA ASP D 309 16.11 38.90 3.56
C ASP D 309 17.06 37.75 3.82
N LYS D 310 17.99 37.52 2.90
CA LYS D 310 18.98 36.46 3.09
C LYS D 310 19.89 36.77 4.27
N SER D 311 20.22 38.03 4.47
CA SER D 311 21.06 38.44 5.59
C SER D 311 20.20 38.85 6.79
N GLN D 314 23.17 33.16 9.85
CA GLN D 314 24.40 32.55 10.34
C GLN D 314 24.50 31.09 9.89
N LEU D 315 25.34 30.83 8.90
CA LEU D 315 25.51 29.47 8.40
C LEU D 315 26.27 28.56 9.36
N ASP D 316 26.57 29.00 10.58
CA ASP D 316 27.35 28.21 11.51
C ASP D 316 26.47 27.20 12.24
N MET D 317 26.91 25.95 12.28
CA MET D 317 26.10 24.88 12.86
C MET D 317 26.04 24.99 14.37
N THR D 318 27.09 25.50 15.00
CA THR D 318 27.13 25.59 16.46
C THR D 318 26.22 26.69 17.00
N LYS D 319 25.63 27.52 16.14
CA LYS D 319 24.77 28.61 16.56
C LYS D 319 23.32 28.41 16.13
N LEU D 320 22.93 27.19 15.77
CA LEU D 320 21.59 26.91 15.30
C LEU D 320 20.63 26.46 16.40
N GLY D 321 21.13 26.25 17.61
CA GLY D 321 20.27 25.83 18.70
C GLY D 321 20.12 24.33 18.86
N TYR D 322 21.04 23.53 18.34
CA TYR D 322 21.01 22.10 18.57
C TYR D 322 21.47 21.79 19.99
N GLU D 323 20.73 20.91 20.67
CA GLU D 323 21.21 20.40 21.94
C GLU D 323 22.49 19.58 21.72
N PRO D 324 23.36 19.49 22.72
CA PRO D 324 24.63 18.78 22.53
C PRO D 324 24.49 17.36 22.00
N ASP D 325 23.52 16.59 22.51
CA ASP D 325 23.30 15.25 21.99
C ASP D 325 22.88 15.29 20.52
N ALA D 326 21.95 16.19 20.19
CA ALA D 326 21.49 16.30 18.81
C ALA D 326 22.62 16.75 17.89
N LEU D 327 23.39 17.75 18.32
CA LEU D 327 24.52 18.22 17.51
C LEU D 327 25.56 17.12 17.32
N HIS D 328 25.72 16.24 18.32
CA HIS D 328 26.66 15.14 18.19
C HIS D 328 26.23 14.16 17.11
N TYR D 329 24.97 13.71 17.16
CA TYR D 329 24.46 12.80 16.13
C TYR D 329 24.53 13.44 14.75
N PHE D 330 24.22 14.73 14.66
CA PHE D 330 24.20 15.40 13.37
C PHE D 330 25.61 15.50 12.77
N LYS D 331 26.59 15.90 13.58
CA LYS D 331 27.96 15.97 13.10
C LYS D 331 28.51 14.59 12.75
N GLU D 332 28.16 13.58 13.55
CA GLU D 332 28.61 12.22 13.27
C GLU D 332 28.09 11.72 11.93
N ALA D 333 26.86 12.11 11.56
CA ALA D 333 26.24 11.58 10.35
C ALA D 333 26.79 12.23 9.09
N ILE D 334 27.09 13.54 9.13
CA ILE D 334 27.60 14.21 7.94
C ILE D 334 29.08 14.00 7.72
N HIS D 335 29.80 13.51 8.74
CA HIS D 335 31.22 13.21 8.59
C HIS D 335 31.49 11.75 8.24
N LYS D 336 30.45 10.94 8.11
CA LYS D 336 30.62 9.60 7.59
C LYS D 336 31.00 9.66 6.11
N PRO D 337 31.80 8.70 5.64
CA PRO D 337 32.24 8.75 4.23
C PRO D 337 31.12 8.61 3.23
N PHE D 338 29.98 8.05 3.63
CA PHE D 338 28.83 7.93 2.74
C PHE D 338 27.58 7.71 3.58
N GLY D 339 26.46 7.51 2.90
CA GLY D 339 25.17 7.42 3.54
C GLY D 339 24.32 8.66 3.27
N MET D 340 23.08 8.58 3.71
CA MET D 340 22.09 9.62 3.44
C MET D 340 21.70 10.33 4.73
N VAL D 341 21.61 11.65 4.64
CA VAL D 341 21.14 12.50 5.74
C VAL D 341 19.92 13.25 5.23
N LEU D 342 18.79 13.11 5.93
CA LEU D 342 17.54 13.73 5.54
C LEU D 342 17.13 14.77 6.57
N VAL D 343 16.89 15.99 6.10
CA VAL D 343 16.47 17.11 6.94
C VAL D 343 15.04 17.45 6.54
N THR D 344 14.08 17.17 7.43
CA THR D 344 12.67 17.30 7.09
C THR D 344 12.03 18.44 7.86
N GLY D 345 10.85 18.84 7.39
CA GLY D 345 10.08 19.91 7.99
C GLY D 345 9.23 20.63 6.96
N PRO D 346 8.30 21.46 7.43
CA PRO D 346 7.43 22.20 6.51
C PRO D 346 8.15 23.41 5.94
N THR D 347 7.43 24.17 5.12
CA THR D 347 7.96 25.40 4.55
C THR D 347 8.26 26.41 5.65
N GLY D 348 9.41 27.06 5.55
CA GLY D 348 9.80 28.04 6.55
C GLY D 348 10.20 27.45 7.89
N SER D 349 10.68 26.20 7.89
CA SER D 349 11.11 25.54 9.12
C SER D 349 12.62 25.61 9.33
N GLY D 350 13.36 26.24 8.43
CA GLY D 350 14.79 26.31 8.53
C GLY D 350 15.54 25.16 7.92
N LYS D 351 14.89 24.34 7.08
CA LYS D 351 15.54 23.18 6.50
C LYS D 351 16.76 23.59 5.67
N THR D 352 16.58 24.57 4.78
CA THR D 352 17.64 24.97 3.87
C THR D 352 18.85 25.51 4.64
N VAL D 353 18.60 26.27 5.71
CA VAL D 353 19.69 26.78 6.53
C VAL D 353 20.46 25.63 7.17
N SER D 354 19.74 24.61 7.65
CA SER D 354 20.40 23.44 8.22
C SER D 354 21.26 22.73 7.19
N LEU D 355 20.73 22.56 5.97
CA LEU D 355 21.50 21.91 4.91
C LEU D 355 22.76 22.71 4.58
N TYR D 356 22.60 24.00 4.29
CA TYR D 356 23.76 24.83 3.97
C TYR D 356 24.74 24.89 5.12
N SER D 357 24.25 24.87 6.37
CA SER D 357 25.15 24.81 7.52
C SER D 357 25.96 23.54 7.53
N ALA D 358 25.36 22.42 7.11
CA ALA D 358 26.10 21.17 7.02
C ALA D 358 27.13 21.21 5.90
N LEU D 359 26.78 21.83 4.77
CA LEU D 359 27.73 21.96 3.67
C LEU D 359 28.92 22.83 4.08
N GLY D 360 28.71 23.80 4.96
CA GLY D 360 29.81 24.63 5.41
C GLY D 360 30.85 23.85 6.20
N GLU D 361 30.38 22.94 7.07
CA GLU D 361 31.31 22.11 7.82
C GLU D 361 32.08 21.15 6.92
N LEU D 362 31.49 20.79 5.78
CA LEU D 362 32.07 19.80 4.87
C LEU D 362 32.85 20.40 3.71
N ASN D 363 32.71 21.70 3.46
CA ASN D 363 33.31 22.32 2.29
C ASN D 363 34.81 22.42 2.49
N LYS D 364 35.55 21.50 1.89
CA LYS D 364 37.00 21.53 1.88
C LYS D 364 37.50 21.39 0.44
N THR D 365 38.70 21.92 0.19
CA THR D 365 39.31 21.77 -1.12
C THR D 365 39.61 20.33 -1.48
N THR D 366 39.56 19.41 -0.49
CA THR D 366 39.84 18.01 -0.73
C THR D 366 38.63 17.23 -1.25
N GLU D 367 37.42 17.73 -1.02
CA GLU D 367 36.20 17.04 -1.41
C GLU D 367 35.51 17.77 -2.55
N ASN D 368 34.80 17.01 -3.37
CA ASN D 368 33.95 17.54 -4.43
C ASN D 368 32.51 17.53 -3.94
N ILE D 369 31.92 18.72 -3.82
CA ILE D 369 30.54 18.88 -3.38
C ILE D 369 29.74 19.45 -4.54
N SER D 370 28.63 18.79 -4.87
CA SER D 370 27.75 19.21 -5.95
C SER D 370 26.31 19.19 -5.46
N THR D 371 25.56 20.23 -5.80
CA THR D 371 24.19 20.38 -5.35
C THR D 371 23.26 20.56 -6.54
N ALA D 372 22.04 20.06 -6.38
CA ALA D 372 20.95 20.25 -7.34
C ALA D 372 19.81 20.93 -6.60
N GLU D 373 19.62 22.23 -6.86
CA GLU D 373 18.69 23.04 -6.09
C GLU D 373 17.64 23.67 -7.00
N ASP D 374 16.48 23.94 -6.42
CA ASP D 374 15.37 24.52 -7.17
C ASP D 374 14.60 25.50 -6.29
N PRO D 375 15.07 26.75 -6.18
CA PRO D 375 16.28 27.27 -6.81
C PRO D 375 17.50 27.26 -5.88
N VAL D 376 18.63 27.77 -6.37
CA VAL D 376 19.83 27.89 -5.55
C VAL D 376 19.63 29.06 -4.60
N GLU D 377 19.55 28.76 -3.30
CA GLU D 377 19.25 29.79 -2.31
C GLU D 377 20.43 30.74 -2.14
N PHE D 378 21.63 30.21 -1.95
CA PHE D 378 22.83 31.01 -1.73
C PHE D 378 23.94 30.52 -2.64
N ASN D 379 24.77 31.46 -3.09
CA ASN D 379 25.94 31.15 -3.91
C ASN D 379 27.12 30.84 -2.99
N PHE D 380 27.66 29.63 -3.11
CA PHE D 380 28.72 29.15 -2.23
C PHE D 380 29.97 28.91 -3.05
N ALA D 381 31.07 29.57 -2.66
CA ALA D 381 32.33 29.39 -3.36
C ALA D 381 32.93 28.03 -3.03
N GLY D 382 33.40 27.32 -4.05
CA GLY D 382 33.91 25.99 -3.91
C GLY D 382 32.87 24.89 -4.07
N ILE D 383 31.59 25.22 -3.93
CA ILE D 383 30.49 24.27 -4.12
C ILE D 383 29.99 24.40 -5.55
N ASN D 384 29.83 23.26 -6.22
CA ASN D 384 29.34 23.24 -7.60
C ASN D 384 27.82 23.15 -7.56
N GLN D 385 27.16 24.27 -7.76
CA GLN D 385 25.72 24.38 -7.59
C GLN D 385 25.02 24.41 -8.95
N VAL D 386 24.07 23.51 -9.14
CA VAL D 386 23.29 23.41 -10.37
C VAL D 386 21.84 23.79 -10.04
N GLN D 387 21.27 24.67 -10.86
CA GLN D 387 19.89 25.08 -10.69
C GLN D 387 19.01 24.32 -11.67
N MET D 388 17.81 23.97 -11.22
CA MET D 388 16.93 23.11 -12.00
C MET D 388 16.16 23.89 -13.04
N HIS D 389 15.80 23.19 -14.13
CA HIS D 389 15.04 23.77 -15.23
C HIS D 389 14.27 22.63 -15.88
N GLU D 390 13.04 22.40 -15.40
CA GLU D 390 12.29 21.22 -15.82
C GLU D 390 11.82 21.33 -17.26
N ASP D 391 11.31 22.49 -17.66
CA ASP D 391 10.82 22.66 -19.03
C ASP D 391 11.89 22.33 -20.06
N ILE D 392 13.16 22.44 -19.69
CA ILE D 392 14.26 22.07 -20.58
C ILE D 392 14.72 20.64 -20.35
N GLY D 393 14.39 20.04 -19.20
CA GLY D 393 14.75 18.68 -18.90
C GLY D 393 15.73 18.51 -17.76
N LEU D 394 16.06 19.58 -17.05
CA LEU D 394 17.05 19.54 -15.97
C LEU D 394 16.29 19.47 -14.65
N ASN D 395 15.95 18.25 -14.22
CA ASN D 395 15.32 17.99 -12.95
C ASN D 395 16.30 17.29 -12.02
N PHE D 396 15.84 17.01 -10.80
CA PHE D 396 16.70 16.36 -9.81
C PHE D 396 17.25 15.04 -10.32
N ALA D 397 16.43 14.27 -11.04
CA ALA D 397 16.88 12.97 -11.54
C ALA D 397 17.99 13.14 -12.57
N ALA D 398 17.84 14.09 -13.49
CA ALA D 398 18.86 14.29 -14.51
C ALA D 398 20.17 14.77 -13.90
N ALA D 399 20.09 15.65 -12.89
CA ALA D 399 21.31 16.14 -12.24
C ALA D 399 22.02 15.04 -11.48
N LEU D 400 21.25 14.18 -10.80
CA LEU D 400 21.86 13.10 -10.01
C LEU D 400 22.63 12.14 -10.91
N ARG D 401 22.07 11.79 -12.06
CA ARG D 401 22.76 10.89 -12.97
C ARG D 401 24.06 11.50 -13.47
N SER D 402 24.05 12.80 -13.78
CA SER D 402 25.28 13.47 -14.19
C SER D 402 26.27 13.55 -13.05
N PHE D 403 25.78 13.75 -11.82
CA PHE D 403 26.66 13.79 -10.66
C PHE D 403 27.45 12.50 -10.51
N LEU D 404 26.81 11.36 -10.78
CA LEU D 404 27.50 10.08 -10.68
C LEU D 404 28.65 9.96 -11.66
N ARG D 405 28.66 10.76 -12.72
CA ARG D 405 29.74 10.78 -13.70
C ARG D 405 30.73 11.92 -13.44
N GLN D 406 30.58 12.64 -12.33
CA GLN D 406 31.37 13.84 -12.05
C GLN D 406 32.42 13.61 -10.96
N ASP D 407 32.71 12.36 -10.64
CA ASP D 407 33.63 12.02 -9.55
C ASP D 407 33.24 12.74 -8.26
N PRO D 408 32.05 12.48 -7.72
CA PRO D 408 31.56 13.24 -6.58
C PRO D 408 32.02 12.64 -5.24
N ASP D 409 31.96 13.48 -4.22
CA ASP D 409 32.12 13.05 -2.83
C ASP D 409 30.87 13.29 -2.01
N ILE D 410 30.30 14.49 -2.10
CA ILE D 410 29.12 14.88 -1.35
C ILE D 410 28.09 15.43 -2.33
N ILE D 411 26.85 14.95 -2.21
CA ILE D 411 25.76 15.33 -3.11
C ILE D 411 24.63 15.90 -2.28
N MET D 412 24.11 17.05 -2.67
CA MET D 412 22.96 17.66 -2.02
C MET D 412 21.83 17.78 -3.03
N ILE D 413 20.69 17.18 -2.71
CA ILE D 413 19.48 17.26 -3.52
C ILE D 413 18.49 18.17 -2.80
N GLY D 414 17.95 19.15 -3.54
CA GLY D 414 17.06 20.11 -2.92
C GLY D 414 15.91 19.47 -2.17
N GLU D 415 15.28 18.47 -2.76
CA GLU D 415 14.14 17.80 -2.14
C GLU D 415 13.88 16.50 -2.86
N ILE D 416 13.51 15.47 -2.12
CA ILE D 416 13.09 14.20 -2.67
C ILE D 416 11.57 14.22 -2.76
N ARG D 417 11.04 14.34 -3.98
CA ARG D 417 9.62 14.44 -4.20
C ARG D 417 8.99 13.20 -4.81
N ASP D 418 9.74 12.46 -5.64
CA ASP D 418 9.20 11.32 -6.36
C ASP D 418 10.14 10.13 -6.25
N PHE D 419 9.59 8.95 -6.55
CA PHE D 419 10.35 7.71 -6.43
C PHE D 419 11.55 7.67 -7.34
N GLU D 420 11.46 8.30 -8.53
CA GLU D 420 12.59 8.31 -9.43
C GLU D 420 13.79 9.03 -8.82
N THR D 421 13.53 10.12 -8.09
CA THR D 421 14.62 10.83 -7.43
C THR D 421 15.13 10.08 -6.21
N ALA D 422 14.23 9.47 -5.44
CA ALA D 422 14.64 8.69 -4.28
C ALA D 422 15.49 7.49 -4.69
N GLU D 423 15.11 6.84 -5.79
CA GLU D 423 15.82 5.65 -6.26
C GLU D 423 17.29 5.96 -6.52
N ILE D 424 17.56 7.03 -7.28
CA ILE D 424 18.94 7.39 -7.61
C ILE D 424 19.67 7.90 -6.37
N ALA D 425 18.96 8.60 -5.49
CA ALA D 425 19.59 9.14 -4.29
C ALA D 425 20.01 8.02 -3.35
N ILE D 426 19.11 7.05 -3.13
CA ILE D 426 19.45 5.90 -2.29
C ILE D 426 20.63 5.15 -2.90
N LYS D 427 20.59 4.92 -4.21
CA LYS D 427 21.69 4.22 -4.87
C LYS D 427 23.00 4.96 -4.71
N ALA D 428 22.98 6.29 -4.85
CA ALA D 428 24.20 7.08 -4.69
C ALA D 428 24.75 6.99 -3.28
N ALA D 429 23.87 6.91 -2.28
CA ALA D 429 24.32 6.76 -0.90
C ALA D 429 24.96 5.39 -0.68
N LEU D 430 24.36 4.34 -1.22
CA LEU D 430 24.90 3.00 -1.06
C LEU D 430 26.17 2.81 -1.89
N THR D 431 26.31 3.57 -2.99
CA THR D 431 27.49 3.43 -3.83
C THR D 431 28.75 3.91 -3.11
N GLY D 432 28.63 4.91 -2.25
CA GLY D 432 29.78 5.40 -1.53
C GLY D 432 29.88 6.91 -1.48
N HIS D 433 28.75 7.60 -1.67
CA HIS D 433 28.70 9.05 -1.62
C HIS D 433 27.83 9.49 -0.45
N LEU D 434 28.12 10.69 0.05
CA LEU D 434 27.30 11.31 1.09
C LEU D 434 26.20 12.13 0.43
N VAL D 435 24.95 11.80 0.72
CA VAL D 435 23.79 12.41 0.06
C VAL D 435 22.96 13.12 1.12
N LEU D 436 22.77 14.42 0.95
CA LEU D 436 21.93 15.23 1.83
C LEU D 436 20.74 15.75 1.04
N SER D 437 19.56 15.71 1.66
CA SER D 437 18.35 16.17 0.99
C SER D 437 17.30 16.52 2.03
N THR D 438 16.12 16.90 1.55
CA THR D 438 15.01 17.30 2.40
C THR D 438 13.72 16.64 1.95
N LEU D 439 12.78 16.54 2.88
CA LEU D 439 11.40 16.16 2.59
C LEU D 439 10.47 16.98 3.48
N HIS D 440 9.22 17.06 3.06
CA HIS D 440 8.16 17.69 3.86
C HIS D 440 7.38 16.58 4.54
N THR D 441 7.74 16.28 5.78
CA THR D 441 7.09 15.23 6.56
C THR D 441 6.81 15.76 7.96
N ASN D 442 5.95 15.04 8.68
CA ASN D 442 5.49 15.50 10.00
C ASN D 442 6.63 15.44 11.02
N ASP D 443 7.35 14.32 11.08
CA ASP D 443 8.48 14.19 11.98
C ASP D 443 9.50 13.26 11.33
N ALA D 444 10.55 12.92 12.07
CA ALA D 444 11.59 12.02 11.58
C ALA D 444 11.07 10.60 11.42
N PRO D 445 10.31 10.04 12.37
CA PRO D 445 9.76 8.69 12.15
C PRO D 445 8.88 8.59 10.92
N ALA D 446 7.99 9.57 10.70
CA ALA D 446 7.09 9.53 9.54
C ALA D 446 7.84 9.64 8.22
N THR D 447 9.09 10.13 8.23
CA THR D 447 9.86 10.20 7.00
C THR D 447 10.13 8.81 6.43
N ILE D 448 10.32 7.82 7.29
CA ILE D 448 10.54 6.45 6.84
C ILE D 448 9.32 5.94 6.08
N ASN D 449 8.13 6.16 6.64
CA ASN D 449 6.90 5.72 5.97
C ASN D 449 6.71 6.43 4.64
N ARG D 450 7.12 7.70 4.55
CA ARG D 450 7.01 8.42 3.28
C ARG D 450 7.87 7.78 2.20
N LEU D 451 9.12 7.43 2.53
CA LEU D 451 9.99 6.79 1.57
C LEU D 451 9.45 5.43 1.15
N LEU D 452 8.92 4.67 2.12
CA LEU D 452 8.36 3.35 1.80
C LEU D 452 7.15 3.49 0.89
N ASN D 453 6.27 4.44 1.17
CA ASN D 453 5.10 4.66 0.33
C ASN D 453 5.46 5.14 -1.06
N MET D 454 6.63 5.74 -1.23
CA MET D 454 7.10 6.10 -2.57
C MET D 454 7.58 4.89 -3.35
N GLY D 455 7.80 3.75 -2.70
CA GLY D 455 8.20 2.54 -3.37
C GLY D 455 9.59 2.06 -3.05
N VAL D 456 10.34 2.77 -2.20
CA VAL D 456 11.68 2.31 -1.83
C VAL D 456 11.55 1.12 -0.91
N GLU D 457 12.26 0.04 -1.23
CA GLU D 457 12.22 -1.16 -0.42
C GLU D 457 12.72 -0.87 1.00
N PRO D 458 12.16 -1.53 2.01
CA PRO D 458 12.53 -1.19 3.39
C PRO D 458 13.99 -1.45 3.72
N PHE D 459 14.60 -2.51 3.17
CA PHE D 459 16.00 -2.79 3.49
C PHE D 459 16.94 -1.74 2.90
N LEU D 460 16.53 -1.08 1.82
CA LEU D 460 17.35 -0.01 1.26
C LEU D 460 17.31 1.24 2.14
N VAL D 461 16.14 1.54 2.72
CA VAL D 461 16.05 2.66 3.65
C VAL D 461 16.85 2.36 4.92
N ALA D 462 16.82 1.12 5.38
CA ALA D 462 17.50 0.77 6.63
C ALA D 462 19.01 0.93 6.50
N SER D 463 19.57 0.60 5.34
CA SER D 463 21.02 0.62 5.17
C SER D 463 21.56 1.90 4.56
N ALA D 464 20.75 2.67 3.83
CA ALA D 464 21.26 3.85 3.16
C ALA D 464 21.20 5.11 4.01
N VAL D 465 20.19 5.25 4.86
CA VAL D 465 19.96 6.48 5.62
C VAL D 465 20.79 6.44 6.90
N ASN D 466 21.64 7.45 7.09
CA ASN D 466 22.39 7.58 8.34
C ASN D 466 21.58 8.27 9.42
N LEU D 467 20.71 9.20 9.04
CA LEU D 467 20.19 10.19 9.98
C LEU D 467 19.00 10.88 9.35
N ILE D 468 17.96 11.12 10.15
CA ILE D 468 16.80 11.91 9.75
C ILE D 468 16.54 12.95 10.84
N THR D 469 16.43 14.21 10.44
CA THR D 469 16.04 15.28 11.35
C THR D 469 14.64 15.78 11.01
N ALA D 470 13.95 16.29 12.04
CA ALA D 470 12.72 17.03 11.89
C ALA D 470 12.82 18.27 12.74
N GLN D 471 12.38 19.41 12.20
CA GLN D 471 12.58 20.66 12.89
C GLN D 471 11.43 21.62 12.64
N ARG D 472 11.23 22.53 13.60
CA ARG D 472 10.27 23.62 13.50
CA ARG D 472 10.29 23.62 13.48
C ARG D 472 10.93 24.88 14.04
N LEU D 473 10.47 26.03 13.55
CA LEU D 473 10.99 27.32 13.99
C LEU D 473 9.98 27.99 14.91
N ALA D 474 10.37 28.17 16.17
CA ALA D 474 9.56 28.87 17.16
C ALA D 474 10.19 30.22 17.47
N ARG D 475 9.38 31.11 18.03
CA ARG D 475 9.85 32.44 18.37
C ARG D 475 10.51 32.45 19.74
N ARG D 476 11.56 33.25 19.87
CA ARG D 476 12.32 33.40 21.10
C ARG D 476 11.75 34.56 21.90
N VAL D 477 11.54 34.34 23.21
CA VAL D 477 10.97 35.40 24.04
C VAL D 477 11.92 36.58 24.09
N CYS D 478 11.36 37.79 24.10
CA CYS D 478 12.16 39.01 24.16
C CYS D 478 12.93 39.06 25.48
N SER D 479 14.25 39.18 25.38
CA SER D 479 15.09 39.20 26.57
C SER D 479 14.87 40.42 27.44
N GLU D 480 14.19 41.45 26.94
CA GLU D 480 14.04 42.70 27.67
C GLU D 480 12.79 42.75 28.55
N CYS D 481 11.69 42.13 28.11
CA CYS D 481 10.43 42.19 28.86
C CYS D 481 9.95 40.81 29.31
N LYS D 482 10.76 39.77 29.16
CA LYS D 482 10.36 38.45 29.62
C LYS D 482 10.20 38.43 31.13
N GLN D 483 9.23 37.65 31.61
CA GLN D 483 9.04 37.44 33.03
C GLN D 483 8.18 36.19 33.21
N PRO D 484 8.24 35.53 34.37
CA PRO D 484 7.49 34.30 34.55
C PRO D 484 5.98 34.51 34.45
N GLU D 485 5.29 33.49 33.95
CA GLU D 485 3.84 33.46 33.97
C GLU D 485 3.40 32.21 34.70
N GLU D 486 2.25 32.31 35.37
CA GLU D 486 1.76 31.24 36.23
C GLU D 486 1.07 30.18 35.37
N ILE D 487 1.66 28.99 35.33
CA ILE D 487 1.12 27.87 34.57
C ILE D 487 0.96 26.70 35.52
N PRO D 488 -0.25 26.14 35.68
CA PRO D 488 -0.42 24.99 36.57
C PRO D 488 0.49 23.84 36.15
N ILE D 489 1.13 23.22 37.14
CA ILE D 489 2.13 22.20 36.85
C ILE D 489 1.51 21.01 36.12
N GLN D 490 0.21 20.77 36.31
CA GLN D 490 -0.43 19.67 35.60
C GLN D 490 -0.55 19.96 34.11
N ALA D 491 -0.65 21.23 33.73
CA ALA D 491 -0.63 21.58 32.31
C ALA D 491 0.72 21.24 31.68
N LEU D 492 1.81 21.52 32.40
CA LEU D 492 3.14 21.19 31.90
C LEU D 492 3.31 19.67 31.78
N ILE D 493 2.81 18.92 32.76
CA ILE D 493 2.94 17.47 32.73
C ILE D 493 2.11 16.89 31.59
N ASP D 494 0.91 17.43 31.37
CA ASP D 494 0.10 16.98 30.23
C ASP D 494 0.77 17.26 28.89
N ALA D 495 1.66 18.25 28.83
CA ALA D 495 2.38 18.57 27.60
C ALA D 495 3.63 17.73 27.40
N GLY D 496 3.99 16.89 28.37
CA GLY D 496 5.15 16.02 28.25
C GLY D 496 6.21 16.20 29.31
N VAL D 497 6.08 17.16 30.23
CA VAL D 497 7.07 17.32 31.29
C VAL D 497 6.91 16.19 32.29
N SER D 498 8.01 15.52 32.62
CA SER D 498 7.98 14.47 33.61
C SER D 498 7.55 15.05 34.96
N PRO D 499 6.81 14.27 35.76
CA PRO D 499 6.35 14.80 37.06
C PRO D 499 7.47 15.25 37.97
N ASP D 500 8.63 14.60 37.92
CA ASP D 500 9.74 14.99 38.77
C ASP D 500 10.29 16.35 38.38
N GLU D 501 10.47 16.59 37.08
CA GLU D 501 11.02 17.86 36.60
C GLU D 501 10.03 19.01 36.71
N GLY D 502 8.74 18.71 36.77
CA GLY D 502 7.69 19.70 36.80
C GLY D 502 7.94 20.91 37.67
N PRO D 503 8.13 20.70 38.98
CA PRO D 503 8.25 21.84 39.90
C PRO D 503 9.39 22.79 39.59
N SER D 504 10.41 22.36 38.85
CA SER D 504 11.58 23.20 38.59
C SER D 504 11.41 24.12 37.39
N TYR D 505 10.26 24.13 36.74
CA TYR D 505 10.07 24.91 35.53
C TYR D 505 9.71 26.35 35.85
N VAL D 506 10.29 27.28 35.10
CA VAL D 506 9.91 28.69 35.12
C VAL D 506 9.61 29.07 33.67
N CYS D 507 8.33 29.21 33.35
CA CYS D 507 7.89 29.52 31.99
C CYS D 507 7.87 31.03 31.80
N TYR D 508 8.70 31.51 30.90
CA TYR D 508 8.82 32.94 30.63
C TYR D 508 7.92 33.34 29.46
N LYS D 509 7.46 34.59 29.51
CA LYS D 509 6.68 35.17 28.42
C LYS D 509 6.90 36.66 28.42
N GLY D 510 7.18 37.22 27.24
CA GLY D 510 7.35 38.65 27.13
C GLY D 510 6.02 39.38 27.24
N THR D 511 6.02 40.47 27.97
CA THR D 511 4.82 41.30 28.13
C THR D 511 4.65 42.29 26.98
N GLY D 512 5.68 42.50 26.17
CA GLY D 512 5.62 43.48 25.10
C GLY D 512 6.34 44.75 25.45
N CYS D 513 7.40 45.07 24.70
CA CYS D 513 8.16 46.30 24.91
C CYS D 513 8.48 46.89 23.54
N VAL D 514 9.23 47.99 23.55
CA VAL D 514 9.55 48.67 22.30
C VAL D 514 10.61 47.91 21.51
N LYS D 515 11.48 47.15 22.20
CA LYS D 515 12.53 46.41 21.51
C LYS D 515 12.00 45.18 20.77
N CYS D 516 10.70 44.86 20.90
CA CYS D 516 10.12 43.70 20.23
C CYS D 516 8.79 44.04 19.57
N ASN D 517 8.53 45.32 19.30
CA ASN D 517 7.28 45.78 18.69
C ASN D 517 6.06 45.37 19.52
N ASN D 518 6.23 45.28 20.84
CA ASN D 518 5.19 44.89 21.78
C ASN D 518 4.64 43.50 21.50
N THR D 519 5.43 42.65 20.83
CA THR D 519 5.02 41.27 20.56
C THR D 519 5.45 40.30 21.65
N GLY D 520 6.46 40.66 22.45
CA GLY D 520 7.03 39.75 23.42
C GLY D 520 8.03 38.76 22.86
N TYR D 521 8.31 38.83 21.56
CA TYR D 521 9.25 37.91 20.92
C TYR D 521 10.23 38.68 20.05
N LYS D 522 11.48 38.23 20.04
CA LYS D 522 12.50 38.79 19.16
C LYS D 522 13.47 37.67 18.84
N GLY D 523 13.51 37.26 17.58
CA GLY D 523 14.33 36.15 17.15
C GLY D 523 13.55 34.85 17.12
N ARG D 524 14.23 33.79 16.70
CA ARG D 524 13.63 32.47 16.58
C ARG D 524 14.55 31.41 17.15
N VAL D 525 13.94 30.31 17.60
CA VAL D 525 14.66 29.15 18.09
C VAL D 525 14.26 27.94 17.27
N GLY D 526 15.14 26.95 17.23
CA GLY D 526 14.89 25.71 16.53
C GLY D 526 14.51 24.60 17.49
N PHE D 527 13.46 23.87 17.15
CA PHE D 527 13.05 22.66 17.85
C PHE D 527 13.45 21.47 16.98
N TYR D 528 14.44 20.71 17.40
CA TYR D 528 15.04 19.68 16.56
C TYR D 528 14.75 18.29 17.10
N GLN D 529 14.47 17.37 16.18
CA GLN D 529 14.42 15.93 16.45
C GLN D 529 15.49 15.29 15.57
N VAL D 530 16.64 14.99 16.14
CA VAL D 530 17.77 14.42 15.42
C VAL D 530 17.78 12.92 15.72
N MET D 531 17.33 12.13 14.75
CA MET D 531 17.20 10.69 14.93
C MET D 531 18.24 9.96 14.10
N PRO D 532 19.29 9.41 14.71
CA PRO D 532 20.20 8.55 13.95
C PRO D 532 19.58 7.19 13.69
N MET D 533 19.97 6.59 12.57
CA MET D 533 19.45 5.27 12.18
C MET D 533 20.11 4.21 13.05
N LEU D 534 19.69 4.17 14.32
CA LEU D 534 20.21 3.20 15.26
C LEU D 534 19.81 1.79 14.85
N GLU D 535 20.62 0.82 15.27
CA GLU D 535 20.40 -0.57 14.86
C GLU D 535 19.02 -1.06 15.27
N GLU D 536 18.53 -0.61 16.42
CA GLU D 536 17.17 -0.98 16.84
C GLU D 536 16.14 -0.45 15.86
N ILE D 537 16.34 0.75 15.34
CA ILE D 537 15.41 1.32 14.36
C ILE D 537 15.55 0.59 13.03
N ARG D 538 16.76 0.16 12.67
CA ARG D 538 16.95 -0.57 11.42
C ARG D 538 16.19 -1.89 11.42
N GLU D 539 16.24 -2.63 12.52
CA GLU D 539 15.51 -3.89 12.60
C GLU D 539 14.02 -3.67 12.51
N LEU D 540 13.52 -2.61 13.15
CA LEU D 540 12.08 -2.32 13.10
C LEU D 540 11.61 -2.07 11.67
N ILE D 541 12.40 -1.33 10.89
CA ILE D 541 12.06 -1.11 9.49
C ILE D 541 12.07 -2.44 8.73
N LEU D 542 13.07 -3.28 9.00
CA LEU D 542 13.13 -4.58 8.33
C LEU D 542 11.96 -5.47 8.72
N ASN D 543 11.43 -5.30 9.93
CA ASN D 543 10.27 -6.05 10.37
C ASN D 543 8.95 -5.37 10.01
N GLY D 544 8.99 -4.26 9.30
CA GLY D 544 7.77 -3.58 8.89
C GLY D 544 7.02 -2.90 10.02
N ALA D 545 7.73 -2.25 10.94
CA ALA D 545 7.07 -1.52 12.02
C ALA D 545 6.44 -0.24 11.49
N ASN D 546 5.33 0.15 12.11
CA ASN D 546 4.64 1.36 11.69
C ASN D 546 5.33 2.59 12.28
N THR D 547 4.80 3.77 11.96
CA THR D 547 5.38 5.02 12.44
C THR D 547 5.35 5.09 13.96
N ALA D 548 4.26 4.65 14.57
CA ALA D 548 4.12 4.73 16.02
C ALA D 548 5.18 3.90 16.74
N GLU D 549 5.39 2.67 16.28
CA GLU D 549 6.38 1.80 16.92
C GLU D 549 7.80 2.35 16.76
N ILE D 550 8.09 2.99 15.62
CA ILE D 550 9.42 3.55 15.41
C ILE D 550 9.65 4.76 16.30
N LYS D 551 8.64 5.62 16.43
CA LYS D 551 8.78 6.80 17.29
C LYS D 551 8.98 6.39 18.74
N ARG D 552 8.17 5.46 19.23
CA ARG D 552 8.31 5.02 20.62
C ARG D 552 9.68 4.40 20.88
N GLU D 553 10.17 3.60 19.93
CA GLU D 553 11.49 3.00 20.09
C GLU D 553 12.58 4.08 20.11
N SER D 554 12.45 5.11 19.29
CA SER D 554 13.44 6.18 19.28
C SER D 554 13.44 6.94 20.59
N MET D 555 12.26 7.15 21.18
CA MET D 555 12.19 7.83 22.47
C MET D 555 12.78 6.98 23.59
N ARG D 556 12.68 5.65 23.47
CA ARG D 556 13.28 4.79 24.49
C ARG D 556 14.80 4.91 24.50
N LEU D 557 15.41 5.11 23.32
CA LEU D 557 16.86 5.21 23.21
C LEU D 557 17.37 6.63 23.46
N GLY D 558 16.51 7.54 23.92
CA GLY D 558 16.93 8.88 24.28
C GLY D 558 16.86 9.91 23.18
N ILE D 559 16.25 9.59 22.04
CA ILE D 559 16.10 10.55 20.95
C ILE D 559 14.94 11.47 21.28
N LYS D 560 15.24 12.73 21.58
CA LYS D 560 14.21 13.69 21.96
C LYS D 560 13.34 14.05 20.77
N THR D 561 12.03 14.07 20.99
CA THR D 561 11.09 14.56 19.99
C THR D 561 11.17 16.09 19.92
N MET D 562 10.49 16.65 18.91
CA MET D 562 10.41 18.10 18.81
C MET D 562 9.67 18.72 19.99
N ARG D 563 8.65 18.01 20.51
CA ARG D 563 7.96 18.47 21.71
C ARG D 563 8.92 18.53 22.89
N GLN D 564 9.70 17.47 23.10
CA GLN D 564 10.67 17.45 24.20
C GLN D 564 11.77 18.47 23.99
N SER D 565 12.19 18.69 22.74
CA SER D 565 13.16 19.74 22.46
C SER D 565 12.58 21.12 22.75
N GLY D 566 11.28 21.31 22.50
CA GLY D 566 10.65 22.57 22.83
C GLY D 566 10.51 22.78 24.33
N LEU D 567 10.19 21.71 25.06
CA LEU D 567 10.13 21.80 26.51
C LEU D 567 11.49 22.08 27.12
N THR D 568 12.56 21.61 26.49
CA THR D 568 13.91 21.92 26.98
C THR D 568 14.20 23.40 26.85
N LYS D 569 13.90 23.99 25.69
CA LYS D 569 14.12 25.42 25.50
C LYS D 569 13.16 26.24 26.36
N LEU D 570 11.96 25.74 26.61
CA LEU D 570 11.09 26.39 27.60
C LEU D 570 11.74 26.36 28.98
N LYS D 571 12.36 25.24 29.33
CA LYS D 571 13.06 25.12 30.61
C LYS D 571 14.21 26.12 30.70
N GLU D 572 14.89 26.37 29.59
CA GLU D 572 16.00 27.31 29.54
C GLU D 572 15.54 28.77 29.53
N GLY D 573 14.23 29.01 29.43
CA GLY D 573 13.71 30.36 29.47
C GLY D 573 13.85 31.14 28.18
N VAL D 574 14.10 30.48 27.05
CA VAL D 574 14.28 31.17 25.78
C VAL D 574 13.03 31.13 24.89
N THR D 575 12.04 30.31 25.22
CA THR D 575 10.78 30.31 24.50
C THR D 575 9.64 30.20 25.49
N SER D 576 8.42 30.41 25.00
CA SER D 576 7.23 30.41 25.84
C SER D 576 6.49 29.09 25.72
N PHE D 577 5.56 28.87 26.66
CA PHE D 577 4.77 27.64 26.65
C PHE D 577 3.80 27.62 25.47
N GLU D 578 3.29 28.78 25.05
CA GLU D 578 2.39 28.81 23.91
C GLU D 578 3.13 28.47 22.62
N GLU D 579 4.41 28.84 22.51
CA GLU D 579 5.19 28.48 21.33
C GLU D 579 5.40 26.98 21.24
N VAL D 580 5.68 26.33 22.36
CA VAL D 580 5.84 24.87 22.37
C VAL D 580 4.55 24.20 21.88
N LEU D 581 3.41 24.62 22.42
CA LEU D 581 2.14 24.03 22.03
C LEU D 581 1.72 24.43 20.62
N ARG D 582 2.27 25.51 20.08
CA ARG D 582 1.85 25.97 18.76
C ARG D 582 2.52 25.17 17.64
N VAL D 583 3.81 24.87 17.78
CA VAL D 583 4.59 24.32 16.67
C VAL D 583 4.91 22.84 16.85
N THR D 584 4.59 22.23 17.98
CA THR D 584 4.85 20.82 18.20
C THR D 584 3.57 20.12 18.66
N VAL D 585 3.44 18.86 18.27
CA VAL D 585 2.33 18.03 18.71
C VAL D 585 2.79 17.22 19.92
N ALA D 586 1.82 16.70 20.67
CA ALA D 586 2.12 15.95 21.88
C ALA D 586 2.64 14.55 21.55
N ASP D 587 3.36 13.97 22.50
CA ASP D 587 3.90 12.63 22.36
C ASP D 587 3.06 11.62 23.14
N PRO E 202 35.53 -23.17 -48.35
CA PRO E 202 36.81 -23.22 -47.64
C PRO E 202 36.63 -23.46 -46.14
N VAL E 203 35.71 -22.70 -45.54
CA VAL E 203 35.44 -22.85 -44.11
C VAL E 203 34.69 -24.14 -43.83
N VAL E 204 33.88 -24.59 -44.79
CA VAL E 204 33.02 -25.76 -44.62
C VAL E 204 33.81 -26.95 -44.06
N LYS E 205 34.89 -27.32 -44.73
CA LYS E 205 35.67 -28.46 -44.28
C LYS E 205 36.26 -28.23 -42.89
N LEU E 206 36.78 -27.02 -42.64
CA LEU E 206 37.41 -26.75 -41.36
C LEU E 206 36.40 -26.82 -40.22
N VAL E 207 35.20 -26.26 -40.43
CA VAL E 207 34.17 -26.32 -39.39
C VAL E 207 33.81 -27.76 -39.09
N ASN E 208 33.61 -28.57 -40.12
CA ASN E 208 33.29 -29.98 -39.92
C ASN E 208 34.44 -30.72 -39.24
N LEU E 209 35.68 -30.34 -39.54
CA LEU E 209 36.82 -30.92 -38.84
C LEU E 209 36.78 -30.60 -37.36
N ILE E 210 36.48 -29.34 -37.03
CA ILE E 210 36.42 -28.93 -35.63
C ILE E 210 35.33 -29.69 -34.88
N LEU E 211 34.15 -29.83 -35.51
CA LEU E 211 33.03 -30.45 -34.84
C LEU E 211 33.15 -31.97 -34.75
N THR E 212 33.82 -32.59 -35.72
CA THR E 212 33.81 -34.05 -35.81
C THR E 212 35.08 -34.71 -35.30
N ASP E 213 36.22 -34.00 -35.27
CA ASP E 213 37.39 -34.55 -34.60
C ASP E 213 37.14 -34.74 -33.11
N ALA E 214 36.22 -33.97 -32.53
CA ALA E 214 35.84 -34.16 -31.13
C ALA E 214 35.19 -35.51 -30.89
N ILE E 215 34.61 -36.12 -31.92
CA ILE E 215 34.02 -37.45 -31.77
C ILE E 215 35.10 -38.48 -31.48
N LYS E 216 36.17 -38.49 -32.29
CA LYS E 216 37.25 -39.44 -32.09
C LYS E 216 38.01 -39.19 -30.79
N ARG E 217 38.10 -37.92 -30.37
CA ARG E 217 38.78 -37.59 -29.13
C ARG E 217 37.91 -37.81 -27.90
N LYS E 218 36.63 -38.16 -28.08
CA LYS E 218 35.69 -38.36 -26.99
C LYS E 218 35.59 -37.11 -26.11
N ALA E 219 35.37 -35.96 -26.76
CA ALA E 219 35.23 -34.69 -26.08
C ALA E 219 33.76 -34.43 -25.77
N SER E 220 33.51 -33.80 -24.62
CA SER E 220 32.15 -33.47 -24.23
C SER E 220 31.70 -32.12 -24.78
N ASP E 221 32.61 -31.16 -24.90
CA ASP E 221 32.27 -29.81 -25.31
C ASP E 221 33.34 -29.25 -26.24
N ILE E 222 32.93 -28.32 -27.09
CA ILE E 222 33.82 -27.62 -28.00
C ILE E 222 33.68 -26.13 -27.73
N HIS E 223 34.81 -25.44 -27.55
CA HIS E 223 34.83 -24.01 -27.29
C HIS E 223 35.58 -23.31 -28.41
N ILE E 224 34.89 -22.44 -29.13
CA ILE E 224 35.47 -21.65 -30.21
C ILE E 224 35.52 -20.21 -29.73
N GLU E 225 36.72 -19.73 -29.41
CA GLU E 225 36.90 -18.50 -28.65
C GLU E 225 37.80 -17.51 -29.37
N PRO E 226 37.27 -16.35 -29.78
CA PRO E 226 38.14 -15.30 -30.31
C PRO E 226 38.55 -14.29 -29.23
N TYR E 227 39.78 -13.80 -29.36
CA TYR E 227 40.31 -12.78 -28.46
C TYR E 227 40.93 -11.67 -29.31
N GLU E 228 41.48 -10.65 -28.63
CA GLU E 228 41.95 -9.47 -29.35
C GLU E 228 43.08 -9.79 -30.31
N ARG E 229 43.98 -10.71 -29.93
CA ARG E 229 45.13 -11.05 -30.76
C ARG E 229 45.22 -12.53 -31.12
N SER E 230 44.28 -13.36 -30.68
CA SER E 230 44.37 -14.78 -30.93
C SER E 230 42.99 -15.38 -31.17
N PHE E 231 42.99 -16.64 -31.60
CA PHE E 231 41.78 -17.38 -31.92
C PHE E 231 42.09 -18.85 -31.70
N ARG E 232 41.36 -19.50 -30.78
CA ARG E 232 41.66 -20.87 -30.41
C ARG E 232 40.38 -21.71 -30.37
N VAL E 233 40.58 -23.01 -30.49
CA VAL E 233 39.53 -24.00 -30.28
C VAL E 233 39.98 -24.90 -29.14
N ARG E 234 39.08 -25.17 -28.20
CA ARG E 234 39.37 -26.01 -27.05
C ARG E 234 38.35 -27.13 -26.96
N TYR E 235 38.85 -28.34 -26.74
CA TYR E 235 38.02 -29.51 -26.44
C TYR E 235 38.06 -29.79 -24.95
N ARG E 236 36.91 -30.14 -24.38
CA ARG E 236 36.85 -30.63 -23.01
C ARG E 236 36.85 -32.14 -23.05
N ILE E 237 37.92 -32.74 -22.55
CA ILE E 237 38.13 -34.18 -22.58
C ILE E 237 38.25 -34.66 -21.14
N ASP E 238 37.28 -35.46 -20.70
CA ASP E 238 37.24 -35.99 -19.34
C ASP E 238 37.28 -34.87 -18.29
N GLY E 239 36.57 -33.78 -18.58
CA GLY E 239 36.42 -32.69 -17.64
C GLY E 239 37.43 -31.56 -17.77
N VAL E 240 38.52 -31.76 -18.52
CA VAL E 240 39.59 -30.79 -18.65
C VAL E 240 39.59 -30.22 -20.07
N LEU E 241 39.80 -28.92 -20.18
CA LEU E 241 39.89 -28.26 -21.48
C LEU E 241 41.33 -28.32 -22.00
N TYR E 242 41.45 -28.57 -23.30
CA TYR E 242 42.74 -28.63 -23.96
C TYR E 242 42.67 -27.84 -25.26
N GLU E 243 43.67 -26.99 -25.49
CA GLU E 243 43.78 -26.29 -26.76
C GLU E 243 44.15 -27.29 -27.86
N VAL E 244 43.28 -27.42 -28.84
CA VAL E 244 43.46 -28.40 -29.92
C VAL E 244 43.70 -27.75 -31.27
N MET E 245 43.48 -26.44 -31.41
CA MET E 245 43.69 -25.77 -32.68
C MET E 245 43.78 -24.27 -32.42
N LYS E 246 44.60 -23.60 -33.23
CA LYS E 246 44.74 -22.14 -33.20
C LYS E 246 44.54 -21.64 -34.63
N PRO E 247 43.30 -21.49 -35.07
CA PRO E 247 43.03 -21.07 -36.45
C PRO E 247 43.42 -19.63 -36.68
N PRO E 248 43.61 -19.23 -37.93
CA PRO E 248 43.96 -17.83 -38.21
C PRO E 248 42.83 -16.87 -37.84
N LEU E 249 43.22 -15.67 -37.43
CA LEU E 249 42.24 -14.69 -36.97
C LEU E 249 41.27 -14.28 -38.08
N LYS E 250 41.72 -14.30 -39.34
CA LYS E 250 40.86 -13.86 -40.43
C LYS E 250 39.67 -14.78 -40.66
N LEU E 251 39.68 -15.98 -40.08
CA LEU E 251 38.60 -16.94 -40.31
C LEU E 251 37.50 -16.87 -39.26
N LYS E 252 37.66 -16.07 -38.20
CA LYS E 252 36.75 -16.15 -37.07
C LYS E 252 35.32 -15.79 -37.45
N ASN E 253 35.13 -14.91 -38.43
CA ASN E 253 33.77 -14.57 -38.84
C ASN E 253 33.15 -15.66 -39.70
N ALA E 254 33.92 -16.23 -40.63
CA ALA E 254 33.38 -17.25 -41.50
C ALA E 254 33.08 -18.54 -40.74
N ILE E 255 33.92 -18.88 -39.75
CA ILE E 255 33.65 -20.05 -38.92
C ILE E 255 32.38 -19.82 -38.09
N THR E 256 32.26 -18.66 -37.47
CA THR E 256 31.10 -18.36 -36.64
C THR E 256 29.82 -18.32 -37.49
N SER E 257 29.88 -17.70 -38.67
CA SER E 257 28.70 -17.61 -39.52
C SER E 257 28.29 -18.98 -40.04
N ARG E 258 29.26 -19.85 -40.32
CA ARG E 258 28.95 -21.20 -40.81
C ARG E 258 28.20 -22.00 -39.75
N ILE E 259 28.64 -21.92 -38.49
CA ILE E 259 28.00 -22.69 -37.43
C ILE E 259 26.58 -22.17 -37.19
N LYS E 260 26.38 -20.86 -37.25
CA LYS E 260 25.03 -20.32 -37.11
C LYS E 260 24.12 -20.81 -38.22
N ILE E 261 24.63 -20.88 -39.45
CA ILE E 261 23.84 -21.38 -40.57
C ILE E 261 23.46 -22.83 -40.34
N MET E 262 24.43 -23.66 -39.91
CA MET E 262 24.14 -25.06 -39.63
C MET E 262 23.16 -25.19 -38.48
N ALA E 263 23.29 -24.35 -37.46
CA ALA E 263 22.37 -24.35 -36.32
C ALA E 263 21.07 -23.62 -36.61
N GLU E 264 20.91 -23.08 -37.81
CA GLU E 264 19.71 -22.32 -38.19
C GLU E 264 19.47 -21.15 -37.23
N LEU E 265 20.56 -20.50 -36.83
CA LEU E 265 20.48 -19.29 -36.02
C LEU E 265 20.44 -18.06 -36.92
N ASP E 266 20.22 -16.90 -36.31
CA ASP E 266 20.10 -15.64 -37.03
C ASP E 266 21.50 -15.07 -37.24
N ILE E 267 21.98 -15.14 -38.49
CA ILE E 267 23.31 -14.61 -38.80
C ILE E 267 23.36 -13.10 -38.77
N ALA E 268 22.21 -12.42 -38.81
CA ALA E 268 22.19 -10.97 -38.70
C ALA E 268 22.49 -10.49 -37.29
N GLU E 269 22.06 -11.25 -36.28
CA GLU E 269 22.24 -10.85 -34.88
C GLU E 269 23.62 -11.28 -34.40
N ARG E 270 24.43 -10.31 -33.98
CA ARG E 270 25.78 -10.58 -33.50
C ARG E 270 26.03 -10.03 -32.10
N ARG E 271 25.06 -9.32 -31.51
CA ARG E 271 25.25 -8.68 -30.21
C ARG E 271 24.48 -9.36 -29.08
N LEU E 272 23.63 -10.34 -29.38
CA LEU E 272 22.86 -11.00 -28.34
C LEU E 272 23.16 -12.49 -28.33
N PRO E 273 23.10 -13.13 -27.16
CA PRO E 273 23.32 -14.58 -27.10
C PRO E 273 22.24 -15.34 -27.86
N GLN E 274 22.63 -16.49 -28.42
CA GLN E 274 21.73 -17.33 -29.19
C GLN E 274 22.00 -18.78 -28.87
N ASP E 275 20.95 -19.60 -29.00
CA ASP E 275 21.05 -21.03 -28.71
C ASP E 275 20.31 -21.81 -29.77
N GLY E 276 20.94 -22.88 -30.25
CA GLY E 276 20.35 -23.72 -31.28
C GLY E 276 20.83 -25.16 -31.21
N ARG E 277 20.66 -25.89 -32.31
CA ARG E 277 21.09 -27.28 -32.37
C ARG E 277 21.59 -27.60 -33.77
N ILE E 278 22.55 -28.52 -33.84
CA ILE E 278 23.13 -28.97 -35.10
C ILE E 278 23.07 -30.49 -35.13
N LYS E 279 22.71 -31.05 -36.28
CA LYS E 279 22.83 -32.48 -36.52
C LYS E 279 23.60 -32.70 -37.81
N ILE E 280 24.66 -33.50 -37.72
CA ILE E 280 25.45 -33.90 -38.88
C ILE E 280 25.12 -35.36 -39.18
N LYS E 281 24.60 -35.62 -40.37
CA LYS E 281 24.28 -36.98 -40.78
C LYS E 281 25.53 -37.67 -41.29
N LEU E 282 25.79 -38.88 -40.79
CA LEU E 282 26.99 -39.64 -41.15
C LEU E 282 26.65 -40.92 -41.91
N GLY E 283 25.44 -41.05 -42.41
CA GLY E 283 25.03 -42.22 -43.13
C GLY E 283 24.57 -43.34 -42.20
N GLY E 284 23.78 -44.24 -42.77
CA GLY E 284 23.20 -45.31 -41.98
C GLY E 284 22.27 -44.75 -40.93
N GLY E 285 22.54 -45.07 -39.67
CA GLY E 285 21.77 -44.51 -38.58
C GLY E 285 22.59 -43.62 -37.68
N GLN E 286 23.91 -43.69 -37.83
CA GLN E 286 24.82 -42.91 -37.00
C GLN E 286 24.76 -41.44 -37.40
N ASP E 287 24.20 -40.61 -36.52
CA ASP E 287 24.20 -39.17 -36.68
C ASP E 287 24.80 -38.54 -35.43
N MET E 288 25.26 -37.30 -35.58
CA MET E 288 25.88 -36.56 -34.48
C MET E 288 25.09 -35.29 -34.21
N ASP E 289 24.70 -35.12 -32.95
CA ASP E 289 23.93 -33.97 -32.53
C ASP E 289 24.76 -33.08 -31.60
N TYR E 290 24.53 -31.77 -31.70
CA TYR E 290 25.21 -30.78 -30.88
C TYR E 290 24.21 -29.77 -30.35
N ARG E 291 24.43 -29.31 -29.13
CA ARG E 291 23.75 -28.13 -28.61
C ARG E 291 24.66 -26.93 -28.76
N VAL E 292 24.18 -25.89 -29.42
CA VAL E 292 24.99 -24.73 -29.77
C VAL E 292 24.59 -23.55 -28.89
N SER E 293 25.61 -22.84 -28.39
CA SER E 293 25.41 -21.64 -27.59
C SER E 293 26.37 -20.57 -28.08
N VAL E 294 25.83 -19.40 -28.43
CA VAL E 294 26.62 -18.30 -28.97
C VAL E 294 26.59 -17.15 -27.97
N LEU E 295 27.75 -16.57 -27.69
CA LEU E 295 27.90 -15.53 -26.69
C LEU E 295 28.63 -14.34 -27.29
N PRO E 296 28.08 -13.12 -27.19
CA PRO E 296 28.76 -11.95 -27.76
C PRO E 296 29.93 -11.47 -26.90
N THR E 297 31.12 -11.95 -27.24
CA THR E 297 32.36 -11.55 -26.57
C THR E 297 32.81 -10.19 -27.10
N LEU E 298 33.64 -9.51 -26.30
CA LEU E 298 34.13 -8.19 -26.67
C LEU E 298 34.88 -8.18 -28.01
N PHE E 299 35.43 -9.31 -28.44
CA PHE E 299 36.21 -9.37 -29.67
C PHE E 299 35.66 -10.40 -30.66
N GLY E 300 34.35 -10.59 -30.67
CA GLY E 300 33.70 -11.52 -31.57
C GLY E 300 32.68 -12.35 -30.82
N GLU E 301 32.22 -13.41 -31.45
CA GLU E 301 31.24 -14.32 -30.86
C GLU E 301 31.92 -15.62 -30.45
N LYS E 302 31.77 -15.99 -29.18
CA LYS E 302 32.23 -17.28 -28.72
C LYS E 302 31.12 -18.31 -28.91
N VAL E 303 31.50 -19.48 -29.44
CA VAL E 303 30.56 -20.56 -29.69
C VAL E 303 30.96 -21.75 -28.85
N VAL E 304 29.99 -22.32 -28.14
CA VAL E 304 30.16 -23.55 -27.37
C VAL E 304 29.22 -24.60 -27.94
N LEU E 305 29.77 -25.76 -28.28
CA LEU E 305 28.97 -26.90 -28.74
C LEU E 305 29.17 -28.06 -27.78
N ARG E 306 28.07 -28.60 -27.27
CA ARG E 306 28.11 -29.82 -26.47
C ARG E 306 27.76 -31.00 -27.35
N LEU E 307 28.63 -32.00 -27.35
CA LEU E 307 28.39 -33.22 -28.11
C LEU E 307 27.32 -34.05 -27.42
N LEU E 308 26.36 -34.53 -28.21
CA LEU E 308 25.25 -35.35 -27.71
C LEU E 308 25.24 -36.64 -28.55
N ASP E 309 26.17 -37.54 -28.23
CA ASP E 309 26.33 -38.79 -28.96
C ASP E 309 25.64 -39.91 -28.18
N LYS E 310 24.56 -40.44 -28.75
CA LYS E 310 23.80 -41.49 -28.06
C LYS E 310 24.60 -42.77 -27.95
N SER E 311 25.43 -43.09 -28.95
CA SER E 311 26.23 -44.31 -28.90
C SER E 311 27.22 -44.26 -27.74
N ASN E 312 27.74 -43.06 -27.43
CA ASN E 312 28.61 -42.89 -26.28
C ASN E 312 27.85 -42.78 -24.97
N LEU E 313 26.52 -42.67 -25.01
CA LEU E 313 25.72 -42.57 -23.80
C LEU E 313 25.48 -43.96 -23.23
N GLN E 314 25.98 -44.20 -22.02
CA GLN E 314 25.88 -45.51 -21.39
C GLN E 314 24.59 -45.57 -20.58
N LEU E 315 23.57 -46.24 -21.11
CA LEU E 315 22.30 -46.40 -20.43
C LEU E 315 22.17 -47.74 -19.70
N ASP E 316 23.13 -48.64 -19.87
CA ASP E 316 23.12 -49.91 -19.15
C ASP E 316 23.55 -49.66 -17.72
N MET E 317 22.62 -49.82 -16.77
CA MET E 317 22.91 -49.48 -15.38
C MET E 317 23.96 -50.40 -14.76
N THR E 318 24.15 -51.60 -15.30
CA THR E 318 25.19 -52.49 -14.79
C THR E 318 26.58 -52.12 -15.29
N LYS E 319 26.69 -51.16 -16.20
CA LYS E 319 27.97 -50.72 -16.73
C LYS E 319 28.41 -49.37 -16.18
N LEU E 320 27.70 -48.82 -15.20
CA LEU E 320 28.02 -47.52 -14.64
C LEU E 320 29.04 -47.57 -13.52
N GLY E 321 29.31 -48.75 -12.97
CA GLY E 321 30.31 -48.90 -11.94
C GLY E 321 29.80 -49.06 -10.53
N TYR E 322 28.50 -49.34 -10.35
CA TYR E 322 27.96 -49.57 -9.02
C TYR E 322 28.43 -50.92 -8.48
N GLU E 323 28.59 -50.98 -7.15
CA GLU E 323 28.76 -52.25 -6.48
C GLU E 323 27.49 -53.09 -6.63
N PRO E 324 27.60 -54.41 -6.53
CA PRO E 324 26.41 -55.26 -6.73
C PRO E 324 25.24 -54.95 -5.81
N ASP E 325 25.49 -54.73 -4.52
CA ASP E 325 24.39 -54.44 -3.61
C ASP E 325 24.00 -52.96 -3.61
N ALA E 326 24.94 -52.06 -3.93
CA ALA E 326 24.56 -50.67 -4.17
C ALA E 326 23.59 -50.57 -5.34
N LEU E 327 23.86 -51.32 -6.42
CA LEU E 327 22.95 -51.32 -7.56
C LEU E 327 21.62 -51.97 -7.21
N HIS E 328 21.63 -53.00 -6.36
CA HIS E 328 20.38 -53.64 -5.98
C HIS E 328 19.45 -52.69 -5.23
N TYR E 329 20.01 -51.91 -4.30
CA TYR E 329 19.20 -50.94 -3.57
C TYR E 329 18.72 -49.82 -4.49
N PHE E 330 19.57 -49.40 -5.43
CA PHE E 330 19.18 -48.33 -6.34
C PHE E 330 18.04 -48.75 -7.24
N LYS E 331 18.09 -49.98 -7.77
CA LYS E 331 17.00 -50.46 -8.60
C LYS E 331 15.74 -50.70 -7.80
N GLU E 332 15.87 -51.11 -6.53
CA GLU E 332 14.70 -51.32 -5.69
C GLU E 332 13.95 -50.01 -5.44
N ALA E 333 14.69 -48.91 -5.24
CA ALA E 333 14.04 -47.65 -4.92
C ALA E 333 13.33 -47.05 -6.13
N ILE E 334 13.95 -47.13 -7.31
CA ILE E 334 13.34 -46.55 -8.51
C ILE E 334 12.19 -47.38 -9.05
N HIS E 335 12.05 -48.63 -8.62
CA HIS E 335 10.93 -49.47 -9.03
C HIS E 335 9.78 -49.46 -8.03
N LYS E 336 9.88 -48.67 -6.97
CA LYS E 336 8.74 -48.50 -6.09
C LYS E 336 7.70 -47.59 -6.75
N PRO E 337 6.43 -47.77 -6.41
CA PRO E 337 5.37 -46.98 -7.08
C PRO E 337 5.36 -45.51 -6.69
N PHE E 338 6.01 -45.13 -5.59
CA PHE E 338 6.06 -43.74 -5.16
C PHE E 338 7.33 -43.51 -4.37
N GLY E 339 7.46 -42.30 -3.84
CA GLY E 339 8.64 -41.90 -3.10
C GLY E 339 9.60 -41.07 -3.95
N MET E 340 10.63 -40.56 -3.28
CA MET E 340 11.62 -39.71 -3.91
C MET E 340 12.99 -40.40 -3.89
N VAL E 341 13.70 -40.30 -5.01
CA VAL E 341 15.07 -40.77 -5.12
C VAL E 341 15.93 -39.58 -5.54
N LEU E 342 16.97 -39.30 -4.77
CA LEU E 342 17.85 -38.16 -5.00
C LEU E 342 19.22 -38.64 -5.42
N VAL E 343 19.71 -38.11 -6.55
CA VAL E 343 21.06 -38.37 -7.04
C VAL E 343 21.85 -37.08 -6.84
N THR E 344 22.75 -37.08 -5.86
CA THR E 344 23.43 -35.86 -5.46
C THR E 344 24.86 -35.81 -5.99
N GLY E 345 25.38 -34.59 -6.12
CA GLY E 345 26.69 -34.36 -6.62
C GLY E 345 26.78 -33.03 -7.36
N PRO E 346 27.99 -32.55 -7.62
CA PRO E 346 28.14 -31.33 -8.41
C PRO E 346 27.75 -31.56 -9.86
N THR E 347 27.59 -30.45 -10.58
CA THR E 347 27.30 -30.55 -12.00
C THR E 347 28.50 -31.16 -12.72
N GLY E 348 28.22 -31.99 -13.72
CA GLY E 348 29.26 -32.71 -14.42
C GLY E 348 29.80 -33.92 -13.69
N SER E 349 29.02 -34.52 -12.79
CA SER E 349 29.45 -35.70 -12.04
C SER E 349 28.73 -36.96 -12.48
N GLY E 350 28.03 -36.94 -13.61
CA GLY E 350 27.33 -38.10 -14.10
C GLY E 350 25.95 -38.30 -13.52
N LYS E 351 25.34 -37.24 -12.95
CA LYS E 351 24.04 -37.39 -12.32
C LYS E 351 22.96 -37.73 -13.34
N THR E 352 22.93 -37.00 -14.47
CA THR E 352 21.86 -37.22 -15.44
C THR E 352 22.01 -38.53 -16.19
N VAL E 353 23.21 -39.10 -16.25
CA VAL E 353 23.37 -40.43 -16.81
C VAL E 353 22.72 -41.46 -15.89
N SER E 354 22.92 -41.32 -14.58
CA SER E 354 22.26 -42.20 -13.63
C SER E 354 20.74 -42.03 -13.70
N LEU E 355 20.28 -40.80 -13.89
CA LEU E 355 18.84 -40.56 -14.01
C LEU E 355 18.29 -41.08 -15.33
N TYR E 356 19.01 -40.83 -16.42
CA TYR E 356 18.57 -41.33 -17.72
C TYR E 356 18.57 -42.85 -17.75
N SER E 357 19.56 -43.48 -17.11
CA SER E 357 19.57 -44.93 -17.03
C SER E 357 18.38 -45.44 -16.23
N ALA E 358 17.99 -44.72 -15.17
CA ALA E 358 16.83 -45.13 -14.40
C ALA E 358 15.54 -44.94 -15.18
N LEU E 359 15.40 -43.82 -15.88
CA LEU E 359 14.23 -43.60 -16.71
C LEU E 359 14.13 -44.63 -17.82
N GLY E 360 15.27 -45.11 -18.32
CA GLY E 360 15.25 -46.14 -19.35
C GLY E 360 14.58 -47.43 -18.89
N GLU E 361 14.88 -47.86 -17.66
CA GLU E 361 14.25 -49.06 -17.13
C GLU E 361 12.78 -48.85 -16.81
N LEU E 362 12.33 -47.60 -16.62
CA LEU E 362 10.96 -47.32 -16.27
C LEU E 362 10.10 -46.92 -17.48
N ASN E 363 10.71 -46.72 -18.64
CA ASN E 363 9.99 -46.21 -19.81
C ASN E 363 9.11 -47.31 -20.39
N LYS E 364 7.85 -47.34 -19.99
CA LYS E 364 6.88 -48.30 -20.49
C LYS E 364 5.60 -47.57 -20.83
N THR E 365 4.85 -48.14 -21.78
CA THR E 365 3.62 -47.50 -22.25
C THR E 365 2.55 -47.42 -21.19
N THR E 366 2.67 -48.17 -20.09
CA THR E 366 1.66 -48.19 -19.05
C THR E 366 1.76 -47.02 -18.08
N GLU E 367 2.87 -46.28 -18.08
CA GLU E 367 3.07 -45.20 -17.13
C GLU E 367 3.49 -43.93 -17.86
N ASN E 368 3.09 -42.79 -17.30
CA ASN E 368 3.41 -41.48 -17.86
C ASN E 368 4.65 -40.93 -17.16
N ILE E 369 5.71 -40.67 -17.93
CA ILE E 369 6.95 -40.14 -17.41
C ILE E 369 7.09 -38.69 -17.89
N SER E 370 7.14 -37.76 -16.95
CA SER E 370 7.32 -36.34 -17.23
C SER E 370 8.66 -35.86 -16.68
N THR E 371 9.26 -34.91 -17.39
CA THR E 371 10.64 -34.52 -17.15
C THR E 371 10.79 -33.01 -17.31
N ALA E 372 11.45 -32.38 -16.36
CA ALA E 372 11.76 -30.95 -16.40
C ALA E 372 13.27 -30.79 -16.27
N GLU E 373 13.92 -30.32 -17.34
CA GLU E 373 15.37 -30.25 -17.39
C GLU E 373 15.84 -28.86 -17.78
N ASP E 374 17.05 -28.53 -17.36
CA ASP E 374 17.67 -27.25 -17.66
C ASP E 374 19.14 -27.43 -18.01
N PRO E 375 19.44 -27.78 -19.27
CA PRO E 375 18.47 -28.06 -20.33
C PRO E 375 18.24 -29.55 -20.54
N VAL E 376 17.39 -29.90 -21.49
CA VAL E 376 17.21 -31.29 -21.91
C VAL E 376 18.41 -31.69 -22.75
N GLU E 377 19.15 -32.70 -22.29
CA GLU E 377 20.37 -33.13 -22.99
C GLU E 377 20.06 -34.12 -24.11
N PHE E 378 19.39 -35.22 -23.76
CA PHE E 378 18.96 -36.22 -24.74
C PHE E 378 17.45 -36.36 -24.67
N ASN E 379 16.85 -36.65 -25.83
CA ASN E 379 15.41 -36.87 -25.93
C ASN E 379 15.14 -38.36 -26.11
N PHE E 380 14.08 -38.84 -25.46
CA PHE E 380 13.70 -40.25 -25.51
C PHE E 380 12.25 -40.36 -25.94
N ALA E 381 12.00 -41.23 -26.92
CA ALA E 381 10.62 -41.47 -27.34
C ALA E 381 9.82 -42.08 -26.20
N GLY E 382 8.60 -41.58 -26.03
CA GLY E 382 7.73 -42.03 -24.96
C GLY E 382 7.84 -41.24 -23.67
N ILE E 383 8.93 -40.49 -23.48
CA ILE E 383 9.12 -39.66 -22.29
C ILE E 383 8.79 -38.22 -22.66
N ASN E 384 7.95 -37.59 -21.85
CA ASN E 384 7.49 -36.23 -22.10
C ASN E 384 8.45 -35.27 -21.39
N GLN E 385 9.31 -34.62 -22.15
CA GLN E 385 10.40 -33.82 -21.61
C GLN E 385 10.14 -32.34 -21.85
N VAL E 386 10.29 -31.54 -20.80
CA VAL E 386 10.06 -30.11 -20.85
C VAL E 386 11.38 -29.41 -20.52
N GLN E 387 11.78 -28.47 -21.38
CA GLN E 387 13.01 -27.71 -21.16
C GLN E 387 12.67 -26.39 -20.49
N MET E 388 13.43 -26.03 -19.46
CA MET E 388 13.15 -24.84 -18.69
C MET E 388 13.49 -23.58 -19.49
N HIS E 389 12.69 -22.54 -19.28
CA HIS E 389 12.86 -21.24 -19.91
C HIS E 389 12.50 -20.19 -18.86
N GLU E 390 13.42 -19.99 -17.91
CA GLU E 390 13.14 -19.12 -16.76
C GLU E 390 12.92 -17.67 -17.17
N ASP E 391 13.44 -17.25 -18.33
CA ASP E 391 13.27 -15.86 -18.76
C ASP E 391 11.81 -15.52 -19.04
N ILE E 392 11.00 -16.51 -19.42
CA ILE E 392 9.59 -16.29 -19.69
C ILE E 392 8.70 -16.89 -18.60
N GLY E 393 9.29 -17.32 -17.48
CA GLY E 393 8.53 -17.80 -16.34
C GLY E 393 8.42 -19.30 -16.21
N LEU E 394 9.04 -20.07 -17.11
CA LEU E 394 8.95 -21.53 -17.07
C LEU E 394 10.16 -22.07 -16.30
N ASN E 395 10.02 -22.15 -14.98
CA ASN E 395 11.06 -22.71 -14.12
C ASN E 395 10.61 -24.08 -13.62
N PHE E 396 11.45 -24.69 -12.77
CA PHE E 396 11.15 -26.02 -12.25
C PHE E 396 9.83 -26.04 -11.49
N ALA E 397 9.53 -24.96 -10.76
CA ALA E 397 8.31 -24.91 -9.96
C ALA E 397 7.06 -24.87 -10.83
N ALA E 398 7.06 -24.00 -11.84
CA ALA E 398 5.91 -23.92 -12.74
C ALA E 398 5.71 -25.23 -13.50
N ALA E 399 6.81 -25.88 -13.88
CA ALA E 399 6.70 -27.16 -14.57
C ALA E 399 6.18 -28.25 -13.64
N LEU E 400 6.56 -28.19 -12.35
CA LEU E 400 6.11 -29.20 -11.40
C LEU E 400 4.61 -29.09 -11.14
N ARG E 401 4.10 -27.87 -10.97
CA ARG E 401 2.68 -27.69 -10.74
C ARG E 401 1.87 -28.14 -11.95
N SER E 402 2.42 -27.96 -13.16
CA SER E 402 1.74 -28.48 -14.34
C SER E 402 1.76 -30.01 -14.36
N PHE E 403 2.88 -30.61 -13.98
CA PHE E 403 2.96 -32.07 -13.94
C PHE E 403 1.85 -32.66 -13.09
N LEU E 404 1.57 -32.06 -11.94
CA LEU E 404 0.50 -32.55 -11.08
C LEU E 404 -0.88 -32.44 -11.73
N ARG E 405 -1.04 -31.55 -12.69
CA ARG E 405 -2.25 -31.45 -13.49
C ARG E 405 -2.19 -32.30 -14.76
N GLN E 406 -1.11 -33.07 -14.95
CA GLN E 406 -0.90 -33.87 -16.15
C GLN E 406 -1.08 -35.37 -15.90
N ASP E 407 -1.59 -35.75 -14.72
CA ASP E 407 -1.81 -37.15 -14.36
C ASP E 407 -0.54 -37.98 -14.59
N PRO E 408 0.53 -37.73 -13.84
CA PRO E 408 1.78 -38.47 -14.09
C PRO E 408 1.96 -39.63 -13.14
N ASP E 409 2.91 -40.51 -13.47
CA ASP E 409 3.37 -41.55 -12.56
C ASP E 409 4.79 -41.32 -12.08
N ILE E 410 5.68 -40.95 -13.00
CA ILE E 410 7.08 -40.72 -12.70
C ILE E 410 7.42 -39.29 -13.08
N ILE E 411 8.09 -38.57 -12.19
CA ILE E 411 8.46 -37.18 -12.40
C ILE E 411 9.96 -37.05 -12.18
N MET E 412 10.66 -36.44 -13.14
CA MET E 412 12.09 -36.17 -13.02
C MET E 412 12.31 -34.66 -13.07
N ILE E 413 12.99 -34.14 -12.05
CA ILE E 413 13.34 -32.74 -11.97
C ILE E 413 14.85 -32.63 -12.05
N GLY E 414 15.34 -31.71 -12.89
CA GLY E 414 16.77 -31.58 -13.08
C GLY E 414 17.52 -31.28 -11.79
N GLU E 415 17.00 -30.33 -11.01
CA GLU E 415 17.62 -29.99 -9.73
C GLU E 415 16.58 -29.30 -8.86
N ILE E 416 16.62 -29.59 -7.56
CA ILE E 416 15.79 -28.91 -6.58
C ILE E 416 16.62 -27.76 -6.01
N ARG E 417 16.28 -26.53 -6.41
CA ARG E 417 17.13 -25.39 -6.12
C ARG E 417 16.63 -24.49 -5.00
N ASP E 418 15.36 -24.62 -4.59
CA ASP E 418 14.80 -23.74 -3.56
C ASP E 418 13.70 -24.47 -2.83
N PHE E 419 13.19 -23.83 -1.77
CA PHE E 419 12.17 -24.46 -0.94
C PHE E 419 10.86 -24.68 -1.71
N GLU E 420 10.53 -23.75 -2.62
CA GLU E 420 9.31 -23.89 -3.39
C GLU E 420 9.31 -25.17 -4.22
N THR E 421 10.44 -25.49 -4.85
CA THR E 421 10.52 -26.70 -5.66
C THR E 421 10.61 -27.95 -4.78
N ALA E 422 11.35 -27.87 -3.67
CA ALA E 422 11.43 -28.99 -2.76
C ALA E 422 10.06 -29.33 -2.17
N GLU E 423 9.30 -28.30 -1.80
CA GLU E 423 7.96 -28.52 -1.25
C GLU E 423 7.09 -29.30 -2.23
N ILE E 424 7.03 -28.84 -3.48
CA ILE E 424 6.17 -29.50 -4.47
C ILE E 424 6.68 -30.92 -4.76
N ALA E 425 8.00 -31.10 -4.83
CA ALA E 425 8.54 -32.41 -5.12
C ALA E 425 8.28 -33.38 -3.97
N ILE E 426 8.38 -32.90 -2.72
CA ILE E 426 8.13 -33.74 -1.57
C ILE E 426 6.66 -34.18 -1.54
N LYS E 427 5.73 -33.24 -1.75
CA LYS E 427 4.32 -33.58 -1.71
C LYS E 427 3.95 -34.54 -2.85
N ALA E 428 4.57 -34.34 -4.02
CA ALA E 428 4.32 -35.26 -5.13
C ALA E 428 4.74 -36.68 -4.78
N ALA E 429 5.87 -36.83 -4.09
CA ALA E 429 6.31 -38.15 -3.66
C ALA E 429 5.40 -38.76 -2.61
N LEU E 430 4.65 -37.93 -1.87
CA LEU E 430 3.75 -38.42 -0.84
C LEU E 430 2.36 -38.74 -1.36
N THR E 431 2.04 -38.40 -2.61
CA THR E 431 0.71 -38.57 -3.16
C THR E 431 0.72 -39.54 -4.34
N GLY E 432 1.53 -40.58 -4.25
CA GLY E 432 1.49 -41.67 -5.22
C GLY E 432 2.31 -41.48 -6.47
N HIS E 433 3.32 -40.61 -6.43
CA HIS E 433 4.20 -40.39 -7.58
C HIS E 433 5.63 -40.73 -7.20
N LEU E 434 6.37 -41.26 -8.17
CA LEU E 434 7.81 -41.46 -8.03
C LEU E 434 8.52 -40.22 -8.56
N VAL E 435 9.40 -39.65 -7.73
CA VAL E 435 10.10 -38.41 -8.06
C VAL E 435 11.60 -38.68 -8.05
N LEU E 436 12.28 -38.30 -9.12
CA LEU E 436 13.73 -38.42 -9.25
C LEU E 436 14.29 -37.03 -9.48
N SER E 437 15.19 -36.58 -8.62
CA SER E 437 15.78 -35.27 -8.76
C SER E 437 17.23 -35.30 -8.30
N THR E 438 17.89 -34.14 -8.35
CA THR E 438 19.28 -34.00 -7.97
C THR E 438 19.45 -32.83 -7.02
N LEU E 439 20.48 -32.94 -6.17
CA LEU E 439 20.99 -31.85 -5.36
C LEU E 439 22.50 -31.84 -5.49
N HIS E 440 23.11 -30.74 -5.06
CA HIS E 440 24.56 -30.69 -4.88
C HIS E 440 24.82 -30.62 -3.38
N THR E 441 25.31 -31.73 -2.82
CA THR E 441 25.60 -31.84 -1.40
C THR E 441 26.95 -32.53 -1.24
N ASN E 442 27.47 -32.51 -0.01
CA ASN E 442 28.77 -33.11 0.25
C ASN E 442 28.72 -34.63 0.07
N ASP E 443 27.70 -35.27 0.63
CA ASP E 443 27.53 -36.71 0.48
C ASP E 443 26.04 -37.03 0.63
N ALA E 444 25.71 -38.32 0.63
CA ALA E 444 24.33 -38.72 0.79
C ALA E 444 23.75 -38.34 2.16
N PRO E 445 24.42 -38.59 3.29
CA PRO E 445 23.83 -38.18 4.58
C PRO E 445 23.65 -36.68 4.73
N ALA E 446 24.53 -35.87 4.14
CA ALA E 446 24.37 -34.41 4.25
C ALA E 446 23.16 -33.92 3.48
N THR E 447 22.66 -34.69 2.51
CA THR E 447 21.48 -34.29 1.75
C THR E 447 20.27 -34.11 2.66
N ILE E 448 20.22 -34.85 3.76
CA ILE E 448 19.12 -34.71 4.72
C ILE E 448 19.16 -33.33 5.36
N ASN E 449 20.35 -32.89 5.77
CA ASN E 449 20.48 -31.58 6.41
C ASN E 449 20.15 -30.45 5.43
N ARG E 450 20.52 -30.61 4.16
CA ARG E 450 20.18 -29.60 3.17
C ARG E 450 18.68 -29.43 3.05
N LEU E 451 17.94 -30.54 2.96
CA LEU E 451 16.48 -30.46 2.87
C LEU E 451 15.89 -29.81 4.12
N LEU E 452 16.48 -30.09 5.28
CA LEU E 452 16.01 -29.45 6.51
C LEU E 452 16.28 -27.95 6.48
N ASN E 453 17.50 -27.56 6.08
CA ASN E 453 17.83 -26.14 6.01
C ASN E 453 16.97 -25.41 4.98
N MET E 454 16.52 -26.11 3.93
CA MET E 454 15.62 -25.49 2.98
C MET E 454 14.26 -25.19 3.59
N GLY E 455 13.86 -25.93 4.63
CA GLY E 455 12.62 -25.68 5.31
C GLY E 455 11.63 -26.84 5.26
N VAL E 456 12.08 -27.99 4.78
CA VAL E 456 11.22 -29.17 4.73
C VAL E 456 11.15 -29.79 6.11
N GLU E 457 9.95 -30.21 6.50
CA GLU E 457 9.77 -30.82 7.81
C GLU E 457 10.53 -32.14 7.87
N PRO E 458 11.19 -32.43 9.01
CA PRO E 458 11.94 -33.70 9.10
C PRO E 458 11.09 -34.95 8.89
N PHE E 459 9.84 -34.94 9.37
CA PHE E 459 9.00 -36.11 9.19
C PHE E 459 8.68 -36.36 7.72
N LEU E 460 8.47 -35.28 6.95
CA LEU E 460 8.19 -35.45 5.53
C LEU E 460 9.42 -35.97 4.78
N VAL E 461 10.61 -35.51 5.18
CA VAL E 461 11.84 -36.03 4.59
C VAL E 461 11.96 -37.54 4.86
N ALA E 462 11.69 -37.94 6.10
CA ALA E 462 11.78 -39.35 6.46
C ALA E 462 10.70 -40.18 5.76
N SER E 463 9.58 -39.56 5.39
CA SER E 463 8.47 -40.30 4.81
C SER E 463 8.51 -40.35 3.29
N ALA E 464 9.03 -39.32 2.63
CA ALA E 464 8.95 -39.22 1.18
C ALA E 464 10.17 -39.78 0.46
N VAL E 465 11.35 -39.74 1.08
CA VAL E 465 12.59 -40.09 0.41
C VAL E 465 12.85 -41.58 0.58
N ASN E 466 12.97 -42.29 -0.55
CA ASN E 466 13.28 -43.71 -0.52
C ASN E 466 14.78 -43.96 -0.40
N LEU E 467 15.59 -43.15 -1.09
CA LEU E 467 17.00 -43.45 -1.22
C LEU E 467 17.72 -42.22 -1.74
N ILE E 468 18.96 -42.04 -1.28
CA ILE E 468 19.81 -40.92 -1.66
C ILE E 468 21.16 -41.46 -2.11
N THR E 469 21.58 -41.09 -3.31
CA THR E 469 22.92 -41.41 -3.78
C THR E 469 23.79 -40.15 -3.81
N ALA E 470 25.09 -40.37 -3.68
CA ALA E 470 26.10 -39.34 -3.93
C ALA E 470 27.13 -39.93 -4.86
N GLN E 471 27.60 -39.12 -5.81
CA GLN E 471 28.57 -39.63 -6.76
C GLN E 471 29.51 -38.53 -7.22
N ARG E 472 30.74 -38.94 -7.52
CA ARG E 472 31.75 -38.10 -8.12
C ARG E 472 32.40 -38.87 -9.26
N LEU E 473 32.92 -38.14 -10.23
CA LEU E 473 33.62 -38.72 -11.37
C LEU E 473 35.12 -38.52 -11.20
N ALA E 474 35.86 -39.62 -11.15
CA ALA E 474 37.32 -39.60 -11.16
C ALA E 474 37.81 -40.09 -12.51
N ARG E 475 38.98 -39.60 -12.91
CA ARG E 475 39.52 -39.98 -14.20
C ARG E 475 40.10 -41.39 -14.15
N ARG E 476 39.89 -42.14 -15.22
CA ARG E 476 40.32 -43.53 -15.31
C ARG E 476 41.76 -43.59 -15.81
N VAL E 477 42.59 -44.36 -15.11
CA VAL E 477 44.00 -44.46 -15.48
C VAL E 477 44.13 -45.16 -16.82
N CYS E 478 44.95 -44.59 -17.71
CA CYS E 478 45.19 -45.19 -19.02
C CYS E 478 45.82 -46.57 -18.87
N SER E 479 45.24 -47.55 -19.56
CA SER E 479 45.73 -48.92 -19.45
C SER E 479 47.04 -49.15 -20.17
N GLU E 480 47.41 -48.28 -21.12
CA GLU E 480 48.61 -48.51 -21.91
C GLU E 480 49.86 -47.99 -21.21
N CYS E 481 49.75 -46.87 -20.50
CA CYS E 481 50.91 -46.28 -19.83
C CYS E 481 50.83 -46.38 -18.31
N LYS E 482 50.01 -47.29 -17.79
CA LYS E 482 49.87 -47.42 -16.34
C LYS E 482 51.10 -48.08 -15.74
N GLN E 483 51.62 -47.50 -14.67
CA GLN E 483 52.76 -47.99 -13.92
C GLN E 483 52.45 -47.94 -12.43
N PRO E 484 53.05 -48.82 -11.64
CA PRO E 484 52.91 -48.71 -10.19
C PRO E 484 53.52 -47.42 -9.66
N GLU E 485 52.92 -46.88 -8.61
CA GLU E 485 53.37 -45.65 -7.97
C GLU E 485 53.64 -45.91 -6.50
N GLU E 486 54.79 -45.43 -6.01
CA GLU E 486 55.22 -45.68 -4.64
C GLU E 486 54.54 -44.68 -3.71
N ILE E 487 53.31 -45.01 -3.34
CA ILE E 487 52.58 -44.26 -2.32
C ILE E 487 52.91 -44.87 -0.97
N PRO E 488 53.34 -44.08 0.02
CA PRO E 488 53.67 -44.66 1.34
C PRO E 488 52.44 -45.29 1.98
N ILE E 489 52.67 -46.39 2.70
CA ILE E 489 51.56 -47.08 3.36
C ILE E 489 50.84 -46.14 4.32
N GLN E 490 51.60 -45.27 4.99
CA GLN E 490 50.99 -44.35 5.95
C GLN E 490 50.05 -43.37 5.26
N ALA E 491 50.39 -42.94 4.05
CA ALA E 491 49.50 -42.06 3.31
C ALA E 491 48.18 -42.76 3.00
N LEU E 492 48.23 -44.06 2.72
CA LEU E 492 47.00 -44.83 2.51
C LEU E 492 46.18 -44.89 3.79
N ILE E 493 46.83 -45.04 4.94
CA ILE E 493 46.11 -45.13 6.20
C ILE E 493 45.37 -43.84 6.48
N ASP E 494 46.01 -42.69 6.22
CA ASP E 494 45.35 -41.41 6.42
C ASP E 494 44.17 -41.24 5.47
N ALA E 495 44.30 -41.74 4.24
CA ALA E 495 43.22 -41.64 3.27
C ALA E 495 42.05 -42.56 3.61
N GLY E 496 42.28 -43.60 4.40
CA GLY E 496 41.20 -44.47 4.82
C GLY E 496 41.47 -45.95 4.61
N VAL E 497 42.64 -46.29 4.10
CA VAL E 497 42.99 -47.68 3.89
C VAL E 497 43.27 -48.35 5.23
N SER E 498 42.74 -49.56 5.40
CA SER E 498 42.99 -50.33 6.61
C SER E 498 44.49 -50.62 6.73
N PRO E 499 45.08 -50.42 7.91
CA PRO E 499 46.50 -50.81 8.09
C PRO E 499 46.75 -52.26 7.74
N ASP E 500 45.85 -53.16 8.13
CA ASP E 500 45.98 -54.56 7.72
C ASP E 500 45.92 -54.71 6.20
N GLU E 501 45.19 -53.84 5.52
CA GLU E 501 45.05 -53.92 4.07
C GLU E 501 46.23 -53.31 3.31
N GLY E 502 47.05 -52.50 3.98
CA GLY E 502 47.93 -51.55 3.34
C GLY E 502 49.14 -52.10 2.61
N PRO E 503 49.77 -53.14 3.16
CA PRO E 503 50.88 -53.78 2.43
C PRO E 503 50.43 -54.27 1.08
N SER E 504 49.15 -54.59 0.92
CA SER E 504 48.67 -55.23 -0.30
C SER E 504 48.49 -54.25 -1.45
N TYR E 505 48.09 -53.02 -1.15
CA TYR E 505 47.65 -52.09 -2.19
C TYR E 505 48.77 -51.76 -3.17
N VAL E 506 48.42 -51.74 -4.45
CA VAL E 506 49.33 -51.36 -5.53
C VAL E 506 48.68 -50.20 -6.27
N CYS E 507 49.10 -48.98 -5.96
CA CYS E 507 48.56 -47.79 -6.60
C CYS E 507 49.18 -47.64 -7.99
N TYR E 508 48.34 -47.34 -8.97
CA TYR E 508 48.79 -47.15 -10.34
C TYR E 508 48.59 -45.70 -10.77
N LYS E 509 49.37 -45.30 -11.78
CA LYS E 509 49.25 -43.98 -12.37
C LYS E 509 49.71 -44.06 -13.82
N GLY E 510 49.21 -43.12 -14.63
CA GLY E 510 49.54 -43.06 -16.04
C GLY E 510 50.67 -42.06 -16.27
N THR E 511 51.71 -42.54 -16.95
CA THR E 511 52.84 -41.67 -17.29
C THR E 511 52.56 -40.79 -18.50
N GLY E 512 51.54 -41.13 -19.30
CA GLY E 512 51.23 -40.37 -20.48
C GLY E 512 51.76 -41.01 -21.75
N CYS E 513 50.92 -41.12 -22.77
CA CYS E 513 51.31 -41.71 -24.04
C CYS E 513 50.41 -41.15 -25.12
N VAL E 514 50.51 -41.70 -26.33
CA VAL E 514 49.72 -41.20 -27.46
C VAL E 514 48.25 -41.55 -27.28
N LYS E 515 47.95 -42.68 -26.62
CA LYS E 515 46.57 -43.13 -26.49
C LYS E 515 45.76 -42.32 -25.47
N CYS E 516 46.42 -41.50 -24.65
CA CYS E 516 45.73 -40.74 -23.62
C CYS E 516 46.03 -39.24 -23.72
N ASN E 517 46.57 -38.78 -24.85
CA ASN E 517 46.94 -37.38 -25.05
C ASN E 517 47.90 -36.90 -23.96
N ASN E 518 48.83 -37.78 -23.56
CA ASN E 518 49.89 -37.50 -22.60
C ASN E 518 49.38 -37.15 -21.21
N THR E 519 48.10 -37.42 -20.91
CA THR E 519 47.54 -37.06 -19.61
C THR E 519 47.61 -38.19 -18.59
N GLY E 520 47.91 -39.41 -19.00
CA GLY E 520 47.86 -40.54 -18.09
C GLY E 520 46.47 -41.00 -17.71
N TYR E 521 45.43 -40.39 -18.29
CA TYR E 521 44.05 -40.80 -18.03
C TYR E 521 43.31 -40.95 -19.35
N LYS E 522 42.29 -41.80 -19.33
CA LYS E 522 41.41 -41.98 -20.48
C LYS E 522 40.07 -42.48 -19.95
N GLY E 523 39.01 -41.71 -20.18
CA GLY E 523 37.72 -42.03 -19.62
C GLY E 523 37.64 -41.71 -18.14
N ARG E 524 36.48 -41.97 -17.56
CA ARG E 524 36.25 -41.68 -16.15
C ARG E 524 35.49 -42.83 -15.51
N VAL E 525 35.52 -42.85 -14.18
CA VAL E 525 34.88 -43.87 -13.37
C VAL E 525 34.16 -43.20 -12.21
N GLY E 526 32.99 -43.72 -11.85
CA GLY E 526 32.19 -43.11 -10.81
C GLY E 526 32.48 -43.69 -9.43
N PHE E 527 32.53 -42.81 -8.45
CA PHE E 527 32.58 -43.19 -7.04
C PHE E 527 31.20 -43.00 -6.46
N TYR E 528 30.58 -44.09 -5.99
CA TYR E 528 29.18 -44.07 -5.60
C TYR E 528 29.01 -44.30 -4.11
N GLN E 529 28.08 -43.56 -3.52
CA GLN E 529 27.53 -43.84 -2.20
C GLN E 529 26.02 -43.95 -2.35
N VAL E 530 25.48 -45.13 -2.07
CA VAL E 530 24.06 -45.39 -2.25
C VAL E 530 23.47 -45.66 -0.87
N MET E 531 22.63 -44.73 -0.40
CA MET E 531 22.07 -44.80 0.95
C MET E 531 20.56 -44.97 0.89
N PRO E 532 20.04 -46.18 1.05
CA PRO E 532 18.59 -46.34 1.18
C PRO E 532 18.11 -45.81 2.51
N MET E 533 16.85 -45.36 2.53
CA MET E 533 16.23 -44.82 3.74
C MET E 533 15.80 -45.98 4.64
N LEU E 534 16.80 -46.58 5.27
CA LEU E 534 16.55 -47.67 6.21
C LEU E 534 15.89 -47.14 7.47
N GLU E 535 15.27 -48.05 8.22
CA GLU E 535 14.50 -47.65 9.40
C GLU E 535 15.39 -46.96 10.44
N GLU E 536 16.62 -47.45 10.62
CA GLU E 536 17.53 -46.82 11.58
C GLU E 536 17.83 -45.38 11.18
N ILE E 537 18.02 -45.13 9.89
CA ILE E 537 18.27 -43.76 9.43
C ILE E 537 17.01 -42.92 9.57
N ARG E 538 15.84 -43.48 9.23
CA ARG E 538 14.60 -42.75 9.38
C ARG E 538 14.34 -42.39 10.85
N GLU E 539 14.66 -43.32 11.76
CA GLU E 539 14.47 -43.03 13.18
C GLU E 539 15.40 -41.91 13.65
N LEU E 540 16.63 -41.87 13.12
CA LEU E 540 17.54 -40.79 13.48
C LEU E 540 17.05 -39.43 13.01
N ILE E 541 16.38 -39.38 11.85
CA ILE E 541 15.85 -38.12 11.35
C ILE E 541 14.77 -37.58 12.26
N LEU E 542 13.89 -38.47 12.76
CA LEU E 542 12.81 -38.03 13.64
C LEU E 542 13.31 -37.53 14.99
N ASN E 543 14.56 -37.84 15.35
CA ASN E 543 15.13 -37.38 16.61
C ASN E 543 16.14 -36.25 16.42
N GLY E 544 16.22 -35.68 15.22
CA GLY E 544 17.08 -34.55 14.99
C GLY E 544 18.57 -34.84 15.01
N ALA E 545 18.97 -36.01 14.53
CA ALA E 545 20.38 -36.36 14.49
C ALA E 545 21.10 -35.55 13.42
N ASN E 546 22.36 -35.21 13.69
CA ASN E 546 23.14 -34.42 12.76
C ASN E 546 23.72 -35.31 11.66
N THR E 547 24.45 -34.69 10.73
CA THR E 547 25.01 -35.42 9.60
C THR E 547 26.03 -36.46 10.06
N ALA E 548 26.83 -36.12 11.08
CA ALA E 548 27.86 -37.04 11.54
C ALA E 548 27.26 -38.32 12.10
N GLU E 549 26.17 -38.20 12.87
CA GLU E 549 25.53 -39.39 13.44
C GLU E 549 24.87 -40.23 12.34
N ILE E 550 24.21 -39.57 11.39
CA ILE E 550 23.60 -40.29 10.27
C ILE E 550 24.68 -40.99 9.44
N LYS E 551 25.81 -40.30 9.23
CA LYS E 551 26.91 -40.91 8.49
C LYS E 551 27.49 -42.10 9.24
N ARG E 552 27.69 -41.95 10.55
CA ARG E 552 28.22 -43.07 11.34
C ARG E 552 27.27 -44.26 11.33
N GLU E 553 25.96 -43.99 11.40
CA GLU E 553 24.99 -45.08 11.37
C GLU E 553 24.96 -45.78 10.03
N SER E 554 24.98 -45.01 8.93
CA SER E 554 24.97 -45.60 7.60
C SER E 554 26.20 -46.45 7.37
N MET E 555 27.36 -45.99 7.84
CA MET E 555 28.58 -46.78 7.74
C MET E 555 28.48 -48.05 8.58
N ARG E 556 27.89 -47.94 9.78
CA ARG E 556 27.68 -49.12 10.61
C ARG E 556 26.73 -50.11 9.95
N LEU E 557 25.76 -49.61 9.18
CA LEU E 557 24.83 -50.47 8.47
C LEU E 557 25.41 -51.03 7.19
N GLY E 558 26.67 -50.75 6.87
CA GLY E 558 27.32 -51.33 5.72
C GLY E 558 27.22 -50.53 4.44
N ILE E 559 26.94 -49.23 4.52
CA ILE E 559 26.82 -48.38 3.35
C ILE E 559 28.17 -47.74 3.08
N LYS E 560 28.78 -48.09 1.94
CA LYS E 560 30.10 -47.58 1.61
C LYS E 560 30.04 -46.10 1.26
N THR E 561 31.01 -45.34 1.78
CA THR E 561 31.13 -43.94 1.42
C THR E 561 31.80 -43.80 0.06
N MET E 562 31.85 -42.56 -0.44
CA MET E 562 32.51 -42.31 -1.71
C MET E 562 34.03 -42.50 -1.60
N ARG E 563 34.62 -42.15 -0.46
CA ARG E 563 36.04 -42.40 -0.25
C ARG E 563 36.33 -43.90 -0.29
N GLN E 564 35.52 -44.70 0.41
CA GLN E 564 35.69 -46.15 0.38
C GLN E 564 35.48 -46.70 -1.02
N SER E 565 34.49 -46.17 -1.76
CA SER E 565 34.30 -46.59 -3.15
C SER E 565 35.49 -46.20 -4.00
N GLY E 566 36.06 -45.01 -3.75
CA GLY E 566 37.25 -44.61 -4.47
C GLY E 566 38.48 -45.43 -4.11
N LEU E 567 38.57 -45.87 -2.85
CA LEU E 567 39.67 -46.74 -2.46
C LEU E 567 39.56 -48.11 -3.10
N THR E 568 38.33 -48.63 -3.24
CA THR E 568 38.14 -49.88 -3.97
C THR E 568 38.58 -49.74 -5.42
N LYS E 569 38.25 -48.61 -6.06
CA LYS E 569 38.70 -48.37 -7.42
C LYS E 569 40.21 -48.18 -7.48
N LEU E 570 40.78 -47.51 -6.48
CA LEU E 570 42.24 -47.40 -6.42
C LEU E 570 42.89 -48.77 -6.25
N LYS E 571 42.28 -49.64 -5.42
CA LYS E 571 42.80 -50.98 -5.27
C LYS E 571 42.64 -51.79 -6.55
N GLU E 572 41.52 -51.61 -7.25
CA GLU E 572 41.29 -52.29 -8.52
C GLU E 572 42.22 -51.82 -9.63
N GLY E 573 42.93 -50.72 -9.44
CA GLY E 573 43.86 -50.24 -10.43
C GLY E 573 43.24 -49.49 -11.59
N VAL E 574 42.01 -49.00 -11.44
CA VAL E 574 41.37 -48.23 -12.50
C VAL E 574 41.51 -46.73 -12.29
N THR E 575 41.84 -46.28 -11.08
CA THR E 575 42.04 -44.86 -10.80
C THR E 575 43.29 -44.68 -9.98
N SER E 576 43.73 -43.43 -9.88
CA SER E 576 44.97 -43.07 -9.20
C SER E 576 44.68 -42.48 -7.83
N PHE E 577 45.72 -42.42 -7.00
CA PHE E 577 45.56 -41.93 -5.63
C PHE E 577 45.23 -40.45 -5.61
N GLU E 578 45.79 -39.66 -6.54
CA GLU E 578 45.51 -38.23 -6.57
C GLU E 578 44.06 -37.95 -6.98
N GLU E 579 43.47 -38.82 -7.79
CA GLU E 579 42.06 -38.63 -8.16
C GLU E 579 41.15 -38.91 -6.97
N VAL E 580 41.49 -39.89 -6.15
CA VAL E 580 40.70 -40.17 -4.95
C VAL E 580 40.68 -38.95 -4.04
N LEU E 581 41.86 -38.37 -3.77
CA LEU E 581 41.95 -37.22 -2.87
C LEU E 581 41.33 -35.97 -3.46
N ARG E 582 41.16 -35.91 -4.78
CA ARG E 582 40.66 -34.69 -5.41
C ARG E 582 39.14 -34.56 -5.27
N VAL E 583 38.41 -35.66 -5.42
CA VAL E 583 36.96 -35.62 -5.48
C VAL E 583 36.29 -36.21 -4.25
N THR E 584 37.03 -36.82 -3.33
CA THR E 584 36.47 -37.36 -2.12
C THR E 584 37.17 -36.77 -0.90
N VAL E 585 36.49 -36.84 0.24
CA VAL E 585 37.03 -36.40 1.51
C VAL E 585 37.15 -37.60 2.44
N ALA E 586 37.95 -37.43 3.49
CA ALA E 586 38.22 -38.52 4.42
C ALA E 586 37.03 -38.75 5.35
N ASP E 587 36.81 -40.03 5.69
CA ASP E 587 35.74 -40.41 6.60
C ASP E 587 36.20 -40.14 8.02
N ASP E 588 35.82 -39.00 8.57
CA ASP E 588 36.24 -38.60 9.91
C ASP E 588 35.27 -39.11 10.97
N ASP F 200 -44.23 37.59 -23.04
CA ASP F 200 -43.01 38.29 -22.65
C ASP F 200 -43.30 39.35 -21.58
N ALA F 201 -43.93 40.44 -22.00
CA ALA F 201 -44.17 41.55 -21.09
C ALA F 201 -45.00 41.18 -19.86
N PRO F 202 -46.08 40.38 -19.96
CA PRO F 202 -46.80 40.02 -18.72
C PRO F 202 -45.94 39.31 -17.69
N VAL F 203 -44.98 38.50 -18.15
CA VAL F 203 -44.09 37.82 -17.21
C VAL F 203 -43.01 38.77 -16.71
N VAL F 204 -42.48 39.62 -17.60
CA VAL F 204 -41.51 40.63 -17.18
C VAL F 204 -42.10 41.53 -16.10
N LYS F 205 -43.36 41.94 -16.28
CA LYS F 205 -44.01 42.78 -15.28
C LYS F 205 -44.23 42.01 -13.98
N LEU F 206 -44.64 40.74 -14.09
CA LEU F 206 -44.87 39.94 -12.88
C LEU F 206 -43.56 39.69 -12.12
N VAL F 207 -42.48 39.37 -12.84
CA VAL F 207 -41.21 39.09 -12.18
C VAL F 207 -40.68 40.34 -11.50
N ASN F 208 -40.79 41.50 -12.15
CA ASN F 208 -40.36 42.75 -11.53
C ASN F 208 -41.20 43.06 -10.29
N LEU F 209 -42.50 42.74 -10.34
CA LEU F 209 -43.36 42.94 -9.17
C LEU F 209 -42.96 42.04 -8.02
N ILE F 210 -42.49 40.83 -8.32
CA ILE F 210 -42.01 39.93 -7.28
C ILE F 210 -40.79 40.51 -6.58
N LEU F 211 -39.93 41.22 -7.34
CA LEU F 211 -38.72 41.79 -6.78
C LEU F 211 -38.98 43.09 -6.02
N THR F 212 -39.97 43.87 -6.47
CA THR F 212 -40.19 45.19 -5.84
C THR F 212 -41.06 45.08 -4.59
N ASP F 213 -42.07 44.20 -4.60
CA ASP F 213 -42.88 44.02 -3.40
C ASP F 213 -42.08 43.42 -2.27
N ALA F 214 -41.03 42.64 -2.59
CA ALA F 214 -40.13 42.14 -1.56
C ALA F 214 -39.36 43.28 -0.89
N ILE F 215 -39.03 44.33 -1.66
CA ILE F 215 -38.33 45.46 -1.09
C ILE F 215 -39.24 46.28 -0.19
N LYS F 216 -40.48 46.50 -0.62
CA LYS F 216 -41.40 47.30 0.18
C LYS F 216 -41.83 46.57 1.44
N ARG F 217 -41.94 45.23 1.39
CA ARG F 217 -42.24 44.45 2.58
C ARG F 217 -41.01 44.17 3.43
N LYS F 218 -39.81 44.53 2.94
CA LYS F 218 -38.55 44.32 3.65
C LYS F 218 -38.32 42.83 3.93
N ALA F 219 -38.51 42.02 2.89
CA ALA F 219 -38.25 40.59 2.98
C ALA F 219 -36.77 40.32 2.70
N SER F 220 -36.26 39.26 3.31
CA SER F 220 -34.86 38.89 3.13
C SER F 220 -34.65 37.96 1.95
N ASP F 221 -35.64 37.12 1.63
CA ASP F 221 -35.48 36.11 0.60
C ASP F 221 -36.79 35.92 -0.14
N ILE F 222 -36.69 35.50 -1.41
CA ILE F 222 -37.84 35.17 -2.24
C ILE F 222 -37.71 33.72 -2.68
N HIS F 223 -38.76 32.94 -2.49
CA HIS F 223 -38.80 31.55 -2.90
C HIS F 223 -39.87 31.38 -3.97
N ILE F 224 -39.44 30.95 -5.15
CA ILE F 224 -40.34 30.70 -6.28
C ILE F 224 -40.36 29.19 -6.50
N GLU F 225 -41.46 28.55 -6.08
CA GLU F 225 -41.50 27.09 -5.95
C GLU F 225 -42.60 26.49 -6.79
N PRO F 226 -42.28 25.68 -7.81
CA PRO F 226 -43.30 24.93 -8.53
C PRO F 226 -43.52 23.55 -7.93
N TYR F 227 -44.78 23.12 -7.97
CA TYR F 227 -45.17 21.79 -7.51
C TYR F 227 -46.03 21.13 -8.56
N GLU F 228 -46.44 19.89 -8.30
CA GLU F 228 -47.19 19.11 -9.28
C GLU F 228 -48.48 19.82 -9.67
N ARG F 229 -49.26 20.26 -8.68
CA ARG F 229 -50.59 20.82 -8.93
C ARG F 229 -50.73 22.26 -8.47
N SER F 230 -49.63 22.94 -8.14
CA SER F 230 -49.71 24.32 -7.67
C SER F 230 -48.40 25.03 -7.97
N PHE F 231 -48.37 26.33 -7.64
CA PHE F 231 -47.22 27.19 -7.91
C PHE F 231 -47.36 28.40 -7.00
N ARG F 232 -46.35 28.68 -6.19
CA ARG F 232 -46.47 29.73 -5.19
C ARG F 232 -45.18 30.54 -5.10
N VAL F 233 -45.31 31.74 -4.55
CA VAL F 233 -44.19 32.62 -4.25
C VAL F 233 -44.22 32.90 -2.75
N ARG F 234 -43.09 32.73 -2.09
CA ARG F 234 -42.98 32.97 -0.66
C ARG F 234 -41.88 33.98 -0.37
N TYR F 235 -42.18 34.91 0.54
CA TYR F 235 -41.21 35.84 1.08
C TYR F 235 -40.84 35.41 2.49
N ARG F 236 -39.56 35.53 2.84
CA ARG F 236 -39.13 35.39 4.23
C ARG F 236 -39.05 36.78 4.83
N ILE F 237 -39.91 37.05 5.81
CA ILE F 237 -40.00 38.35 6.45
C ILE F 237 -39.68 38.14 7.93
N ASP F 238 -38.56 38.72 8.37
CA ASP F 238 -38.10 38.60 9.77
C ASP F 238 -37.91 37.14 10.17
N GLY F 239 -37.42 36.33 9.24
CA GLY F 239 -37.08 34.95 9.52
C GLY F 239 -38.19 33.94 9.29
N VAL F 240 -39.39 34.38 8.92
CA VAL F 240 -40.53 33.49 8.73
C VAL F 240 -41.00 33.62 7.28
N LEU F 241 -41.29 32.48 6.66
CA LEU F 241 -41.77 32.45 5.28
C LEU F 241 -43.28 32.66 5.23
N TYR F 242 -43.73 33.41 4.23
CA TYR F 242 -45.14 33.68 4.03
C TYR F 242 -45.48 33.57 2.55
N GLU F 243 -46.62 32.95 2.25
CA GLU F 243 -47.12 32.89 0.89
C GLU F 243 -47.69 34.26 0.51
N VAL F 244 -47.12 34.87 -0.54
CA VAL F 244 -47.53 36.19 -0.98
C VAL F 244 -48.16 36.18 -2.36
N MET F 245 -48.05 35.08 -3.11
CA MET F 245 -48.52 35.06 -4.49
C MET F 245 -48.67 33.62 -4.96
N LYS F 246 -49.72 33.35 -5.73
CA LYS F 246 -49.93 32.06 -6.38
C LYS F 246 -50.14 32.31 -7.86
N PRO F 247 -49.07 32.53 -8.61
CA PRO F 247 -49.19 32.89 -10.03
C PRO F 247 -49.73 31.74 -10.85
N PRO F 248 -50.19 32.00 -12.07
CA PRO F 248 -50.72 30.91 -12.91
C PRO F 248 -49.67 29.86 -13.19
N LEU F 249 -50.07 28.58 -13.04
CA LEU F 249 -49.15 27.48 -13.24
C LEU F 249 -48.64 27.39 -14.66
N LYS F 250 -49.35 27.98 -15.63
CA LYS F 250 -48.86 28.00 -17.00
C LYS F 250 -47.57 28.81 -17.13
N LEU F 251 -47.40 29.82 -16.27
CA LEU F 251 -46.21 30.67 -16.29
C LEU F 251 -45.06 30.08 -15.47
N LYS F 252 -45.16 28.82 -15.06
CA LYS F 252 -44.12 28.23 -14.20
C LYS F 252 -42.75 28.31 -14.86
N ASN F 253 -42.64 27.80 -16.09
CA ASN F 253 -41.35 27.82 -16.77
C ASN F 253 -40.98 29.20 -17.26
N ALA F 254 -41.98 30.05 -17.56
CA ALA F 254 -41.68 31.38 -18.08
C ALA F 254 -41.09 32.28 -17.00
N ILE F 255 -41.59 32.17 -15.76
CA ILE F 255 -41.10 33.03 -14.68
C ILE F 255 -39.67 32.67 -14.33
N THR F 256 -39.38 31.38 -14.16
CA THR F 256 -38.03 30.96 -13.79
C THR F 256 -37.04 31.21 -14.91
N SER F 257 -37.49 31.12 -16.17
CA SER F 257 -36.58 31.39 -17.29
C SER F 257 -36.24 32.87 -17.40
N ARG F 258 -37.18 33.75 -17.06
CA ARG F 258 -36.92 35.18 -17.10
C ARG F 258 -35.84 35.57 -16.10
N ILE F 259 -35.89 35.02 -14.89
CA ILE F 259 -34.90 35.34 -13.87
C ILE F 259 -33.53 34.79 -14.26
N LYS F 260 -33.49 33.65 -14.96
CA LYS F 260 -32.23 33.14 -15.47
C LYS F 260 -31.58 34.15 -16.41
N ILE F 261 -32.36 34.74 -17.31
CA ILE F 261 -31.82 35.69 -18.28
C ILE F 261 -31.29 36.93 -17.55
N MET F 262 -31.99 37.37 -16.51
CA MET F 262 -31.50 38.49 -15.71
C MET F 262 -30.23 38.13 -14.95
N ALA F 263 -30.09 36.88 -14.54
CA ALA F 263 -28.91 36.42 -13.81
C ALA F 263 -27.80 35.91 -14.74
N GLU F 264 -27.99 36.02 -16.06
CA GLU F 264 -27.01 35.53 -17.04
C GLU F 264 -26.74 34.04 -16.85
N LEU F 265 -27.79 33.28 -16.52
CA LEU F 265 -27.67 31.85 -16.33
C LEU F 265 -28.15 31.11 -17.58
N ASP F 266 -27.92 29.80 -17.60
CA ASP F 266 -28.14 28.97 -18.77
C ASP F 266 -29.60 28.52 -18.81
N ILE F 267 -30.36 29.06 -19.77
CA ILE F 267 -31.75 28.65 -19.93
C ILE F 267 -31.83 27.26 -20.54
N ALA F 268 -30.82 26.87 -21.34
CA ALA F 268 -30.82 25.55 -21.96
C ALA F 268 -30.73 24.44 -20.92
N GLU F 269 -30.07 24.70 -19.79
CA GLU F 269 -29.94 23.71 -18.73
C GLU F 269 -31.05 23.90 -17.71
N ARG F 270 -31.82 22.83 -17.49
CA ARG F 270 -32.88 22.84 -16.48
C ARG F 270 -32.80 21.62 -15.56
N ARG F 271 -31.74 20.82 -15.66
CA ARG F 271 -31.58 19.62 -14.84
C ARG F 271 -30.57 19.80 -13.71
N LEU F 272 -29.79 20.88 -13.73
CA LEU F 272 -28.67 21.04 -12.80
C LEU F 272 -28.79 22.34 -12.03
N PRO F 273 -28.26 22.38 -10.81
CA PRO F 273 -28.30 23.63 -10.03
C PRO F 273 -27.41 24.70 -10.65
N GLN F 274 -27.90 25.94 -10.63
CA GLN F 274 -27.17 27.08 -11.14
C GLN F 274 -27.23 28.21 -10.12
N ASP F 275 -26.20 29.06 -10.13
CA ASP F 275 -26.09 30.15 -9.16
C ASP F 275 -25.55 31.39 -9.86
N GLY F 276 -26.17 32.53 -9.60
CA GLY F 276 -25.75 33.78 -10.16
C GLY F 276 -26.15 34.98 -9.33
N ARG F 277 -26.01 36.17 -9.89
CA ARG F 277 -26.37 37.40 -9.20
C ARG F 277 -27.10 38.33 -10.16
N ILE F 278 -28.02 39.12 -9.61
CA ILE F 278 -28.83 40.06 -10.38
C ILE F 278 -28.68 41.44 -9.78
N LYS F 279 -28.51 42.45 -10.64
CA LYS F 279 -28.53 43.84 -10.23
C LYS F 279 -29.68 44.53 -10.95
N ILE F 280 -30.62 45.06 -10.18
CA ILE F 280 -31.79 45.75 -10.72
C ILE F 280 -31.68 47.22 -10.38
N LYS F 281 -31.91 48.07 -11.37
CA LYS F 281 -31.76 49.52 -11.20
C LYS F 281 -33.01 50.15 -10.60
N MET F 288 -30.28 47.77 -5.90
CA MET F 288 -30.67 46.55 -5.21
C MET F 288 -30.11 45.31 -5.91
N ASP F 289 -29.36 44.50 -5.16
CA ASP F 289 -28.71 43.31 -5.69
C ASP F 289 -29.36 42.06 -5.11
N TYR F 290 -29.45 41.01 -5.94
CA TYR F 290 -30.00 39.73 -5.54
C TYR F 290 -29.01 38.62 -5.86
N ARG F 291 -28.84 37.69 -4.93
CA ARG F 291 -28.12 36.45 -5.20
C ARG F 291 -29.13 35.38 -5.58
N VAL F 292 -28.91 34.71 -6.70
CA VAL F 292 -29.88 33.79 -7.28
C VAL F 292 -29.35 32.36 -7.17
N SER F 293 -30.25 31.45 -6.81
CA SER F 293 -29.94 30.02 -6.70
C SER F 293 -31.05 29.24 -7.36
N VAL F 294 -30.71 28.42 -8.35
CA VAL F 294 -31.67 27.62 -9.11
C VAL F 294 -31.52 26.17 -8.71
N LEU F 295 -32.63 25.54 -8.33
CA LEU F 295 -32.65 24.16 -7.88
C LEU F 295 -33.62 23.35 -8.74
N PRO F 296 -33.17 22.25 -9.36
CA PRO F 296 -34.06 21.48 -10.23
C PRO F 296 -34.90 20.45 -9.48
N THR F 297 -36.13 20.80 -9.12
CA THR F 297 -37.02 19.83 -8.50
C THR F 297 -37.69 18.98 -9.57
N LEU F 298 -38.53 18.04 -9.12
CA LEU F 298 -39.17 17.11 -10.04
C LEU F 298 -40.31 17.72 -10.84
N PHE F 299 -40.71 18.97 -10.54
CA PHE F 299 -41.81 19.61 -11.25
C PHE F 299 -41.41 21.00 -11.73
N GLY F 300 -40.15 21.19 -12.06
CA GLY F 300 -39.63 22.46 -12.51
C GLY F 300 -38.47 22.93 -11.65
N GLU F 301 -38.01 24.15 -11.94
CA GLU F 301 -36.88 24.75 -11.26
C GLU F 301 -37.37 25.69 -10.17
N LYS F 302 -36.89 25.47 -8.95
CA LYS F 302 -37.13 26.38 -7.84
C LYS F 302 -36.02 27.43 -7.81
N VAL F 303 -36.41 28.69 -7.68
CA VAL F 303 -35.46 29.80 -7.64
C VAL F 303 -35.58 30.48 -6.28
N VAL F 304 -34.44 30.73 -5.66
CA VAL F 304 -34.37 31.49 -4.41
C VAL F 304 -33.54 32.74 -4.67
N LEU F 305 -34.05 33.88 -4.24
CA LEU F 305 -33.37 35.16 -4.41
C LEU F 305 -33.12 35.77 -3.05
N ARG F 306 -31.86 36.09 -2.77
CA ARG F 306 -31.46 36.69 -1.51
C ARG F 306 -31.23 38.18 -1.71
N LEU F 307 -32.03 39.00 -1.04
CA LEU F 307 -31.91 40.45 -1.17
C LEU F 307 -30.67 40.93 -0.42
N LEU F 308 -29.83 41.68 -1.11
CA LEU F 308 -28.58 42.21 -0.57
C LEU F 308 -28.58 43.72 -0.77
N ASP F 309 -29.05 44.45 0.23
CA ASP F 309 -29.10 45.91 0.19
C ASP F 309 -28.10 46.45 1.20
N LYS F 310 -26.96 46.96 0.70
CA LYS F 310 -25.99 47.59 1.58
C LYS F 310 -26.61 48.80 2.29
N SER F 311 -27.47 49.54 1.58
CA SER F 311 -28.11 50.71 2.17
C SER F 311 -28.88 50.36 3.43
N ASN F 312 -29.64 49.26 3.39
CA ASN F 312 -30.39 48.84 4.57
C ASN F 312 -29.46 48.36 5.68
N LEU F 313 -28.31 47.80 5.33
CA LEU F 313 -27.40 47.26 6.33
C LEU F 313 -26.90 48.37 7.26
N GLN F 314 -26.95 48.10 8.56
CA GLN F 314 -26.51 49.04 9.58
C GLN F 314 -25.17 48.57 10.14
N LEU F 315 -24.13 49.36 9.90
CA LEU F 315 -22.76 48.94 10.22
C LEU F 315 -22.14 49.71 11.38
N ASP F 316 -22.78 50.77 11.88
CA ASP F 316 -22.24 51.44 13.06
C ASP F 316 -22.47 50.55 14.28
N MET F 317 -21.41 50.30 15.03
CA MET F 317 -21.48 49.36 16.14
C MET F 317 -22.41 49.86 17.24
N THR F 318 -22.50 51.18 17.42
CA THR F 318 -23.37 51.74 18.45
C THR F 318 -24.86 51.66 18.10
N LYS F 319 -25.21 51.15 16.92
CA LYS F 319 -26.60 51.03 16.52
C LYS F 319 -27.02 49.58 16.31
N LEU F 320 -26.25 48.63 16.83
CA LEU F 320 -26.58 47.22 16.70
C LEU F 320 -27.39 46.68 17.88
N GLY F 321 -27.53 47.47 18.94
CA GLY F 321 -28.32 47.05 20.09
C GLY F 321 -27.54 46.57 21.29
N TYR F 322 -26.21 46.71 21.29
CA TYR F 322 -25.41 46.32 22.44
C TYR F 322 -25.62 47.30 23.59
N GLU F 323 -25.72 46.75 24.80
CA GLU F 323 -25.72 47.59 25.98
C GLU F 323 -24.35 48.24 26.14
N PRO F 324 -24.29 49.43 26.76
CA PRO F 324 -23.03 50.20 26.75
C PRO F 324 -21.85 49.46 27.36
N ASP F 325 -22.05 48.74 28.46
CA ASP F 325 -20.94 48.00 29.06
C ASP F 325 -20.50 46.85 28.16
N ALA F 326 -21.45 46.17 27.52
CA ALA F 326 -21.09 45.11 26.58
C ALA F 326 -20.41 45.67 25.34
N LEU F 327 -20.90 46.81 24.84
CA LEU F 327 -20.29 47.42 23.66
C LEU F 327 -18.84 47.83 23.94
N HIS F 328 -18.54 48.26 25.16
CA HIS F 328 -17.17 48.67 25.48
C HIS F 328 -16.20 47.49 25.40
N TYR F 329 -16.63 46.31 25.86
CA TYR F 329 -15.74 45.16 25.85
C TYR F 329 -15.55 44.60 24.45
N PHE F 330 -16.60 44.65 23.63
CA PHE F 330 -16.48 44.19 22.25
C PHE F 330 -15.55 45.10 21.45
N LYS F 331 -15.71 46.42 21.60
CA LYS F 331 -14.83 47.35 20.89
C LYS F 331 -13.38 47.21 21.35
N GLU F 332 -13.16 47.02 22.65
CA GLU F 332 -11.81 46.85 23.14
C GLU F 332 -11.16 45.60 22.57
N ALA F 333 -11.94 44.54 22.37
CA ALA F 333 -11.38 43.28 21.86
C ALA F 333 -10.95 43.40 20.42
N ILE F 334 -11.76 44.06 19.58
CA ILE F 334 -11.43 44.14 18.15
C ILE F 334 -10.36 45.17 17.83
N HIS F 335 -10.01 46.03 18.78
CA HIS F 335 -8.96 47.01 18.58
C HIS F 335 -7.63 46.60 19.21
N LYS F 336 -7.57 45.40 19.81
CA LYS F 336 -6.29 44.86 20.21
C LYS F 336 -5.49 44.44 18.97
N PRO F 337 -4.16 44.54 19.02
CA PRO F 337 -3.35 44.25 17.82
C PRO F 337 -3.44 42.81 17.37
N PHE F 338 -3.80 41.87 18.24
CA PHE F 338 -3.86 40.47 17.87
C PHE F 338 -4.78 39.75 18.84
N GLY F 339 -5.12 38.51 18.50
CA GLY F 339 -6.04 37.70 19.28
C GLY F 339 -7.24 37.29 18.46
N MET F 340 -8.11 36.52 19.11
CA MET F 340 -9.28 35.95 18.47
C MET F 340 -10.56 36.48 19.11
N VAL F 341 -11.54 36.81 18.27
CA VAL F 341 -12.86 37.23 18.72
C VAL F 341 -13.88 36.31 18.06
N LEU F 342 -14.70 35.65 18.86
CA LEU F 342 -15.69 34.69 18.38
C LEU F 342 -17.09 35.23 18.60
N VAL F 343 -17.88 35.28 17.54
CA VAL F 343 -19.29 35.65 17.60
C VAL F 343 -20.09 34.37 17.35
N THR F 344 -20.77 33.88 18.39
CA THR F 344 -21.39 32.58 18.34
C THR F 344 -22.91 32.68 18.20
N GLY F 345 -23.49 31.65 17.60
CA GLY F 345 -24.91 31.60 17.33
C GLY F 345 -25.18 30.81 16.07
N PRO F 346 -26.44 30.40 15.88
CA PRO F 346 -26.80 29.69 14.64
C PRO F 346 -26.81 30.64 13.45
N THR F 347 -26.88 30.04 12.26
CA THR F 347 -26.95 30.85 11.05
C THR F 347 -28.29 31.58 11.01
N GLY F 348 -28.24 32.84 10.59
CA GLY F 348 -29.42 33.69 10.64
C GLY F 348 -29.63 34.43 11.93
N SER F 349 -28.62 34.52 12.79
CA SER F 349 -28.70 35.22 14.06
C SER F 349 -27.96 36.56 14.03
N GLY F 350 -27.69 37.09 12.85
CA GLY F 350 -27.04 38.38 12.72
C GLY F 350 -25.55 38.38 12.96
N LYS F 351 -24.89 37.22 12.94
CA LYS F 351 -23.46 37.16 13.21
C LYS F 351 -22.66 37.91 12.15
N THR F 352 -23.04 37.76 10.88
CA THR F 352 -22.29 38.40 9.80
C THR F 352 -22.36 39.91 9.89
N VAL F 353 -23.49 40.47 10.35
CA VAL F 353 -23.59 41.90 10.53
C VAL F 353 -22.68 42.38 11.65
N SER F 354 -22.60 41.61 12.74
CA SER F 354 -21.68 41.95 13.81
C SER F 354 -20.24 41.93 13.32
N LEU F 355 -19.89 40.93 12.50
CA LEU F 355 -18.54 40.86 11.95
C LEU F 355 -18.28 41.99 10.97
N TYR F 356 -19.22 42.22 10.04
CA TYR F 356 -19.08 43.33 9.09
C TYR F 356 -18.99 44.67 9.80
N SER F 357 -19.74 44.82 10.90
CA SER F 357 -19.63 46.04 11.69
C SER F 357 -18.24 46.20 12.29
N ALA F 358 -17.67 45.10 12.79
CA ALA F 358 -16.33 45.16 13.36
C ALA F 358 -15.28 45.45 12.29
N LEU F 359 -15.42 44.81 11.12
CA LEU F 359 -14.44 45.03 10.05
C LEU F 359 -14.50 46.45 9.52
N GLY F 360 -15.71 47.01 9.41
CA GLY F 360 -15.83 48.41 9.02
C GLY F 360 -15.15 49.35 10.00
N GLU F 361 -15.13 48.99 11.28
CA GLU F 361 -14.41 49.78 12.27
C GLU F 361 -12.90 49.62 12.14
N LEU F 362 -12.42 48.56 11.50
CA LEU F 362 -11.00 48.29 11.36
C LEU F 362 -10.48 48.55 9.95
N ASN F 363 -11.35 48.90 9.00
CA ASN F 363 -10.97 48.98 7.60
C ASN F 363 -10.20 50.28 7.36
N LYS F 364 -8.90 50.22 7.66
CA LYS F 364 -7.97 51.31 7.38
C LYS F 364 -7.03 50.88 6.25
N THR F 365 -6.41 51.88 5.61
CA THR F 365 -5.48 51.58 4.54
C THR F 365 -4.13 51.09 5.07
N THR F 366 -3.91 51.14 6.38
CA THR F 366 -2.67 50.68 6.97
C THR F 366 -2.65 49.17 7.25
N GLU F 367 -3.81 48.52 7.21
CA GLU F 367 -3.93 47.11 7.53
C GLU F 367 -4.42 46.33 6.33
N ASN F 368 -4.01 45.07 6.24
CA ASN F 368 -4.51 44.13 5.25
C ASN F 368 -5.56 43.25 5.92
N ILE F 369 -6.80 43.36 5.45
CA ILE F 369 -7.91 42.57 5.98
C ILE F 369 -8.30 41.54 4.93
N SER F 370 -8.34 40.28 5.33
CA SER F 370 -8.71 39.17 4.45
C SER F 370 -9.81 38.37 5.11
N THR F 371 -10.81 37.99 4.31
CA THR F 371 -11.95 37.23 4.81
C THR F 371 -12.17 36.00 3.94
N ALA F 372 -12.65 34.93 4.58
CA ALA F 372 -13.08 33.71 3.91
C ALA F 372 -14.53 33.48 4.28
N GLU F 373 -15.42 33.55 3.29
CA GLU F 373 -16.85 33.52 3.54
C GLU F 373 -17.53 32.47 2.67
N ASP F 374 -18.64 31.94 3.18
CA ASP F 374 -19.39 30.89 2.51
C ASP F 374 -20.89 31.13 2.62
N PRO F 375 -21.45 32.00 1.76
CA PRO F 375 -20.72 32.79 0.76
C PRO F 375 -20.40 34.20 1.25
N VAL F 376 -19.89 35.04 0.37
CA VAL F 376 -19.71 36.46 0.68
C VAL F 376 -21.06 37.16 0.53
N GLU F 377 -21.57 37.70 1.63
CA GLU F 377 -22.88 38.36 1.61
C GLU F 377 -22.77 39.73 0.97
N PHE F 378 -21.89 40.58 1.49
CA PHE F 378 -21.66 41.92 0.96
C PHE F 378 -20.17 42.11 0.72
N ASN F 379 -19.84 42.91 -0.29
CA ASN F 379 -18.46 43.23 -0.63
C ASN F 379 -18.14 44.66 -0.20
N PHE F 380 -16.95 44.84 0.35
CA PHE F 380 -16.51 46.13 0.88
C PHE F 380 -15.17 46.49 0.25
N ALA F 381 -15.05 47.72 -0.24
CA ALA F 381 -13.80 48.19 -0.80
C ALA F 381 -12.71 48.20 0.28
N GLY F 382 -11.50 47.82 -0.11
CA GLY F 382 -10.38 47.74 0.79
C GLY F 382 -10.24 46.41 1.52
N ILE F 383 -11.29 45.60 1.54
CA ILE F 383 -11.27 44.30 2.20
C ILE F 383 -11.14 43.22 1.14
N ASN F 384 -10.13 42.36 1.29
CA ASN F 384 -9.88 41.28 0.35
C ASN F 384 -10.70 40.07 0.78
N GLN F 385 -11.78 39.79 0.05
CA GLN F 385 -12.73 38.77 0.43
C GLN F 385 -12.64 37.58 -0.52
N VAL F 386 -12.69 36.38 0.04
CA VAL F 386 -12.61 35.13 -0.70
C VAL F 386 -13.89 34.33 -0.44
N GLN F 387 -14.56 33.95 -1.51
CA GLN F 387 -15.74 33.09 -1.39
C GLN F 387 -15.33 31.64 -1.51
N MET F 388 -15.81 30.81 -0.59
CA MET F 388 -15.40 29.41 -0.56
C MET F 388 -16.08 28.65 -1.69
N HIS F 389 -15.32 27.71 -2.28
CA HIS F 389 -15.77 26.87 -3.37
C HIS F 389 -15.19 25.47 -3.10
N GLU F 390 -15.74 24.79 -2.08
CA GLU F 390 -15.13 23.56 -1.62
C GLU F 390 -15.19 22.44 -2.64
N ASP F 391 -16.08 22.56 -3.64
CA ASP F 391 -16.15 21.55 -4.69
C ASP F 391 -14.86 21.48 -5.50
N ILE F 392 -14.10 22.57 -5.54
CA ILE F 392 -12.82 22.60 -6.25
C ILE F 392 -11.64 22.65 -5.28
N GLY F 393 -11.88 22.45 -4.00
CA GLY F 393 -10.81 22.39 -3.01
C GLY F 393 -10.57 23.66 -2.23
N LEU F 394 -11.36 24.72 -2.46
CA LEU F 394 -11.18 25.98 -1.77
C LEU F 394 -12.11 26.01 -0.55
N ASN F 395 -11.67 25.38 0.52
CA ASN F 395 -12.38 25.38 1.79
C ASN F 395 -11.73 26.40 2.73
N PHE F 396 -12.26 26.48 3.96
CA PHE F 396 -11.75 27.46 4.91
C PHE F 396 -10.29 27.22 5.25
N ALA F 397 -9.89 25.95 5.35
CA ALA F 397 -8.50 25.65 5.71
C ALA F 397 -7.54 26.07 4.61
N ALA F 398 -7.88 25.79 3.35
CA ALA F 398 -7.00 26.16 2.25
C ALA F 398 -6.86 27.68 2.13
N ALA F 399 -7.95 28.41 2.39
CA ALA F 399 -7.87 29.87 2.35
C ALA F 399 -7.12 30.43 3.56
N LEU F 400 -7.23 29.77 4.70
CA LEU F 400 -6.48 30.21 5.89
C LEU F 400 -4.98 30.06 5.67
N ARG F 401 -4.54 28.89 5.21
CA ARG F 401 -3.13 28.69 4.93
C ARG F 401 -2.63 29.66 3.86
N SER F 402 -3.50 30.06 2.94
CA SER F 402 -3.13 31.06 1.95
C SER F 402 -3.03 32.45 2.57
N PHE F 403 -3.92 32.76 3.52
CA PHE F 403 -3.86 34.05 4.21
C PHE F 403 -2.53 34.23 4.93
N LEU F 404 -1.99 33.15 5.51
CA LEU F 404 -0.73 33.23 6.23
C LEU F 404 0.44 33.58 5.33
N ARG F 405 0.32 33.33 4.03
CA ARG F 405 1.34 33.71 3.06
C ARG F 405 1.04 35.04 2.39
N GLN F 406 -0.05 35.70 2.77
CA GLN F 406 -0.49 36.94 2.17
C GLN F 406 -0.13 38.18 2.99
N ASP F 407 0.73 38.02 4.00
CA ASP F 407 1.13 39.09 4.91
C ASP F 407 -0.11 39.74 5.52
N PRO F 408 -0.86 39.02 6.35
CA PRO F 408 -2.13 39.55 6.87
C PRO F 408 -1.96 40.33 8.15
N ASP F 409 -2.96 41.18 8.41
CA ASP F 409 -3.12 41.83 9.70
C ASP F 409 -4.40 41.40 10.42
N ILE F 410 -5.51 41.34 9.69
CA ILE F 410 -6.81 40.97 10.23
C ILE F 410 -7.40 39.88 9.35
N ILE F 411 -7.85 38.79 9.97
CA ILE F 411 -8.38 37.64 9.25
C ILE F 411 -9.79 37.37 9.76
N MET F 412 -10.74 37.25 8.83
CA MET F 412 -12.12 36.90 9.16
C MET F 412 -12.43 35.57 8.50
N ILE F 413 -12.94 34.62 9.29
CA ILE F 413 -13.35 33.31 8.82
C ILE F 413 -14.85 33.16 9.06
N GLY F 414 -15.57 32.71 8.04
CA GLY F 414 -17.03 32.64 8.14
C GLY F 414 -17.49 31.76 9.28
N GLU F 415 -16.91 30.57 9.40
CA GLU F 415 -17.25 29.67 10.49
C GLU F 415 -16.09 28.70 10.70
N ILE F 416 -15.83 28.37 11.96
CA ILE F 416 -14.84 27.36 12.32
C ILE F 416 -15.58 26.05 12.49
N ARG F 417 -15.39 25.13 11.55
CA ARG F 417 -16.22 23.92 11.48
C ARG F 417 -15.51 22.65 11.89
N ASP F 418 -14.20 22.66 12.06
CA ASP F 418 -13.48 21.43 12.41
C ASP F 418 -12.17 21.77 13.10
N PHE F 419 -11.44 20.72 13.46
CA PHE F 419 -10.18 20.88 14.19
C PHE F 419 -9.11 21.52 13.31
N GLU F 420 -9.07 21.17 12.03
CA GLU F 420 -8.03 21.69 11.14
C GLU F 420 -8.11 23.20 11.03
N THR F 421 -9.31 23.73 10.79
CA THR F 421 -9.46 25.19 10.67
C THR F 421 -9.32 25.87 12.03
N ALA F 422 -9.84 25.24 13.09
CA ALA F 422 -9.68 25.80 14.43
C ALA F 422 -8.21 25.95 14.80
N GLU F 423 -7.38 24.97 14.43
CA GLU F 423 -5.96 25.04 14.75
C GLU F 423 -5.27 26.17 14.00
N ILE F 424 -5.55 26.32 12.71
CA ILE F 424 -4.95 27.40 11.95
C ILE F 424 -5.42 28.75 12.49
N ALA F 425 -6.70 28.84 12.87
CA ALA F 425 -7.25 30.09 13.36
C ALA F 425 -6.65 30.47 14.71
N ILE F 426 -6.61 29.52 15.65
CA ILE F 426 -6.08 29.80 16.99
C ILE F 426 -4.62 30.22 16.90
N LYS F 427 -3.82 29.50 16.10
CA LYS F 427 -2.39 29.77 16.04
C LYS F 427 -2.07 31.02 15.22
N ALA F 428 -2.95 31.45 14.33
CA ALA F 428 -2.78 32.74 13.69
C ALA F 428 -3.03 33.88 14.67
N ALA F 429 -3.96 33.69 15.62
CA ALA F 429 -4.19 34.69 16.65
C ALA F 429 -3.05 34.78 17.64
N LEU F 430 -2.21 33.75 17.72
CA LEU F 430 -1.04 33.76 18.62
C LEU F 430 0.19 34.37 17.98
N THR F 431 0.20 34.54 16.66
CA THR F 431 1.37 35.02 15.93
C THR F 431 1.18 36.44 15.40
N GLY F 432 0.44 37.27 16.14
CA GLY F 432 0.32 38.67 15.83
C GLY F 432 -0.79 39.06 14.89
N HIS F 433 -1.81 38.22 14.72
CA HIS F 433 -2.92 38.52 13.84
C HIS F 433 -4.21 38.60 14.65
N LEU F 434 -5.11 39.48 14.22
CA LEU F 434 -6.45 39.55 14.77
C LEU F 434 -7.35 38.63 13.97
N VAL F 435 -8.02 37.71 14.66
CA VAL F 435 -8.84 36.69 14.01
C VAL F 435 -10.28 36.86 14.48
N LEU F 436 -11.19 37.02 13.53
CA LEU F 436 -12.62 37.10 13.79
C LEU F 436 -13.29 35.91 13.13
N SER F 437 -14.15 35.21 13.88
CA SER F 437 -14.83 34.06 13.32
C SER F 437 -16.08 33.76 14.14
N THR F 438 -16.78 32.69 13.74
CA THR F 438 -18.03 32.30 14.36
C THR F 438 -18.04 30.80 14.64
N LEU F 439 -18.86 30.42 15.60
CA LEU F 439 -19.26 29.04 15.82
C LEU F 439 -20.73 29.03 16.20
N HIS F 440 -21.34 27.86 16.14
CA HIS F 440 -22.70 27.68 16.64
C HIS F 440 -22.63 26.89 17.93
N THR F 441 -22.80 27.59 19.05
CA THR F 441 -22.81 27.00 20.37
C THR F 441 -24.04 27.50 21.12
N ASN F 442 -24.31 26.89 22.27
CA ASN F 442 -25.51 27.25 23.02
C ASN F 442 -25.38 28.61 23.70
N ASP F 443 -24.17 28.99 24.12
CA ASP F 443 -23.93 30.30 24.69
C ASP F 443 -22.43 30.59 24.64
N ALA F 444 -22.05 31.75 25.20
CA ALA F 444 -20.63 32.11 25.21
C ALA F 444 -19.80 31.19 26.09
N PRO F 445 -20.22 30.85 27.33
CA PRO F 445 -19.38 29.94 28.13
C PRO F 445 -19.17 28.57 27.50
N ALA F 446 -20.15 28.05 26.77
CA ALA F 446 -20.01 26.73 26.16
C ALA F 446 -19.07 26.73 24.95
N THR F 447 -18.72 27.91 24.42
CA THR F 447 -17.77 27.96 23.32
C THR F 447 -16.39 27.46 23.75
N ILE F 448 -16.07 27.59 25.04
CA ILE F 448 -14.81 27.04 25.54
C ILE F 448 -14.80 25.52 25.40
N ASN F 449 -15.86 24.87 25.88
CA ASN F 449 -15.95 23.41 25.82
C ASN F 449 -15.95 22.92 24.38
N ARG F 450 -16.54 23.68 23.45
CA ARG F 450 -16.56 23.27 22.05
C ARG F 450 -15.16 23.21 21.47
N LEU F 451 -14.34 24.23 21.73
CA LEU F 451 -12.97 24.24 21.22
C LEU F 451 -12.15 23.11 21.83
N LEU F 452 -12.33 22.86 23.13
CA LEU F 452 -11.63 21.74 23.78
C LEU F 452 -12.04 20.41 23.17
N ASN F 453 -13.34 20.22 22.94
CA ASN F 453 -13.81 18.98 22.32
C ASN F 453 -13.29 18.85 20.89
N MET F 454 -13.15 19.96 20.17
CA MET F 454 -12.56 19.92 18.84
C MET F 454 -11.13 19.40 18.89
N GLY F 455 -10.39 19.73 19.94
CA GLY F 455 -9.04 19.24 20.11
C GLY F 455 -8.02 20.30 20.43
N VAL F 456 -8.46 21.56 20.55
CA VAL F 456 -7.55 22.65 20.84
C VAL F 456 -7.07 22.53 22.28
N GLU F 457 -5.78 22.78 22.48
CA GLU F 457 -5.20 22.70 23.82
C GLU F 457 -5.82 23.76 24.73
N PRO F 458 -6.13 23.40 25.98
CA PRO F 458 -6.74 24.39 26.89
C PRO F 458 -5.91 25.65 27.05
N PHE F 459 -4.58 25.52 27.14
CA PHE F 459 -3.75 26.71 27.35
C PHE F 459 -3.78 27.63 26.13
N LEU F 460 -3.89 27.06 24.93
CA LEU F 460 -3.96 27.90 23.73
C LEU F 460 -5.28 28.64 23.65
N VAL F 461 -6.38 28.04 24.11
CA VAL F 461 -7.66 28.73 24.12
C VAL F 461 -7.60 29.93 25.06
N ALA F 462 -7.10 29.72 26.27
CA ALA F 462 -6.99 30.83 27.23
C ALA F 462 -6.05 31.91 26.72
N SER F 463 -5.03 31.55 25.93
CA SER F 463 -4.05 32.53 25.49
C SER F 463 -4.48 33.27 24.23
N ALA F 464 -5.25 32.62 23.35
CA ALA F 464 -5.55 33.21 22.05
C ALA F 464 -6.86 33.98 22.02
N VAL F 465 -7.87 33.53 22.76
CA VAL F 465 -9.19 34.14 22.68
C VAL F 465 -9.25 35.38 23.56
N ASN F 466 -9.65 36.51 22.96
CA ASN F 466 -9.84 37.74 23.72
C ASN F 466 -11.27 37.89 24.22
N LEU F 467 -12.25 37.37 23.47
CA LEU F 467 -13.64 37.66 23.78
C LEU F 467 -14.54 36.75 22.97
N ILE F 468 -15.62 36.29 23.60
CA ILE F 468 -16.63 35.47 22.95
C ILE F 468 -17.99 36.12 23.17
N THR F 469 -18.75 36.28 22.10
CA THR F 469 -20.12 36.75 22.18
C THR F 469 -21.09 35.66 21.75
N ALA F 470 -22.27 35.70 22.33
CA ALA F 470 -23.39 34.87 21.90
C ALA F 470 -24.56 35.79 21.60
N GLN F 471 -25.28 35.48 20.51
CA GLN F 471 -26.38 36.35 20.13
C GLN F 471 -27.47 35.54 19.43
N ARG F 472 -28.70 35.99 19.63
CA ARG F 472 -29.86 35.47 18.93
C ARG F 472 -30.68 36.64 18.41
N LEU F 473 -31.39 36.41 17.32
CA LEU F 473 -32.25 37.43 16.72
C LEU F 473 -33.70 37.14 17.07
N ALA F 474 -34.33 38.07 17.79
CA ALA F 474 -35.75 38.01 18.08
C ALA F 474 -36.47 39.08 17.27
N ARG F 475 -37.75 38.84 17.01
CA ARG F 475 -38.53 39.78 16.21
C ARG F 475 -38.99 40.96 17.06
N ARG F 476 -39.02 42.13 16.43
CA ARG F 476 -39.34 43.38 17.11
C ARG F 476 -40.82 43.67 16.97
N VAL F 477 -41.48 43.94 18.10
CA VAL F 477 -42.92 44.18 18.08
C VAL F 477 -43.23 45.42 17.25
N CYS F 478 -44.28 45.32 16.43
CA CYS F 478 -44.73 46.46 15.64
C CYS F 478 -45.20 47.58 16.55
N SER F 479 -44.71 48.80 16.29
CA SER F 479 -45.03 49.93 17.16
C SER F 479 -46.47 50.41 16.98
N GLU F 480 -47.10 50.12 15.84
CA GLU F 480 -48.43 50.67 15.59
C GLU F 480 -49.53 49.81 16.22
N CYS F 481 -49.43 48.49 16.07
CA CYS F 481 -50.42 47.57 16.63
C CYS F 481 -49.98 47.01 17.99
N LYS F 482 -49.01 47.65 18.64
CA LYS F 482 -48.53 47.18 19.93
C LYS F 482 -49.62 47.29 20.99
N GLN F 483 -49.86 46.19 21.72
CA GLN F 483 -50.86 46.16 22.77
C GLN F 483 -50.32 45.36 23.94
N PRO F 484 -50.69 45.72 25.17
CA PRO F 484 -50.24 44.95 26.34
C PRO F 484 -50.83 43.55 26.34
N GLU F 485 -49.97 42.56 26.65
CA GLU F 485 -50.37 41.17 26.69
C GLU F 485 -50.37 40.68 28.14
N GLU F 486 -51.46 40.03 28.53
CA GLU F 486 -51.64 39.60 29.93
C GLU F 486 -50.90 38.28 30.17
N ILE F 487 -49.58 38.40 30.24
CA ILE F 487 -48.75 37.25 30.61
C ILE F 487 -48.84 37.05 32.12
N PRO F 488 -49.17 35.84 32.58
CA PRO F 488 -49.29 35.63 34.03
C PRO F 488 -47.97 35.87 34.74
N ILE F 489 -48.06 36.43 35.95
CA ILE F 489 -46.87 36.79 36.71
C ILE F 489 -46.00 35.57 36.98
N GLN F 490 -46.62 34.42 37.24
CA GLN F 490 -45.84 33.22 37.51
C GLN F 490 -45.04 32.78 36.29
N ALA F 491 -45.57 33.00 35.08
CA ALA F 491 -44.82 32.66 33.88
C ALA F 491 -43.57 33.53 33.76
N LEU F 492 -43.66 34.80 34.16
CA LEU F 492 -42.49 35.67 34.14
C LEU F 492 -41.46 35.22 35.18
N ILE F 493 -41.92 34.82 36.37
CA ILE F 493 -40.99 34.34 37.39
C ILE F 493 -40.32 33.04 36.93
N ASP F 494 -41.07 32.16 36.28
CA ASP F 494 -40.48 30.94 35.74
C ASP F 494 -39.44 31.26 34.68
N ALA F 495 -39.67 32.30 33.88
CA ALA F 495 -38.71 32.67 32.84
C ALA F 495 -37.46 33.31 33.39
N GLY F 496 -37.51 33.87 34.60
CA GLY F 496 -36.32 34.43 35.22
C GLY F 496 -36.49 35.80 35.84
N VAL F 497 -37.71 36.35 35.76
CA VAL F 497 -37.98 37.66 36.35
C VAL F 497 -38.08 37.53 37.86
N SER F 498 -37.53 38.52 38.57
CA SER F 498 -37.64 38.52 40.02
C SER F 498 -39.11 38.66 40.44
N PRO F 499 -39.53 37.97 41.50
CA PRO F 499 -40.94 38.08 41.93
C PRO F 499 -41.35 39.49 42.30
N ASP F 500 -40.43 40.34 42.79
CA ASP F 500 -40.80 41.72 43.10
C ASP F 500 -40.96 42.56 41.86
N GLU F 501 -40.32 42.19 40.74
CA GLU F 501 -40.46 42.90 39.48
C GLU F 501 -41.65 42.42 38.66
N GLY F 502 -42.11 41.19 38.88
CA GLY F 502 -43.14 40.57 38.09
C GLY F 502 -44.36 41.42 37.80
N PRO F 503 -45.03 41.90 38.86
CA PRO F 503 -46.22 42.73 38.64
C PRO F 503 -45.95 44.01 37.86
N SER F 504 -44.72 44.54 37.92
CA SER F 504 -44.40 45.76 37.19
C SER F 504 -44.18 45.53 35.71
N TYR F 505 -43.99 44.29 35.28
CA TYR F 505 -43.74 44.00 33.88
C TYR F 505 -44.99 44.25 33.04
N VAL F 506 -44.82 44.97 31.94
CA VAL F 506 -45.88 45.19 30.96
C VAL F 506 -45.42 44.55 29.65
N CYS F 507 -45.84 43.31 29.41
CA CYS F 507 -45.48 42.61 28.19
C CYS F 507 -46.36 43.09 27.04
N TYR F 508 -45.75 43.27 25.87
CA TYR F 508 -46.45 43.76 24.70
C TYR F 508 -46.40 42.74 23.56
N LYS F 509 -47.40 42.81 22.70
CA LYS F 509 -47.42 42.03 21.46
C LYS F 509 -48.30 42.76 20.46
N GLY F 510 -48.00 42.59 19.18
CA GLY F 510 -48.72 43.27 18.13
C GLY F 510 -49.93 42.48 17.66
N THR F 511 -51.05 43.19 17.49
CA THR F 511 -52.27 42.57 16.99
C THR F 511 -52.28 42.40 15.48
N GLY F 512 -51.35 43.03 14.76
CA GLY F 512 -51.29 42.91 13.32
C GLY F 512 -51.93 44.07 12.60
N CYS F 513 -51.19 44.68 11.67
CA CYS F 513 -51.71 45.79 10.88
C CYS F 513 -50.97 45.80 9.54
N VAL F 514 -51.34 46.76 8.69
CA VAL F 514 -50.78 46.83 7.34
C VAL F 514 -49.29 47.14 7.38
N LYS F 515 -48.83 47.88 8.39
CA LYS F 515 -47.43 48.29 8.44
C LYS F 515 -46.51 47.11 8.71
N CYS F 516 -47.01 46.06 9.36
CA CYS F 516 -46.18 44.91 9.76
C CYS F 516 -46.57 43.63 9.04
N ASN F 517 -47.15 43.76 7.84
CA ASN F 517 -47.58 42.61 7.05
C ASN F 517 -48.54 41.71 7.83
N ASN F 518 -49.28 42.31 8.76
CA ASN F 518 -50.23 41.60 9.62
C ASN F 518 -49.56 40.50 10.42
N THR F 519 -48.28 40.66 10.74
CA THR F 519 -47.56 39.69 11.55
C THR F 519 -47.47 40.07 13.02
N GLY F 520 -47.63 41.35 13.35
CA GLY F 520 -47.38 41.83 14.68
C GLY F 520 -45.94 42.18 14.96
N TYR F 521 -45.04 41.94 14.01
CA TYR F 521 -43.62 42.22 14.17
C TYR F 521 -43.10 43.00 12.97
N LYS F 522 -42.09 43.83 13.22
CA LYS F 522 -41.43 44.60 12.17
C LYS F 522 -39.99 44.80 12.62
N GLY F 523 -39.05 44.14 11.95
CA GLY F 523 -37.65 44.24 12.32
C GLY F 523 -37.24 43.19 13.33
N ARG F 524 -35.97 43.28 13.74
CA ARG F 524 -35.37 42.31 14.64
C ARG F 524 -34.61 43.02 15.75
N VAL F 525 -34.50 42.34 16.89
CA VAL F 525 -33.68 42.80 18.00
C VAL F 525 -32.70 41.69 18.36
N GLY F 526 -31.53 42.09 18.86
CA GLY F 526 -30.50 41.15 19.24
C GLY F 526 -30.45 40.94 20.73
N PHE F 527 -30.41 39.67 21.14
CA PHE F 527 -30.16 39.28 22.52
C PHE F 527 -28.67 38.92 22.61
N TYR F 528 -27.92 39.72 23.37
CA TYR F 528 -26.47 39.61 23.38
C TYR F 528 -25.96 39.09 24.73
N GLN F 529 -24.89 38.31 24.65
CA GLN F 529 -24.07 37.92 25.80
C GLN F 529 -22.61 38.14 25.40
N VAL F 530 -21.96 39.13 26.02
CA VAL F 530 -20.60 39.50 25.66
C VAL F 530 -19.68 39.08 26.81
N MET F 531 -18.87 38.06 26.56
CA MET F 531 -18.00 37.49 27.59
C MET F 531 -16.54 37.78 27.27
N PRO F 532 -15.93 38.79 27.88
CA PRO F 532 -14.49 38.98 27.72
C PRO F 532 -13.71 37.86 28.39
N MET F 533 -12.53 37.56 27.85
CA MET F 533 -11.65 36.55 28.42
C MET F 533 -10.96 37.12 29.65
N LEU F 534 -11.75 37.27 30.71
CA LEU F 534 -11.24 37.77 31.98
C LEU F 534 -10.25 36.79 32.58
N GLU F 535 -9.37 37.30 33.43
CA GLU F 535 -8.36 36.45 34.06
C GLU F 535 -9.01 35.37 34.92
N GLU F 536 -10.14 35.68 35.54
CA GLU F 536 -10.86 34.67 36.32
C GLU F 536 -11.34 33.53 35.44
N ILE F 537 -11.83 33.85 34.24
CA ILE F 537 -12.28 32.79 33.34
C ILE F 537 -11.10 32.00 32.79
N ARG F 538 -10.00 32.69 32.47
CA ARG F 538 -8.80 32.02 32.00
C ARG F 538 -8.31 30.98 33.01
N GLU F 539 -8.29 31.35 34.29
CA GLU F 539 -7.86 30.40 35.32
C GLU F 539 -8.81 29.21 35.40
N LEU F 540 -10.10 29.42 35.14
CA LEU F 540 -11.03 28.30 35.09
C LEU F 540 -10.68 27.36 33.95
N ILE F 541 -10.32 27.91 32.79
CA ILE F 541 -9.98 27.07 31.64
C ILE F 541 -8.76 26.20 31.96
N LEU F 542 -7.70 26.81 32.46
CA LEU F 542 -6.46 26.09 32.74
C LEU F 542 -6.60 25.05 33.86
N ASN F 543 -7.69 25.11 34.64
CA ASN F 543 -7.94 24.12 35.67
C ASN F 543 -9.10 23.19 35.31
N GLY F 544 -9.40 23.07 34.02
CA GLY F 544 -10.36 22.09 33.55
C GLY F 544 -11.79 22.32 33.99
N ALA F 545 -12.20 23.57 34.17
CA ALA F 545 -13.56 23.86 34.56
C ALA F 545 -14.53 23.51 33.44
N ASN F 546 -15.73 23.08 33.82
CA ASN F 546 -16.75 22.71 32.84
C ASN F 546 -17.60 23.92 32.49
N THR F 547 -18.63 23.70 31.65
CA THR F 547 -19.44 24.80 31.15
C THR F 547 -20.23 25.46 32.27
N ALA F 548 -20.79 24.66 33.19
CA ALA F 548 -21.66 25.21 34.21
C ALA F 548 -20.92 26.16 35.15
N GLU F 549 -19.70 25.78 35.57
CA GLU F 549 -18.94 26.65 36.47
C GLU F 549 -18.34 27.86 35.77
N ILE F 550 -18.12 27.78 34.46
CA ILE F 550 -17.69 28.97 33.73
C ILE F 550 -18.86 29.93 33.56
N LYS F 551 -20.06 29.40 33.34
CA LYS F 551 -21.24 30.27 33.24
C LYS F 551 -21.52 30.96 34.56
N ARG F 552 -21.40 30.24 35.68
CA ARG F 552 -21.61 30.85 36.99
C ARG F 552 -20.57 31.93 37.25
N GLU F 553 -19.32 31.70 36.85
CA GLU F 553 -18.29 32.70 37.07
C GLU F 553 -18.52 33.94 36.22
N SER F 554 -19.02 33.77 34.99
CA SER F 554 -19.30 34.93 34.15
C SER F 554 -20.47 35.74 34.69
N MET F 555 -21.50 35.06 35.19
CA MET F 555 -22.61 35.77 35.82
C MET F 555 -22.17 36.44 37.11
N ARG F 556 -21.24 35.83 37.84
CA ARG F 556 -20.72 36.44 39.06
C ARG F 556 -20.06 37.78 38.77
N LEU F 557 -19.43 37.92 37.61
CA LEU F 557 -18.67 39.12 37.28
C LEU F 557 -19.46 40.12 36.45
N GLY F 558 -20.78 39.95 36.37
CA GLY F 558 -21.63 40.94 35.73
C GLY F 558 -21.88 40.75 34.26
N ILE F 559 -21.61 39.57 33.71
CA ILE F 559 -21.84 39.29 32.30
C ILE F 559 -23.27 38.76 32.15
N LYS F 560 -24.12 39.56 31.52
CA LYS F 560 -25.52 39.17 31.36
C LYS F 560 -25.66 38.05 30.34
N THR F 561 -26.55 37.09 30.65
CA THR F 561 -26.87 36.02 29.73
C THR F 561 -27.85 36.49 28.67
N MET F 562 -28.08 35.64 27.67
CA MET F 562 -29.01 36.00 26.60
C MET F 562 -30.44 36.05 27.11
N ARG F 563 -30.80 35.20 28.08
CA ARG F 563 -32.13 35.29 28.68
C ARG F 563 -32.30 36.61 29.44
N GLN F 564 -31.27 37.01 30.19
CA GLN F 564 -31.33 38.30 30.88
C GLN F 564 -31.40 39.45 29.89
N SER F 565 -30.65 39.36 28.79
CA SER F 565 -30.71 40.38 27.75
C SER F 565 -32.07 40.38 27.06
N GLY F 566 -32.69 39.21 26.90
CA GLY F 566 -34.02 39.15 26.33
C GLY F 566 -35.08 39.71 27.26
N LEU F 567 -34.99 39.42 28.56
CA LEU F 567 -35.96 39.94 29.51
C LEU F 567 -35.87 41.47 29.62
N THR F 568 -34.67 42.03 29.45
CA THR F 568 -34.54 43.48 29.41
C THR F 568 -35.30 44.07 28.24
N LYS F 569 -35.18 43.46 27.06
CA LYS F 569 -35.92 43.93 25.89
C LYS F 569 -37.41 43.71 26.04
N LEU F 570 -37.82 42.69 26.80
CA LEU F 570 -39.24 42.50 27.08
C LEU F 570 -39.78 43.62 27.97
N LYS F 571 -39.01 44.01 28.98
CA LYS F 571 -39.43 45.09 29.88
C LYS F 571 -39.57 46.40 29.12
N GLU F 572 -38.68 46.66 28.17
CA GLU F 572 -38.73 47.89 27.37
C GLU F 572 -39.81 47.86 26.30
N GLY F 573 -40.48 46.72 26.10
CA GLY F 573 -41.58 46.65 25.16
C GLY F 573 -41.20 46.55 23.71
N VAL F 574 -39.97 46.16 23.40
CA VAL F 574 -39.56 46.05 21.99
C VAL F 574 -39.73 44.63 21.45
N THR F 575 -39.83 43.62 22.31
CA THR F 575 -40.03 42.24 21.89
C THR F 575 -41.13 41.61 22.74
N SER F 576 -41.62 40.46 22.29
CA SER F 576 -42.72 39.78 22.95
C SER F 576 -42.22 38.65 23.85
N PHE F 577 -43.13 38.14 24.68
CA PHE F 577 -42.77 37.08 25.60
C PHE F 577 -42.46 35.78 24.88
N GLU F 578 -43.17 35.50 23.78
CA GLU F 578 -42.91 34.25 23.05
C GLU F 578 -41.58 34.28 22.31
N GLU F 579 -41.13 35.46 21.88
CA GLU F 579 -39.84 35.56 21.23
C GLU F 579 -38.70 35.28 22.20
N VAL F 580 -38.86 35.68 23.47
CA VAL F 580 -37.81 35.44 24.45
C VAL F 580 -37.68 33.95 24.73
N LEU F 581 -38.81 33.25 24.92
CA LEU F 581 -38.76 31.83 25.23
C LEU F 581 -38.32 30.98 24.04
N ARG F 582 -38.52 31.48 22.82
CA ARG F 582 -38.18 30.69 21.64
C ARG F 582 -36.67 30.65 21.41
N VAL F 583 -35.98 31.77 21.56
CA VAL F 583 -34.58 31.87 21.17
C VAL F 583 -33.63 31.85 22.36
N THR F 584 -34.13 31.84 23.59
CA THR F 584 -33.29 31.80 24.78
C THR F 584 -33.75 30.68 25.71
N VAL F 585 -32.80 30.20 26.51
CA VAL F 585 -33.08 29.19 27.52
C VAL F 585 -32.90 29.81 28.90
N ALA F 586 -33.62 29.26 29.88
CA ALA F 586 -33.53 29.78 31.23
C ALA F 586 -32.15 29.50 31.84
N ASP F 587 -31.75 30.37 32.75
CA ASP F 587 -30.43 30.27 33.37
C ASP F 587 -30.43 29.30 34.54
#